data_5WA4
#
_entry.id   5WA4
#
_cell.length_a   105.383
_cell.length_b   105.998
_cell.length_c   234.120
_cell.angle_alpha   90.00
_cell.angle_beta   90.00
_cell.angle_gamma   90.00
#
_symmetry.space_group_name_H-M   'P 21 21 21'
#
loop_
_entity.id
_entity.type
_entity.pdbx_description
1 polymer 'Pyridine synthase TbtD'
2 polymer 'TbtA 16-mer peptide'
3 water water
#
loop_
_entity_poly.entity_id
_entity_poly.type
_entity_poly.pdbx_seq_one_letter_code
_entity_poly.pdbx_strand_id
1 'polypeptide(L)'
;SGSMAAGERWWRFRVDYHAGPMDDLILDGVRPAFAAFAAQAPMAYFLRHWRRGPHLRIYVSTTREALEAVVRPAIEHVVG
GYLRARPSPGMADPSAFLPLHERLAELEGEDGPLMPWSPDNTIHAEGERPEPLTVRDVLLADFYADTTPSVYHALERVRS
GASLPTIAFDLVVATAHALSTGGLPVARTSLRSHAEAYLARRSDGVRLRELWRDHYARNREAFTERLIAVASSAESAENG
AHLPHVREWVRRLRPIRERARALLESGELTLEYASPAEGARDLPSLAEVSAFHRELESRPEWARLRDSPAFGAYRLVINC
TYLHLTRLGLTPHQRFLVCHLAADAAADVYGIAAHEEVATR
;
A,B,C,D,E,F
2 'polypeptide(L)' MDLNDLPMDVFELADS M,N,O,P,Q,R
#
# COMPACT_ATOMS: atom_id res chain seq x y z
N GLU A 8 10.16 45.10 0.49
CA GLU A 8 11.21 44.38 -0.22
C GLU A 8 11.53 43.01 0.44
N ARG A 9 11.19 42.85 1.71
CA ARG A 9 11.35 41.55 2.39
C ARG A 9 10.21 41.23 3.34
N TRP A 10 10.27 40.03 3.94
CA TRP A 10 9.45 39.71 5.10
C TRP A 10 10.36 39.58 6.31
N TRP A 11 10.18 40.45 7.29
CA TRP A 11 10.97 40.39 8.51
C TRP A 11 10.21 39.71 9.65
N ARG A 12 10.93 38.91 10.43
CA ARG A 12 10.33 38.04 11.43
C ARG A 12 10.76 38.36 12.84
N PHE A 13 9.78 38.47 13.73
CA PHE A 13 10.06 38.54 15.16
C PHE A 13 9.36 37.44 15.97
N ARG A 14 10.03 36.97 17.02
CA ARG A 14 9.41 36.07 17.96
C ARG A 14 9.13 36.76 19.32
N VAL A 15 7.90 36.65 19.81
CA VAL A 15 7.66 37.08 21.17
C VAL A 15 7.18 35.90 22.05
N ASP A 16 7.98 35.60 23.07
CA ASP A 16 7.69 34.54 24.04
C ASP A 16 6.68 34.95 25.10
N TYR A 17 5.63 34.14 25.26
CA TYR A 17 4.57 34.36 26.25
C TYR A 17 4.03 32.98 26.64
N HIS A 18 4.76 32.29 27.51
CA HIS A 18 4.54 30.87 27.69
C HIS A 18 3.22 30.54 28.37
N ALA A 19 2.80 31.37 29.33
CA ALA A 19 1.70 31.00 30.21
C ALA A 19 0.75 32.15 30.52
N GLY A 20 0.86 33.26 29.81
CA GLY A 20 -0.08 34.35 30.04
C GLY A 20 -1.24 34.30 29.07
N PRO A 21 -2.19 35.24 29.21
CA PRO A 21 -3.31 35.29 28.24
C PRO A 21 -2.86 35.77 26.86
N MET A 22 -2.58 34.85 25.97
CA MET A 22 -2.10 35.17 24.64
C MET A 22 -2.98 36.22 23.91
N ASP A 23 -4.31 36.12 24.05
CA ASP A 23 -5.18 37.13 23.45
C ASP A 23 -4.85 38.54 23.97
N ASP A 24 -4.46 38.65 25.25
CA ASP A 24 -4.18 39.99 25.79
C ASP A 24 -2.93 40.57 25.11
N LEU A 25 -1.84 39.82 25.10
CA LEU A 25 -0.70 40.18 24.30
C LEU A 25 -1.11 40.57 22.86
N ILE A 26 -2.09 39.89 22.26
CA ILE A 26 -2.41 40.25 20.88
C ILE A 26 -3.15 41.59 20.84
N LEU A 27 -4.16 41.76 21.68
CA LEU A 27 -4.96 42.98 21.62
C LEU A 27 -4.28 44.23 22.19
N ASP A 28 -3.42 44.07 23.19
CA ASP A 28 -2.84 45.19 23.96
C ASP A 28 -1.31 45.32 23.80
N GLY A 29 -0.73 44.65 22.83
CA GLY A 29 0.70 44.70 22.64
C GLY A 29 0.93 44.73 21.14
N VAL A 30 0.54 43.67 20.47
CA VAL A 30 0.82 43.50 19.08
C VAL A 30 -0.05 44.46 18.27
N ARG A 31 -1.31 44.65 18.66
CA ARG A 31 -2.18 45.55 17.87
C ARG A 31 -1.69 47.03 17.92
N PRO A 32 -1.43 47.58 19.13
CA PRO A 32 -0.91 48.96 19.10
C PRO A 32 0.42 49.06 18.36
N ALA A 33 1.36 48.15 18.60
CA ALA A 33 2.60 48.17 17.82
C ALA A 33 2.37 48.15 16.29
N PHE A 34 1.50 47.28 15.79
CA PHE A 34 1.13 47.29 14.35
C PHE A 34 0.52 48.65 13.93
N ALA A 35 -0.21 49.29 14.83
CA ALA A 35 -0.87 50.54 14.48
C ALA A 35 0.17 51.66 14.31
N ALA A 36 1.28 51.49 15.02
CA ALA A 36 2.35 52.47 15.07
C ALA A 36 3.16 52.55 13.78
N PHE A 37 3.42 51.42 13.14
CA PHE A 37 4.13 51.47 11.86
C PHE A 37 3.26 51.15 10.68
N ALA A 38 1.96 51.42 10.74
CA ALA A 38 1.09 50.96 9.65
C ALA A 38 1.30 51.76 8.38
N ALA A 39 1.51 53.06 8.55
CA ALA A 39 1.72 53.97 7.43
C ALA A 39 2.97 53.63 6.60
N GLN A 40 3.98 53.04 7.25
CA GLN A 40 5.23 52.69 6.58
C GLN A 40 5.21 51.27 6.05
N ALA A 41 4.52 50.40 6.79
CA ALA A 41 4.51 48.96 6.52
C ALA A 41 3.19 48.35 6.96
N PRO A 42 2.16 48.44 6.11
CA PRO A 42 0.83 47.90 6.43
C PRO A 42 0.64 46.41 6.07
N MET A 43 1.68 45.73 5.57
CA MET A 43 1.60 44.28 5.42
C MET A 43 2.28 43.61 6.61
N ALA A 44 1.46 43.31 7.59
CA ALA A 44 1.94 42.70 8.79
C ALA A 44 0.92 41.67 9.29
N TYR A 45 1.41 40.60 9.91
CA TYR A 45 0.50 39.65 10.51
C TYR A 45 1.24 38.85 11.55
N PHE A 46 0.52 38.01 12.28
CA PHE A 46 1.08 37.23 13.37
C PHE A 46 0.40 35.84 13.47
N LEU A 47 1.17 34.84 13.91
CA LEU A 47 0.67 33.47 14.07
C LEU A 47 1.12 32.92 15.41
N ARG A 48 0.25 32.15 16.07
CA ARG A 48 0.57 31.40 17.29
C ARG A 48 1.48 30.23 16.98
N HIS A 49 2.26 29.75 17.94
CA HIS A 49 3.10 28.59 17.67
C HIS A 49 3.75 28.07 18.93
N TRP A 50 4.21 26.82 18.87
CA TRP A 50 4.47 26.01 20.04
C TRP A 50 5.94 25.85 20.31
N ARG A 51 6.78 25.98 19.28
CA ARG A 51 8.18 25.61 19.48
C ARG A 51 8.99 26.51 20.43
N ARG A 52 9.66 25.83 21.34
CA ARG A 52 10.45 26.43 22.40
C ARG A 52 9.61 27.30 23.32
N GLY A 53 8.38 26.85 23.61
CA GLY A 53 7.44 27.52 24.49
C GLY A 53 6.42 28.23 23.64
N PRO A 54 5.20 28.37 24.12
CA PRO A 54 4.17 29.07 23.32
C PRO A 54 4.63 30.48 23.01
N HIS A 55 4.53 30.88 21.74
CA HIS A 55 5.01 32.19 21.34
C HIS A 55 4.22 32.72 20.17
N LEU A 56 4.33 34.02 19.93
CA LEU A 56 3.70 34.63 18.77
C LEU A 56 4.77 34.89 17.69
N ARG A 57 4.39 34.79 16.42
CA ARG A 57 5.34 34.95 15.33
C ARG A 57 4.88 36.14 14.53
N ILE A 58 5.68 37.21 14.53
CA ILE A 58 5.26 38.40 13.82
C ILE A 58 6.02 38.48 12.46
N TYR A 59 5.26 38.77 11.42
CA TYR A 59 5.78 38.79 10.07
C TYR A 59 5.45 40.16 9.49
N VAL A 60 6.47 40.94 9.14
CA VAL A 60 6.19 42.27 8.59
C VAL A 60 7.00 42.53 7.32
N SER A 61 6.33 43.08 6.32
CA SER A 61 6.93 43.24 5.01
C SER A 61 7.39 44.67 4.83
N THR A 62 8.71 44.87 4.81
CA THR A 62 9.27 46.21 4.62
C THR A 62 10.76 46.19 4.24
N THR A 63 11.33 47.37 3.99
CA THR A 63 12.73 47.51 3.59
C THR A 63 13.63 47.49 4.81
N ARG A 64 14.91 47.24 4.63
CA ARG A 64 15.76 47.12 5.82
C ARG A 64 15.81 48.42 6.58
N GLU A 65 15.83 49.55 5.88
CA GLU A 65 15.96 50.87 6.51
C GLU A 65 14.73 51.19 7.35
N ALA A 66 13.56 50.85 6.83
CA ALA A 66 12.30 50.98 7.59
C ALA A 66 12.24 50.07 8.83
N LEU A 67 12.86 48.90 8.76
CA LEU A 67 12.81 47.99 9.89
C LEU A 67 13.56 48.60 11.06
N GLU A 68 14.74 49.13 10.78
CA GLU A 68 15.58 49.73 11.81
C GLU A 68 15.01 51.05 12.37
N ALA A 69 14.31 51.79 11.51
CA ALA A 69 13.88 53.13 11.86
C ALA A 69 12.50 53.21 12.46
N VAL A 70 11.59 52.31 12.09
CA VAL A 70 10.25 52.43 12.63
C VAL A 70 9.67 51.10 13.16
N VAL A 71 9.71 50.03 12.34
CA VAL A 71 9.12 48.72 12.73
C VAL A 71 9.77 48.12 14.00
N ARG A 72 11.05 47.83 13.97
CA ARG A 72 11.66 47.24 15.17
C ARG A 72 11.42 48.13 16.42
N PRO A 73 11.67 49.47 16.35
CA PRO A 73 11.47 50.24 17.58
C PRO A 73 10.04 50.18 18.14
N ALA A 74 9.05 50.18 17.24
CA ALA A 74 7.65 50.04 17.63
C ALA A 74 7.40 48.73 18.43
N ILE A 75 7.90 47.64 17.89
CA ILE A 75 7.68 46.37 18.54
C ILE A 75 8.45 46.30 19.87
N GLU A 76 9.69 46.81 19.90
CA GLU A 76 10.48 46.66 21.13
C GLU A 76 9.91 47.45 22.32
N HIS A 77 9.20 48.53 21.99
CA HIS A 77 8.81 49.52 22.94
C HIS A 77 7.37 49.30 23.36
N VAL A 78 6.50 49.18 22.36
CA VAL A 78 5.08 48.97 22.62
C VAL A 78 4.81 47.55 23.17
N VAL A 79 5.23 46.52 22.44
CA VAL A 79 5.05 45.14 22.90
C VAL A 79 5.85 44.93 24.18
N GLY A 80 7.08 45.47 24.20
CA GLY A 80 7.90 45.45 25.41
C GLY A 80 7.19 46.00 26.64
N GLY A 81 6.28 46.95 26.42
CA GLY A 81 5.64 47.61 27.54
C GLY A 81 4.61 46.69 28.11
N TYR A 82 3.81 46.12 27.21
CA TYR A 82 2.86 45.08 27.56
C TYR A 82 3.58 44.00 28.34
N LEU A 83 4.72 43.55 27.84
CA LEU A 83 5.37 42.41 28.49
C LEU A 83 5.84 42.78 29.93
N ARG A 84 6.25 44.03 30.15
CA ARG A 84 6.71 44.39 31.48
C ARG A 84 5.52 44.61 32.39
N ALA A 85 4.43 45.18 31.85
CA ALA A 85 3.19 45.42 32.64
C ALA A 85 2.50 44.13 33.03
N ARG A 86 2.62 43.12 32.17
CA ARG A 86 1.70 42.01 32.31
C ARG A 86 2.37 40.67 31.97
N PRO A 87 3.46 40.35 32.69
CA PRO A 87 4.31 39.20 32.36
C PRO A 87 3.64 37.87 32.51
N SER A 88 3.99 36.93 31.64
CA SER A 88 3.69 35.53 31.82
C SER A 88 4.38 34.97 33.05
N PRO A 89 3.64 34.16 33.84
CA PRO A 89 4.21 33.50 35.03
C PRO A 89 5.18 32.40 34.69
N GLY A 90 5.08 31.87 33.48
CA GLY A 90 5.95 30.79 33.05
C GLY A 90 5.29 29.42 33.17
N MET A 91 5.87 28.44 32.50
CA MET A 91 5.45 27.06 32.68
C MET A 91 6.34 26.37 33.74
N ALA A 92 5.69 25.69 34.68
CA ALA A 92 6.40 24.92 35.70
C ALA A 92 7.44 23.96 35.10
N ASP A 93 7.00 22.98 34.29
CA ASP A 93 7.92 22.00 33.76
C ASP A 93 7.75 21.77 32.24
N PRO A 94 8.52 22.51 31.42
CA PRO A 94 8.49 22.46 29.94
C PRO A 94 8.82 21.09 29.32
N SER A 95 9.64 20.27 29.98
CA SER A 95 9.98 18.98 29.42
C SER A 95 8.74 18.09 29.33
N ALA A 96 7.71 18.39 30.12
CA ALA A 96 6.46 17.66 29.98
C ALA A 96 5.97 17.67 28.52
N PHE A 97 6.36 18.66 27.74
CA PHE A 97 5.87 18.81 26.39
C PHE A 97 6.85 18.30 25.36
N LEU A 98 8.04 17.89 25.78
CA LEU A 98 9.04 17.48 24.81
C LEU A 98 8.62 16.30 23.91
N PRO A 99 8.01 15.24 24.47
CA PRO A 99 7.66 14.16 23.50
C PRO A 99 6.67 14.63 22.45
N LEU A 100 5.70 15.45 22.83
CA LEU A 100 4.74 15.94 21.85
C LEU A 100 5.42 16.83 20.82
N HIS A 101 6.36 17.66 21.30
CA HIS A 101 7.04 18.61 20.43
C HIS A 101 7.96 17.89 19.43
N GLU A 102 8.58 16.79 19.85
CA GLU A 102 9.39 16.02 18.92
C GLU A 102 8.48 15.51 17.81
N ARG A 103 7.28 15.08 18.20
CA ARG A 103 6.36 14.49 17.25
C ARG A 103 5.86 15.51 16.27
N LEU A 104 5.38 16.64 16.79
CA LEU A 104 4.92 17.72 15.95
C LEU A 104 6.03 18.29 15.03
N ALA A 105 7.26 18.35 15.53
CA ALA A 105 8.38 18.78 14.73
C ALA A 105 8.60 17.82 13.54
N GLU A 106 8.10 16.59 13.68
CA GLU A 106 8.28 15.59 12.64
C GLU A 106 7.16 15.80 11.64
N LEU A 107 5.92 15.82 12.11
CA LEU A 107 4.75 15.98 11.24
C LEU A 107 4.74 17.30 10.49
N GLU A 108 5.49 18.28 10.98
CA GLU A 108 5.34 19.64 10.48
C GLU A 108 6.56 20.08 9.68
N GLY A 109 7.63 19.30 9.76
CA GLY A 109 8.84 19.65 9.07
C GLY A 109 9.43 20.86 9.71
N GLU A 110 9.38 20.86 11.05
CA GLU A 110 9.91 21.96 11.87
C GLU A 110 11.33 21.70 12.28
N ASP A 111 12.28 22.29 11.59
CA ASP A 111 13.64 22.18 12.08
C ASP A 111 13.97 23.33 13.02
N GLY A 112 14.76 23.02 14.04
CA GLY A 112 15.13 23.98 15.05
C GLY A 112 15.19 23.24 16.36
N PRO A 113 15.84 23.84 17.37
CA PRO A 113 15.90 23.25 18.71
C PRO A 113 14.51 23.13 19.33
N LEU A 114 14.38 22.24 20.31
CA LEU A 114 13.09 22.02 20.97
C LEU A 114 13.21 22.34 22.45
N MET A 115 14.44 22.19 22.95
CA MET A 115 14.83 22.55 24.30
C MET A 115 16.25 23.12 24.26
N PRO A 116 16.59 23.97 25.24
CA PRO A 116 15.70 24.54 26.26
C PRO A 116 14.77 25.55 25.62
N TRP A 117 13.67 25.88 26.28
CA TRP A 117 12.79 26.93 25.78
C TRP A 117 13.50 28.30 25.73
N SER A 118 13.01 29.13 24.83
CA SER A 118 13.40 30.52 24.74
C SER A 118 12.87 31.22 25.99
N PRO A 119 13.66 32.16 26.55
CA PRO A 119 13.28 32.84 27.80
C PRO A 119 11.89 33.46 27.69
N ASP A 120 11.08 33.35 28.73
CA ASP A 120 9.72 33.89 28.73
C ASP A 120 9.73 35.47 28.70
N ASN A 121 8.69 36.08 28.11
CA ASN A 121 8.50 37.52 28.19
C ASN A 121 9.64 38.28 27.49
N THR A 122 9.93 37.86 26.26
CA THR A 122 11.11 38.33 25.57
C THR A 122 10.88 38.40 24.09
N ILE A 123 11.49 39.39 23.42
CA ILE A 123 11.41 39.55 21.97
C ILE A 123 12.75 39.21 21.31
N HIS A 124 12.72 38.70 20.07
CA HIS A 124 13.92 38.40 19.31
C HIS A 124 13.75 38.61 17.82
N ALA A 125 14.66 39.35 17.20
CA ALA A 125 14.66 39.46 15.75
C ALA A 125 15.14 38.13 15.18
N GLU A 126 14.41 37.59 14.19
CA GLU A 126 14.77 36.34 13.52
C GLU A 126 15.09 36.54 12.02
N GLY A 127 15.35 37.78 11.63
CA GLY A 127 15.76 38.12 10.27
C GLY A 127 14.69 38.03 9.21
N GLU A 128 15.10 37.91 7.95
CA GLU A 128 14.13 37.83 6.86
C GLU A 128 13.85 36.39 6.48
N ARG A 129 12.71 36.19 5.83
CA ARG A 129 12.28 34.89 5.35
C ARG A 129 13.28 34.37 4.32
N PRO A 130 13.62 33.06 4.37
CA PRO A 130 14.66 32.39 3.57
C PRO A 130 15.03 33.11 2.28
N GLU A 131 14.39 32.73 1.19
CA GLU A 131 14.54 33.43 -0.08
C GLU A 131 13.11 33.57 -0.63
N PRO A 132 12.93 34.41 -1.68
CA PRO A 132 11.60 34.62 -2.28
C PRO A 132 10.72 33.35 -2.39
N LEU A 133 9.41 33.56 -2.25
CA LEU A 133 8.47 32.53 -1.85
C LEU A 133 7.71 31.84 -2.97
N THR A 134 7.06 30.73 -2.63
CA THR A 134 6.13 30.06 -3.54
C THR A 134 4.92 30.93 -3.84
N VAL A 135 3.99 30.40 -4.64
CA VAL A 135 2.87 31.18 -5.11
C VAL A 135 1.72 31.17 -4.11
N ARG A 136 1.50 30.01 -3.49
CA ARG A 136 0.42 29.90 -2.53
C ARG A 136 0.84 30.63 -1.24
N ASP A 137 2.13 30.53 -0.91
CA ASP A 137 2.71 31.27 0.22
C ASP A 137 2.23 32.71 0.26
N VAL A 138 2.51 33.41 -0.84
CA VAL A 138 2.15 34.80 -1.04
C VAL A 138 0.64 35.01 -0.94
N LEU A 139 -0.14 34.07 -1.47
CA LEU A 139 -1.59 34.18 -1.33
C LEU A 139 -1.99 34.03 0.14
N LEU A 140 -1.21 33.21 0.85
CA LEU A 140 -1.53 32.93 2.24
C LEU A 140 -1.25 34.17 3.11
N ALA A 141 -0.06 34.75 3.00
CA ALA A 141 0.26 36.00 3.70
C ALA A 141 -0.79 37.12 3.44
N ASP A 142 -1.18 37.31 2.18
CA ASP A 142 -2.24 38.27 1.89
C ASP A 142 -3.48 37.95 2.69
N PHE A 143 -3.83 36.67 2.78
CA PHE A 143 -5.05 36.28 3.49
C PHE A 143 -4.93 36.67 4.96
N TYR A 144 -3.77 36.35 5.56
CA TYR A 144 -3.53 36.59 6.98
C TYR A 144 -3.55 38.08 7.27
N ALA A 145 -2.80 38.84 6.50
CA ALA A 145 -2.80 40.29 6.61
C ALA A 145 -4.22 40.86 6.57
N ASP A 146 -5.01 40.42 5.59
CA ASP A 146 -6.31 41.04 5.37
C ASP A 146 -7.30 40.72 6.46
N THR A 147 -7.07 39.64 7.20
CA THR A 147 -8.08 39.23 8.17
C THR A 147 -7.66 39.52 9.59
N THR A 148 -6.58 40.29 9.73
CA THR A 148 -6.12 40.75 11.05
C THR A 148 -7.16 41.62 11.84
N PRO A 149 -7.86 42.55 11.18
CA PRO A 149 -8.91 43.24 11.94
C PRO A 149 -9.97 42.25 12.42
N SER A 150 -10.30 41.29 11.57
CA SER A 150 -11.24 40.20 11.91
C SER A 150 -10.79 39.47 13.17
N VAL A 151 -9.50 39.16 13.26
CA VAL A 151 -8.91 38.61 14.48
C VAL A 151 -9.09 39.49 15.72
N TYR A 152 -8.81 40.80 15.60
CA TYR A 152 -8.93 41.73 16.74
C TYR A 152 -10.39 41.76 17.19
N HIS A 153 -11.31 41.94 16.24
CA HIS A 153 -12.73 42.04 16.61
C HIS A 153 -13.18 40.80 17.39
N ALA A 154 -12.85 39.60 16.89
CA ALA A 154 -13.22 38.36 17.57
C ALA A 154 -12.57 38.21 18.95
N LEU A 155 -11.24 38.39 19.01
CA LEU A 155 -10.53 38.21 20.28
C LEU A 155 -11.08 39.16 21.38
N GLU A 156 -11.39 40.39 20.99
CA GLU A 156 -11.96 41.36 21.89
C GLU A 156 -13.33 40.88 22.36
N ARG A 157 -14.18 40.51 21.41
CA ARG A 157 -15.49 39.99 21.76
C ARG A 157 -15.39 38.75 22.70
N VAL A 158 -14.39 37.88 22.49
CA VAL A 158 -14.22 36.72 23.35
C VAL A 158 -13.83 37.10 24.77
N ARG A 159 -12.84 37.98 24.91
CA ARG A 159 -12.34 38.49 26.19
C ARG A 159 -13.46 39.11 27.00
N SER A 160 -14.38 39.75 26.30
CA SER A 160 -15.59 40.30 26.88
C SER A 160 -16.76 39.31 27.07
N GLY A 161 -16.52 38.01 26.94
CA GLY A 161 -17.54 37.03 27.29
C GLY A 161 -18.38 36.35 26.20
N ALA A 162 -18.04 36.55 24.92
CA ALA A 162 -18.69 35.85 23.82
C ALA A 162 -18.00 34.49 23.62
N SER A 163 -18.78 33.54 23.09
CA SER A 163 -18.34 32.15 22.94
C SER A 163 -17.48 32.01 21.71
N LEU A 164 -16.22 31.60 21.91
CA LEU A 164 -15.33 31.40 20.80
C LEU A 164 -15.88 30.28 19.86
N PRO A 165 -16.38 29.16 20.42
CA PRO A 165 -16.93 28.15 19.50
C PRO A 165 -18.10 28.63 18.63
N THR A 166 -18.99 29.47 19.17
CA THR A 166 -20.02 30.09 18.32
C THR A 166 -19.47 30.94 17.17
N ILE A 167 -18.38 31.68 17.40
CA ILE A 167 -17.83 32.49 16.32
C ILE A 167 -17.34 31.57 15.21
N ALA A 168 -16.54 30.57 15.58
CA ALA A 168 -16.16 29.46 14.69
C ALA A 168 -17.36 28.95 13.88
N PHE A 169 -18.42 28.63 14.61
CA PHE A 169 -19.67 28.19 13.99
C PHE A 169 -20.10 29.11 12.87
N ASP A 170 -20.29 30.38 13.19
CA ASP A 170 -20.80 31.36 12.23
C ASP A 170 -19.89 31.46 11.01
N LEU A 171 -18.59 31.52 11.28
CA LEU A 171 -17.66 31.76 10.20
C LEU A 171 -17.51 30.54 9.32
N VAL A 172 -17.74 29.36 9.89
CA VAL A 172 -17.60 28.14 9.10
C VAL A 172 -18.86 27.94 8.24
N VAL A 173 -20.01 28.09 8.86
CA VAL A 173 -21.27 28.08 8.12
C VAL A 173 -21.24 29.10 6.97
N ALA A 174 -20.87 30.33 7.29
CA ALA A 174 -20.89 31.42 6.31
C ALA A 174 -19.97 31.15 5.14
N THR A 175 -18.74 30.75 5.41
CA THR A 175 -17.82 30.48 4.30
C THR A 175 -18.37 29.33 3.44
N ALA A 176 -18.99 28.35 4.09
CA ALA A 176 -19.55 27.19 3.39
C ALA A 176 -20.68 27.64 2.48
N HIS A 177 -21.61 28.41 3.02
CA HIS A 177 -22.73 28.89 2.22
C HIS A 177 -22.30 29.82 1.08
N ALA A 178 -21.61 30.92 1.39
CA ALA A 178 -21.38 31.96 0.40
C ALA A 178 -20.39 31.64 -0.70
N LEU A 179 -19.35 30.86 -0.40
CA LEU A 179 -18.25 30.75 -1.35
C LEU A 179 -18.11 29.36 -1.99
N SER A 180 -19.07 28.50 -1.68
CA SER A 180 -19.24 27.25 -2.39
C SER A 180 -20.12 27.48 -3.62
N THR A 181 -20.04 26.59 -4.59
CA THR A 181 -20.81 26.74 -5.81
C THR A 181 -22.31 26.62 -5.52
N GLY A 182 -22.68 25.62 -4.73
CA GLY A 182 -24.08 25.32 -4.49
C GLY A 182 -24.66 25.96 -3.24
N GLY A 183 -23.79 26.56 -2.44
CA GLY A 183 -24.22 27.06 -1.15
C GLY A 183 -24.31 25.94 -0.13
N LEU A 184 -24.92 26.24 1.00
CA LEU A 184 -25.02 25.31 2.13
C LEU A 184 -25.66 23.91 1.83
N PRO A 185 -26.75 23.86 1.03
CA PRO A 185 -27.33 22.52 0.84
C PRO A 185 -26.37 21.52 0.18
N VAL A 186 -25.55 21.94 -0.79
CA VAL A 186 -24.51 21.06 -1.32
C VAL A 186 -23.30 20.94 -0.38
N ALA A 187 -22.86 22.06 0.20
CA ALA A 187 -21.57 22.08 0.89
C ALA A 187 -21.65 21.64 2.35
N ARG A 188 -22.85 21.34 2.87
CA ARG A 188 -22.94 20.77 4.21
C ARG A 188 -22.26 19.39 4.23
N THR A 189 -22.03 18.84 3.05
CA THR A 189 -21.32 17.57 2.92
C THR A 189 -19.85 17.75 3.30
N SER A 190 -19.23 18.79 2.75
CA SER A 190 -17.82 19.11 3.03
C SER A 190 -17.58 19.35 4.52
N LEU A 191 -18.54 19.96 5.20
CA LEU A 191 -18.46 20.18 6.63
C LEU A 191 -18.40 18.88 7.42
N ARG A 192 -19.25 17.91 7.06
CA ARG A 192 -19.36 16.67 7.83
C ARG A 192 -18.13 15.82 7.56
N SER A 193 -17.68 15.88 6.32
CA SER A 193 -16.45 15.22 5.94
C SER A 193 -15.25 15.69 6.79
N HIS A 194 -15.05 17.00 6.92
CA HIS A 194 -13.95 17.55 7.72
C HIS A 194 -14.07 17.09 9.18
N ALA A 195 -15.27 16.99 9.71
CA ALA A 195 -15.43 16.35 11.02
C ALA A 195 -15.14 14.82 11.00
N GLU A 196 -15.44 14.14 9.88
CA GLU A 196 -15.32 12.68 9.85
C GLU A 196 -13.88 12.21 9.81
N ALA A 197 -13.00 12.99 9.15
CA ALA A 197 -11.57 12.65 9.13
C ALA A 197 -10.99 12.51 10.55
N TYR A 198 -11.58 13.21 11.50
CA TYR A 198 -11.05 13.26 12.84
C TYR A 198 -11.72 12.22 13.71
N LEU A 199 -13.04 12.09 13.57
CA LEU A 199 -13.77 11.01 14.22
C LEU A 199 -13.18 9.64 13.84
N ALA A 200 -12.81 9.50 12.55
CA ALA A 200 -12.23 8.28 12.01
C ALA A 200 -10.93 7.93 12.67
N ARG A 201 -10.04 8.93 12.70
CA ARG A 201 -8.65 8.78 13.12
C ARG A 201 -8.61 8.68 14.66
N ARG A 202 -9.72 8.29 15.26
CA ARG A 202 -9.77 8.38 16.70
C ARG A 202 -10.46 7.18 17.38
N SER A 203 -9.64 6.41 18.11
CA SER A 203 -9.98 5.11 18.69
C SER A 203 -11.31 5.06 19.44
N ASP A 204 -11.90 6.20 19.74
CA ASP A 204 -13.16 6.19 20.48
C ASP A 204 -14.18 7.05 19.76
N GLY A 205 -13.98 7.23 18.45
CA GLY A 205 -14.92 7.91 17.57
C GLY A 205 -16.38 7.57 17.84
N VAL A 206 -16.70 6.28 17.92
CA VAL A 206 -18.09 5.88 18.12
C VAL A 206 -18.68 6.55 19.35
N ARG A 207 -17.99 6.41 20.48
CA ARG A 207 -18.39 7.14 21.70
C ARG A 207 -18.40 8.68 21.51
N LEU A 208 -17.51 9.21 20.66
CA LEU A 208 -17.51 10.65 20.41
C LEU A 208 -18.74 11.11 19.63
N ARG A 209 -19.09 10.33 18.57
CA ARG A 209 -20.27 10.61 17.75
C ARG A 209 -21.53 10.57 18.57
N GLU A 210 -21.56 9.70 19.57
CA GLU A 210 -22.71 9.62 20.44
C GLU A 210 -22.82 10.91 21.22
N LEU A 211 -21.71 11.32 21.84
CA LEU A 211 -21.70 12.53 22.65
C LEU A 211 -22.10 13.74 21.84
N TRP A 212 -21.50 13.88 20.65
CA TRP A 212 -21.78 15.03 19.80
C TRP A 212 -23.22 14.98 19.29
N ARG A 213 -23.79 13.79 19.12
CA ARG A 213 -25.17 13.73 18.70
C ARG A 213 -26.15 13.87 19.89
N ASP A 214 -25.76 13.33 21.05
CA ASP A 214 -26.52 13.64 22.26
C ASP A 214 -26.63 15.14 22.45
N HIS A 215 -25.48 15.82 22.36
CA HIS A 215 -25.41 17.27 22.50
C HIS A 215 -26.32 17.98 21.53
N TYR A 216 -26.19 17.66 20.25
CA TYR A 216 -26.99 18.32 19.22
C TYR A 216 -28.45 18.11 19.51
N ALA A 217 -28.80 16.88 19.89
CA ALA A 217 -30.18 16.52 20.19
C ALA A 217 -30.74 17.38 21.30
N ARG A 218 -30.03 17.37 22.42
CA ARG A 218 -30.37 18.17 23.61
C ARG A 218 -30.59 19.67 23.36
N ASN A 219 -30.05 20.19 22.24
CA ASN A 219 -30.09 21.63 21.95
C ASN A 219 -30.44 21.97 20.48
N ARG A 220 -31.32 21.21 19.85
CA ARG A 220 -31.41 21.25 18.38
C ARG A 220 -31.89 22.58 17.80
N GLU A 221 -32.90 23.18 18.43
CA GLU A 221 -33.51 24.39 17.85
C GLU A 221 -32.53 25.57 17.77
N ALA A 222 -31.75 25.73 18.83
CA ALA A 222 -30.72 26.77 18.90
C ALA A 222 -29.77 26.68 17.70
N PHE A 223 -29.31 25.47 17.39
CA PHE A 223 -28.35 25.26 16.29
C PHE A 223 -28.94 25.51 14.91
N THR A 224 -30.23 25.29 14.74
CA THR A 224 -30.84 25.48 13.43
C THR A 224 -31.26 26.93 13.21
N GLU A 225 -31.88 27.52 14.22
CA GLU A 225 -32.21 28.93 14.17
C GLU A 225 -30.93 29.75 13.95
N ARG A 226 -29.86 29.36 14.64
CA ARG A 226 -28.57 29.98 14.44
C ARG A 226 -28.04 29.73 13.03
N LEU A 227 -28.29 28.53 12.50
CA LEU A 227 -27.78 28.16 11.18
C LEU A 227 -28.49 28.94 10.09
N ILE A 228 -29.80 29.15 10.25
CA ILE A 228 -30.57 29.88 9.25
C ILE A 228 -30.07 31.31 9.24
N ALA A 229 -29.97 31.86 10.45
CA ALA A 229 -29.39 33.18 10.76
C ALA A 229 -28.09 33.49 10.01
N VAL A 230 -27.04 32.72 10.27
CA VAL A 230 -25.76 32.88 9.59
C VAL A 230 -25.93 32.76 8.07
N ALA A 231 -26.84 31.88 7.65
CA ALA A 231 -27.03 31.64 6.22
C ALA A 231 -27.73 32.82 5.58
N SER A 232 -28.78 33.30 6.26
CA SER A 232 -29.59 34.44 5.83
C SER A 232 -28.69 35.68 5.69
N SER A 233 -27.95 35.96 6.76
CA SER A 233 -26.97 37.04 6.79
C SER A 233 -25.84 36.88 5.74
N ALA A 234 -25.41 35.65 5.47
CA ALA A 234 -24.28 35.45 4.55
C ALA A 234 -24.64 35.64 3.08
N GLU A 235 -25.92 35.42 2.73
CA GLU A 235 -26.34 35.61 1.35
C GLU A 235 -27.02 36.96 1.15
N SER A 236 -27.07 37.78 2.21
CA SER A 236 -27.88 39.02 2.23
C SER A 236 -27.52 40.03 1.13
N ALA A 237 -26.43 40.77 1.35
CA ALA A 237 -26.01 41.80 0.41
C ALA A 237 -26.41 43.18 0.93
N GLU A 238 -27.44 43.20 1.78
CA GLU A 238 -27.91 44.42 2.41
C GLU A 238 -27.21 44.63 3.75
N ASN A 239 -26.34 45.64 3.81
CA ASN A 239 -25.52 45.92 4.99
C ASN A 239 -26.35 46.22 6.23
N GLY A 240 -27.20 45.26 6.62
CA GLY A 240 -28.07 45.41 7.78
C GLY A 240 -28.82 44.13 8.10
N ALA A 241 -28.12 43.00 8.07
CA ALA A 241 -28.70 41.70 8.38
C ALA A 241 -28.19 41.13 9.70
N HIS A 242 -29.08 40.40 10.39
CA HIS A 242 -28.90 39.82 11.73
C HIS A 242 -27.51 39.88 12.40
N LEU A 243 -26.46 39.55 11.66
CA LEU A 243 -25.12 39.44 12.24
C LEU A 243 -24.11 40.32 11.52
N PRO A 244 -23.20 40.95 12.27
CA PRO A 244 -22.29 41.92 11.66
C PRO A 244 -21.10 41.28 10.89
N HIS A 245 -20.27 40.54 11.62
CA HIS A 245 -18.99 40.02 11.09
C HIS A 245 -19.16 39.10 9.90
N VAL A 246 -20.31 38.44 9.81
CA VAL A 246 -20.51 37.41 8.82
C VAL A 246 -20.40 37.97 7.42
N ARG A 247 -21.08 39.10 7.17
CA ARG A 247 -20.97 39.76 5.88
C ARG A 247 -19.54 40.24 5.71
N GLU A 248 -18.97 40.80 6.77
CA GLU A 248 -17.58 41.27 6.74
C GLU A 248 -16.64 40.20 6.26
N TRP A 249 -16.72 39.05 6.92
CA TRP A 249 -15.92 37.87 6.62
C TRP A 249 -16.11 37.44 5.16
N VAL A 250 -17.37 37.25 4.76
CA VAL A 250 -17.67 36.91 3.37
C VAL A 250 -17.10 37.98 2.48
N ARG A 251 -17.40 39.23 2.84
CA ARG A 251 -16.95 40.40 2.06
C ARG A 251 -15.43 40.48 1.96
N ARG A 252 -14.71 39.95 2.95
CA ARG A 252 -13.25 39.95 2.88
C ARG A 252 -12.68 38.73 2.18
N LEU A 253 -13.37 37.60 2.29
CA LEU A 253 -12.91 36.36 1.68
C LEU A 253 -13.04 36.31 0.14
N ARG A 254 -14.17 36.78 -0.40
CA ARG A 254 -14.45 36.65 -1.86
C ARG A 254 -13.25 36.89 -2.77
N PRO A 255 -12.54 38.04 -2.63
CA PRO A 255 -11.50 38.32 -3.63
C PRO A 255 -10.20 37.52 -3.45
N ILE A 256 -10.08 36.80 -2.33
CA ILE A 256 -8.99 35.84 -2.15
C ILE A 256 -9.35 34.58 -2.97
N ARG A 257 -10.61 34.16 -2.90
CA ARG A 257 -11.09 33.05 -3.73
C ARG A 257 -10.94 33.38 -5.21
N GLU A 258 -11.31 34.61 -5.59
CA GLU A 258 -11.20 35.03 -6.97
C GLU A 258 -9.77 34.92 -7.43
N ARG A 259 -8.86 35.39 -6.58
CA ARG A 259 -7.45 35.33 -6.91
C ARG A 259 -7.03 33.87 -6.98
N ALA A 260 -7.76 33.00 -6.30
CA ALA A 260 -7.45 31.58 -6.24
C ALA A 260 -8.02 30.81 -7.44
N ARG A 261 -9.23 31.15 -7.86
CA ARG A 261 -9.84 30.47 -9.01
C ARG A 261 -9.06 30.79 -10.27
N ALA A 262 -8.80 32.09 -10.48
CA ALA A 262 -7.90 32.54 -11.52
C ALA A 262 -6.56 31.83 -11.36
N LEU A 263 -6.17 31.60 -10.10
CA LEU A 263 -4.92 30.90 -9.81
C LEU A 263 -5.12 29.37 -9.72
N LEU A 264 -6.08 28.87 -10.49
CA LEU A 264 -6.20 27.44 -10.78
C LEU A 264 -6.63 27.30 -12.23
N GLU A 265 -6.93 28.46 -12.83
CA GLU A 265 -7.34 28.58 -14.22
C GLU A 265 -6.19 29.17 -15.06
N SER A 266 -4.97 28.82 -14.67
CA SER A 266 -3.75 29.10 -15.46
C SER A 266 -2.54 28.39 -14.84
N GLY A 267 -2.80 27.23 -14.21
CA GLY A 267 -1.78 26.36 -13.63
C GLY A 267 -0.75 27.01 -12.71
N GLU A 268 -1.14 27.33 -11.47
CA GLU A 268 -0.27 28.11 -10.58
C GLU A 268 0.21 27.31 -9.37
N LEU A 269 -0.65 26.40 -8.95
CA LEU A 269 -0.51 25.66 -7.70
C LEU A 269 -1.62 24.62 -7.73
N THR A 270 -1.40 23.47 -7.11
CA THR A 270 -2.51 22.64 -6.64
C THR A 270 -2.18 22.12 -5.24
N ASP A 307 -13.85 22.41 -11.95
CA ASP A 307 -13.05 21.55 -11.09
C ASP A 307 -12.11 22.41 -10.27
N SER A 308 -11.58 23.44 -10.91
CA SER A 308 -10.69 24.34 -10.21
C SER A 308 -11.20 25.78 -10.22
N PRO A 309 -12.03 26.16 -11.22
CA PRO A 309 -12.90 27.30 -10.92
C PRO A 309 -13.85 27.03 -9.76
N ALA A 310 -14.52 25.89 -9.80
CA ALA A 310 -15.51 25.53 -8.79
C ALA A 310 -14.87 25.15 -7.46
N PHE A 311 -15.34 24.02 -6.92
CA PHE A 311 -14.72 23.37 -5.77
C PHE A 311 -13.22 23.19 -5.98
N GLY A 312 -12.45 24.23 -5.67
CA GLY A 312 -11.01 24.20 -5.80
C GLY A 312 -10.40 25.41 -5.12
N ALA A 313 -11.01 26.57 -5.39
CA ALA A 313 -10.66 27.81 -4.71
C ALA A 313 -11.50 27.92 -3.44
N TYR A 314 -12.68 27.31 -3.47
CA TYR A 314 -13.50 27.19 -2.27
C TYR A 314 -12.82 26.28 -1.25
N ARG A 315 -12.04 25.32 -1.74
CA ARG A 315 -11.34 24.42 -0.83
C ARG A 315 -10.26 25.18 -0.07
N LEU A 316 -9.55 26.06 -0.77
CA LEU A 316 -8.55 26.91 -0.13
C LEU A 316 -9.20 27.96 0.77
N VAL A 317 -10.35 28.48 0.36
CA VAL A 317 -10.99 29.54 1.12
C VAL A 317 -11.51 29.00 2.44
N ILE A 318 -11.81 27.70 2.48
CA ILE A 318 -12.38 27.12 3.69
C ILE A 318 -11.22 26.66 4.55
N ASN A 319 -10.12 26.26 3.92
CA ASN A 319 -8.92 25.98 4.68
C ASN A 319 -8.43 27.24 5.39
N CYS A 320 -8.51 28.39 4.69
CA CYS A 320 -8.11 29.67 5.25
C CYS A 320 -8.98 29.98 6.46
N THR A 321 -10.29 29.75 6.34
CA THR A 321 -11.19 29.93 7.48
C THR A 321 -10.72 29.07 8.65
N TYR A 322 -10.41 27.80 8.38
CA TYR A 322 -9.91 26.94 9.44
C TYR A 322 -8.58 27.49 10.02
N LEU A 323 -7.81 28.21 9.23
CA LEU A 323 -6.52 28.69 9.71
C LEU A 323 -6.68 29.94 10.60
N HIS A 324 -7.73 30.72 10.29
CA HIS A 324 -8.18 31.81 11.10
C HIS A 324 -8.63 31.33 12.49
N LEU A 325 -9.45 30.27 12.54
CA LEU A 325 -9.95 29.80 13.81
C LEU A 325 -8.82 29.40 14.72
N THR A 326 -7.74 28.86 14.12
CA THR A 326 -6.59 28.42 14.92
C THR A 326 -5.88 29.65 15.47
N ARG A 327 -5.95 30.73 14.69
CA ARG A 327 -5.31 31.98 15.05
C ARG A 327 -6.08 32.61 16.22
N LEU A 328 -7.42 32.45 16.22
CA LEU A 328 -8.28 32.93 17.30
C LEU A 328 -8.16 32.11 18.57
N GLY A 329 -7.28 31.11 18.59
CA GLY A 329 -7.18 30.22 19.75
C GLY A 329 -8.11 28.97 19.83
N LEU A 330 -8.84 28.63 18.78
CA LEU A 330 -9.70 27.45 18.82
C LEU A 330 -8.90 26.15 18.63
N THR A 331 -9.09 25.15 19.49
CA THR A 331 -8.40 23.85 19.28
C THR A 331 -8.99 23.11 18.09
N PRO A 332 -8.17 22.30 17.39
CA PRO A 332 -8.71 21.38 16.36
C PRO A 332 -9.96 20.60 16.84
N HIS A 333 -9.87 19.96 17.99
CA HIS A 333 -11.06 19.34 18.56
C HIS A 333 -12.31 20.23 18.60
N GLN A 334 -12.19 21.48 19.00
CA GLN A 334 -13.37 22.33 19.06
C GLN A 334 -13.82 22.62 17.64
N ARG A 335 -12.90 22.63 16.69
CA ARG A 335 -13.24 22.95 15.29
C ARG A 335 -14.12 21.85 14.68
N PHE A 336 -13.61 20.64 14.81
CA PHE A 336 -14.32 19.46 14.37
C PHE A 336 -15.70 19.38 14.98
N LEU A 337 -15.76 19.54 16.29
CA LEU A 337 -17.04 19.66 17.00
C LEU A 337 -17.94 20.71 16.37
N VAL A 338 -17.33 21.79 15.89
CA VAL A 338 -18.12 22.89 15.35
C VAL A 338 -18.68 22.45 14.02
N CYS A 339 -17.80 22.03 13.11
CA CYS A 339 -18.17 21.37 11.88
C CYS A 339 -19.23 20.27 11.99
N HIS A 340 -19.10 19.41 12.98
CA HIS A 340 -20.04 18.30 13.11
C HIS A 340 -21.43 18.79 13.49
N LEU A 341 -21.50 19.71 14.45
CA LEU A 341 -22.77 20.29 14.86
C LEU A 341 -23.39 21.07 13.70
N ALA A 342 -22.52 21.66 12.89
CA ALA A 342 -22.99 22.44 11.76
C ALA A 342 -23.61 21.54 10.68
N ALA A 343 -22.95 20.44 10.36
CA ALA A 343 -23.52 19.45 9.43
C ALA A 343 -24.87 18.96 9.91
N ASP A 344 -24.91 18.55 11.18
CA ASP A 344 -26.14 18.04 11.77
C ASP A 344 -27.25 19.06 11.63
N ALA A 345 -26.98 20.29 12.04
CA ALA A 345 -27.97 21.37 11.93
C ALA A 345 -28.49 21.54 10.51
N ALA A 346 -27.58 21.43 9.54
CA ALA A 346 -27.98 21.56 8.15
C ALA A 346 -28.97 20.45 7.70
N ALA A 347 -28.84 19.26 8.29
CA ALA A 347 -29.70 18.13 7.95
C ALA A 347 -31.16 18.45 8.26
N ASP A 348 -31.44 18.92 9.48
CA ASP A 348 -32.79 19.35 9.87
C ASP A 348 -33.26 20.60 9.11
N VAL A 349 -32.40 21.19 8.29
CA VAL A 349 -32.78 22.39 7.55
C VAL A 349 -32.86 22.12 6.07
N TYR A 350 -31.80 21.60 5.50
CA TYR A 350 -31.77 21.38 4.06
C TYR A 350 -32.05 19.93 3.69
N GLY A 351 -32.46 19.14 4.68
CA GLY A 351 -32.70 17.74 4.45
C GLY A 351 -34.16 17.32 4.54
N ILE A 352 -35.04 18.27 4.82
CA ILE A 352 -36.46 17.93 4.91
C ILE A 352 -37.30 18.63 3.83
N ALA A 353 -36.62 19.16 2.81
CA ALA A 353 -37.30 19.82 1.70
C ALA A 353 -36.89 19.20 0.35
N GLU B 8 22.55 14.79 -39.64
CA GLU B 8 21.16 15.10 -39.40
C GLU B 8 20.61 14.12 -38.34
N ARG B 9 21.09 12.88 -38.37
CA ARG B 9 20.59 11.82 -37.49
C ARG B 9 21.69 11.28 -36.58
N TRP B 10 21.29 10.48 -35.59
CA TRP B 10 22.25 9.79 -34.72
C TRP B 10 22.49 8.34 -35.17
N TRP B 11 23.74 8.03 -35.50
CA TRP B 11 24.08 6.67 -35.94
C TRP B 11 24.79 5.96 -34.79
N ARG B 12 24.51 4.66 -34.63
CA ARG B 12 25.01 3.91 -33.47
C ARG B 12 25.93 2.76 -33.86
N PHE B 13 27.05 2.63 -33.18
CA PHE B 13 27.88 1.46 -33.35
C PHE B 13 28.09 0.71 -32.05
N ARG B 14 28.16 -0.62 -32.14
CA ARG B 14 28.49 -1.48 -31.02
C ARG B 14 29.91 -2.07 -31.12
N VAL B 15 30.78 -1.68 -30.21
CA VAL B 15 32.08 -2.34 -30.08
C VAL B 15 32.12 -3.39 -28.93
N ASP B 16 32.16 -4.69 -29.22
CA ASP B 16 32.41 -5.61 -28.10
C ASP B 16 33.87 -5.66 -27.64
N TYR B 17 34.08 -5.61 -26.33
CA TYR B 17 35.41 -5.69 -25.74
C TYR B 17 35.30 -6.27 -24.33
N HIS B 18 34.87 -7.54 -24.28
CA HIS B 18 34.41 -8.21 -23.06
C HIS B 18 35.35 -8.17 -21.85
N ALA B 19 36.52 -8.76 -22.00
CA ALA B 19 37.43 -8.91 -20.86
C ALA B 19 38.67 -8.09 -21.01
N GLY B 20 38.58 -7.01 -21.78
CA GLY B 20 39.75 -6.20 -21.98
C GLY B 20 39.55 -4.84 -21.36
N PRO B 21 40.65 -4.14 -21.16
CA PRO B 21 40.56 -2.82 -20.54
C PRO B 21 39.82 -1.84 -21.45
N MET B 22 38.63 -1.39 -21.05
CA MET B 22 37.94 -0.35 -21.79
C MET B 22 38.63 1.03 -21.70
N ASP B 23 39.42 1.25 -20.67
CA ASP B 23 40.10 2.53 -20.52
C ASP B 23 40.94 2.77 -21.78
N ASP B 24 41.46 1.68 -22.33
CA ASP B 24 42.39 1.75 -23.44
C ASP B 24 41.65 1.92 -24.76
N LEU B 25 40.73 1.02 -25.05
CA LEU B 25 39.85 1.15 -26.21
C LEU B 25 39.36 2.58 -26.42
N ILE B 26 39.24 3.32 -25.33
CA ILE B 26 38.74 4.68 -25.43
C ILE B 26 39.88 5.62 -25.81
N LEU B 27 41.02 5.52 -25.14
CA LEU B 27 42.09 6.48 -25.37
C LEU B 27 42.96 6.16 -26.58
N ASP B 28 42.91 4.89 -27.01
CA ASP B 28 43.80 4.32 -28.02
C ASP B 28 43.00 3.60 -29.08
N GLY B 29 41.91 4.21 -29.53
CA GLY B 29 41.03 3.56 -30.49
C GLY B 29 39.87 4.46 -30.85
N VAL B 30 38.98 4.67 -29.88
CA VAL B 30 37.79 5.48 -30.09
C VAL B 30 38.17 6.97 -30.15
N ARG B 31 39.07 7.43 -29.29
CA ARG B 31 39.51 8.84 -29.33
C ARG B 31 40.14 9.22 -30.69
N PRO B 32 41.04 8.38 -31.24
CA PRO B 32 41.55 8.69 -32.57
C PRO B 32 40.54 8.50 -33.71
N ALA B 33 39.69 7.48 -33.64
CA ALA B 33 38.61 7.36 -34.60
C ALA B 33 37.79 8.66 -34.64
N PHE B 34 37.32 9.10 -33.47
CA PHE B 34 36.55 10.35 -33.38
C PHE B 34 37.31 11.53 -33.93
N ALA B 35 38.61 11.58 -33.63
CA ALA B 35 39.46 12.69 -34.03
C ALA B 35 39.61 12.75 -35.53
N ALA B 36 39.40 11.62 -36.20
CA ALA B 36 39.54 11.57 -37.65
C ALA B 36 38.39 12.28 -38.35
N PHE B 37 37.15 11.95 -37.97
CA PHE B 37 36.00 12.56 -38.62
C PHE B 37 35.46 13.79 -37.90
N ALA B 38 36.26 14.31 -36.95
CA ALA B 38 35.92 15.54 -36.25
C ALA B 38 35.60 16.70 -37.20
N ALA B 39 36.32 16.78 -38.32
CA ALA B 39 36.04 17.78 -39.33
C ALA B 39 34.64 17.61 -39.92
N GLN B 40 34.31 16.37 -40.27
CA GLN B 40 33.10 16.06 -40.99
C GLN B 40 31.90 15.72 -40.07
N ALA B 41 32.17 15.43 -38.79
CA ALA B 41 31.12 15.07 -37.83
C ALA B 41 31.59 15.21 -36.37
N PRO B 42 31.63 16.46 -35.85
CA PRO B 42 32.21 16.83 -34.55
C PRO B 42 31.32 16.47 -33.35
N MET B 43 30.08 16.08 -33.62
CA MET B 43 29.13 15.76 -32.57
C MET B 43 29.07 14.25 -32.35
N ALA B 44 29.89 13.76 -31.42
CA ALA B 44 29.83 12.34 -31.07
C ALA B 44 30.27 12.05 -29.63
N TYR B 45 29.70 10.98 -29.08
CA TYR B 45 29.92 10.52 -27.70
C TYR B 45 29.76 9.00 -27.59
N PHE B 46 30.35 8.43 -26.55
CA PHE B 46 30.31 6.98 -26.30
C PHE B 46 29.89 6.64 -24.85
N LEU B 47 29.27 5.47 -24.67
CA LEU B 47 28.79 4.99 -23.37
C LEU B 47 29.04 3.50 -23.13
N ARG B 48 29.61 3.18 -21.96
CA ARG B 48 29.73 1.78 -21.51
C ARG B 48 28.37 1.14 -21.24
N HIS B 49 28.24 -0.14 -21.56
CA HIS B 49 27.01 -0.85 -21.24
C HIS B 49 27.35 -2.34 -21.09
N TRP B 50 26.36 -3.17 -20.73
CA TRP B 50 26.64 -4.51 -20.21
C TRP B 50 25.95 -5.58 -21.03
N ARG B 51 24.92 -5.22 -21.77
CA ARG B 51 24.09 -6.26 -22.38
C ARG B 51 24.85 -7.00 -23.49
N ARG B 52 24.62 -8.31 -23.55
CA ARG B 52 25.32 -9.24 -24.46
C ARG B 52 26.84 -9.08 -24.47
N GLY B 53 27.40 -8.63 -23.35
CA GLY B 53 28.82 -8.57 -23.17
C GLY B 53 29.26 -7.18 -22.87
N PRO B 54 30.30 -7.03 -22.05
CA PRO B 54 30.74 -5.65 -21.79
C PRO B 54 31.11 -5.07 -23.13
N HIS B 55 30.77 -3.80 -23.36
CA HIS B 55 31.00 -3.19 -24.66
C HIS B 55 30.88 -1.67 -24.64
N LEU B 56 31.23 -1.06 -25.76
CA LEU B 56 31.10 0.36 -25.93
C LEU B 56 30.07 0.61 -27.01
N ARG B 57 29.12 1.51 -26.77
CA ARG B 57 28.18 1.89 -27.82
C ARG B 57 28.58 3.29 -28.27
N ILE B 58 28.77 3.47 -29.58
CA ILE B 58 29.17 4.78 -30.08
C ILE B 58 28.00 5.43 -30.80
N TYR B 59 27.86 6.73 -30.58
CA TYR B 59 26.73 7.50 -31.10
C TYR B 59 27.30 8.72 -31.83
N VAL B 60 27.03 8.81 -33.13
CA VAL B 60 27.62 9.90 -33.93
C VAL B 60 26.53 10.60 -34.75
N SER B 61 26.59 11.92 -34.77
CA SER B 61 25.56 12.74 -35.39
C SER B 61 25.98 13.27 -36.79
N THR B 62 25.64 12.52 -37.84
CA THR B 62 25.96 12.96 -39.19
C THR B 62 24.95 12.45 -40.23
N THR B 63 25.16 12.86 -41.49
CA THR B 63 24.25 12.49 -42.58
C THR B 63 24.53 11.05 -42.96
N ARG B 64 23.72 10.49 -43.85
CA ARG B 64 23.91 9.08 -44.19
C ARG B 64 25.23 8.86 -44.93
N GLU B 65 25.53 9.69 -45.93
CA GLU B 65 26.67 9.37 -46.78
C GLU B 65 27.97 9.94 -46.24
N ALA B 66 27.86 10.90 -45.32
CA ALA B 66 29.02 11.31 -44.54
C ALA B 66 29.42 10.13 -43.64
N LEU B 67 28.43 9.34 -43.22
CA LEU B 67 28.70 8.15 -42.43
C LEU B 67 29.49 7.15 -43.25
N GLU B 68 28.98 6.84 -44.44
CA GLU B 68 29.59 5.82 -45.30
C GLU B 68 30.96 6.20 -45.86
N ALA B 69 31.25 7.51 -45.88
CA ALA B 69 32.45 8.01 -46.54
C ALA B 69 33.61 8.34 -45.59
N VAL B 70 33.31 8.74 -44.37
CA VAL B 70 34.41 9.14 -43.50
C VAL B 70 34.29 8.57 -42.07
N VAL B 71 33.06 8.38 -41.59
CA VAL B 71 32.86 7.90 -40.22
C VAL B 71 32.92 6.36 -40.13
N ARG B 72 32.12 5.65 -40.90
CA ARG B 72 32.19 4.20 -40.92
C ARG B 72 33.56 3.60 -41.29
N PRO B 73 34.41 4.33 -42.06
CA PRO B 73 35.77 3.80 -42.24
C PRO B 73 36.67 4.09 -41.05
N ALA B 74 36.72 5.35 -40.59
CA ALA B 74 37.52 5.73 -39.44
C ALA B 74 37.39 4.73 -38.28
N ILE B 75 36.13 4.39 -37.97
CA ILE B 75 35.82 3.42 -36.94
C ILE B 75 36.26 2.01 -37.35
N GLU B 76 35.86 1.55 -38.53
CA GLU B 76 36.21 0.21 -38.97
C GLU B 76 37.71 0.00 -38.97
N HIS B 77 38.46 1.08 -39.17
CA HIS B 77 39.89 0.94 -39.39
C HIS B 77 40.73 1.32 -38.16
N VAL B 78 40.53 2.53 -37.63
CA VAL B 78 41.26 2.94 -36.42
C VAL B 78 40.90 2.04 -35.25
N VAL B 79 39.62 2.04 -34.87
CA VAL B 79 39.20 1.22 -33.74
C VAL B 79 39.48 -0.25 -34.05
N GLY B 80 38.95 -0.75 -35.18
CA GLY B 80 39.15 -2.14 -35.56
C GLY B 80 40.61 -2.59 -35.58
N GLY B 81 41.50 -1.59 -35.60
CA GLY B 81 42.92 -1.84 -35.57
C GLY B 81 43.32 -2.26 -34.19
N TYR B 82 43.05 -1.36 -33.23
CA TYR B 82 43.23 -1.60 -31.78
C TYR B 82 42.76 -2.99 -31.39
N LEU B 83 41.55 -3.34 -31.81
CA LEU B 83 41.00 -4.66 -31.53
C LEU B 83 41.94 -5.78 -31.94
N ARG B 84 42.63 -5.60 -33.07
CA ARG B 84 43.56 -6.61 -33.54
C ARG B 84 44.88 -6.55 -32.75
N ALA B 85 45.35 -5.34 -32.46
CA ALA B 85 46.51 -5.11 -31.59
C ALA B 85 46.34 -5.73 -30.20
N ARG B 86 45.33 -5.27 -29.46
CA ARG B 86 45.11 -5.69 -28.07
C ARG B 86 43.74 -6.32 -27.83
N PRO B 87 43.53 -7.54 -28.31
CA PRO B 87 42.23 -8.19 -28.12
C PRO B 87 41.87 -8.51 -26.67
N SER B 88 40.57 -8.49 -26.43
CA SER B 88 39.97 -9.08 -25.24
C SER B 88 40.16 -10.59 -25.25
N PRO B 89 40.62 -11.15 -24.10
CA PRO B 89 40.75 -12.60 -23.90
C PRO B 89 39.40 -13.28 -23.94
N GLY B 90 38.34 -12.51 -23.69
CA GLY B 90 36.99 -13.07 -23.63
C GLY B 90 36.54 -13.36 -22.20
N MET B 91 35.30 -13.82 -22.05
CA MET B 91 34.80 -14.19 -20.73
C MET B 91 34.51 -15.68 -20.69
N ALA B 92 35.15 -16.37 -19.78
CA ALA B 92 35.09 -17.82 -19.69
C ALA B 92 33.68 -18.41 -19.79
N ASP B 93 32.75 -17.86 -19.01
CA ASP B 93 31.37 -18.31 -19.05
C ASP B 93 30.45 -17.08 -19.13
N PRO B 94 29.80 -16.90 -20.29
CA PRO B 94 28.86 -15.78 -20.38
C PRO B 94 27.63 -16.04 -19.48
N SER B 95 27.24 -17.31 -19.32
CA SER B 95 26.04 -17.65 -18.57
C SER B 95 26.13 -17.33 -17.05
N ALA B 96 27.34 -17.15 -16.54
CA ALA B 96 27.53 -16.80 -15.15
C ALA B 96 26.95 -15.43 -14.84
N PHE B 97 26.90 -14.55 -15.84
CA PHE B 97 26.36 -13.21 -15.68
C PHE B 97 24.86 -13.18 -15.96
N LEU B 98 24.32 -14.28 -16.47
CA LEU B 98 22.92 -14.25 -16.92
C LEU B 98 21.92 -13.86 -15.82
N PRO B 99 22.03 -14.44 -14.59
CA PRO B 99 20.98 -13.98 -13.67
C PRO B 99 21.20 -12.53 -13.20
N LEU B 100 22.43 -12.03 -13.20
CA LEU B 100 22.61 -10.63 -12.87
C LEU B 100 21.96 -9.79 -13.95
N HIS B 101 22.13 -10.19 -15.20
CA HIS B 101 21.73 -9.33 -16.31
C HIS B 101 20.21 -9.36 -16.47
N GLU B 102 19.60 -10.50 -16.18
CA GLU B 102 18.16 -10.61 -16.31
C GLU B 102 17.52 -9.65 -15.33
N ARG B 103 18.25 -9.40 -14.25
CA ARG B 103 17.82 -8.51 -13.21
C ARG B 103 18.03 -7.09 -13.66
N LEU B 104 19.25 -6.79 -14.12
CA LEU B 104 19.53 -5.51 -14.75
C LEU B 104 18.55 -5.18 -15.89
N ALA B 105 18.19 -6.16 -16.70
CA ALA B 105 17.18 -5.95 -17.74
C ALA B 105 15.92 -5.30 -17.16
N GLU B 106 15.26 -5.98 -16.21
CA GLU B 106 13.97 -5.50 -15.72
C GLU B 106 14.16 -4.21 -14.92
N LEU B 107 15.29 -4.09 -14.23
CA LEU B 107 15.61 -2.94 -13.38
C LEU B 107 15.91 -1.65 -14.17
N GLU B 108 16.57 -1.77 -15.33
CA GLU B 108 16.93 -0.60 -16.14
C GLU B 108 15.97 -0.39 -17.29
N GLY B 109 15.05 -1.32 -17.48
CA GLY B 109 14.11 -1.25 -18.58
C GLY B 109 14.70 -1.69 -19.91
N GLU B 110 15.87 -2.32 -19.84
CA GLU B 110 16.57 -2.82 -21.02
C GLU B 110 15.84 -3.93 -21.77
N ASP B 111 15.40 -3.64 -22.97
CA ASP B 111 14.46 -4.50 -23.69
C ASP B 111 15.09 -5.57 -24.64
N GLY B 112 16.40 -5.60 -24.81
CA GLY B 112 16.96 -6.51 -25.81
C GLY B 112 17.16 -7.92 -25.29
N PRO B 113 17.49 -8.89 -26.18
CA PRO B 113 17.95 -10.22 -25.75
C PRO B 113 19.25 -10.15 -24.95
N LEU B 114 19.47 -11.15 -24.09
CA LEU B 114 20.60 -11.13 -23.16
C LEU B 114 21.60 -12.22 -23.49
N MET B 115 21.11 -13.28 -24.12
CA MET B 115 21.93 -14.37 -24.63
C MET B 115 21.39 -14.78 -26.01
N PRO B 116 22.26 -15.27 -26.89
CA PRO B 116 23.71 -15.43 -26.75
C PRO B 116 24.43 -14.10 -26.74
N TRP B 117 25.67 -14.09 -26.26
CA TRP B 117 26.47 -12.87 -26.30
C TRP B 117 26.87 -12.53 -27.73
N SER B 118 27.03 -11.23 -27.97
CA SER B 118 27.54 -10.76 -29.24
C SER B 118 29.04 -11.01 -29.26
N PRO B 119 29.57 -11.48 -30.42
CA PRO B 119 30.98 -11.78 -30.69
C PRO B 119 31.98 -10.75 -30.19
N ASP B 120 33.04 -11.24 -29.57
CA ASP B 120 34.02 -10.40 -28.91
C ASP B 120 35.00 -9.76 -29.92
N ASN B 121 35.51 -8.59 -29.58
CA ASN B 121 36.37 -7.81 -30.46
C ASN B 121 35.72 -7.64 -31.82
N THR B 122 34.60 -6.92 -31.84
CA THR B 122 33.85 -6.76 -33.07
C THR B 122 33.07 -5.47 -33.09
N ILE B 123 33.00 -4.89 -34.27
CA ILE B 123 32.25 -3.68 -34.47
C ILE B 123 31.00 -4.06 -35.24
N HIS B 124 29.92 -3.31 -35.06
CA HIS B 124 28.62 -3.67 -35.61
C HIS B 124 27.82 -2.42 -35.83
N ALA B 125 27.45 -2.14 -37.06
CA ALA B 125 26.62 -0.96 -37.32
C ALA B 125 25.20 -1.26 -36.84
N GLU B 126 24.61 -0.32 -36.12
CA GLU B 126 23.29 -0.54 -35.55
C GLU B 126 22.32 0.54 -36.00
N GLY B 127 22.57 1.08 -37.19
CA GLY B 127 21.65 2.00 -37.84
C GLY B 127 21.39 3.23 -37.03
N GLU B 128 20.24 3.86 -37.25
CA GLU B 128 19.91 5.09 -36.55
C GLU B 128 18.97 4.84 -35.35
N ARG B 129 19.06 5.73 -34.36
CA ARG B 129 18.36 5.62 -33.07
C ARG B 129 16.89 6.04 -33.27
N PRO B 130 15.94 5.58 -32.39
CA PRO B 130 14.64 5.04 -32.86
C PRO B 130 14.05 5.81 -34.04
N GLU B 131 13.32 6.89 -33.76
CA GLU B 131 13.37 8.08 -34.63
C GLU B 131 13.03 9.35 -33.83
N PRO B 132 11.84 9.43 -33.19
CA PRO B 132 11.68 10.69 -32.44
C PRO B 132 12.29 10.59 -31.04
N LEU B 133 13.06 11.61 -30.67
CA LEU B 133 13.69 11.66 -29.34
C LEU B 133 12.98 12.68 -28.47
N THR B 134 12.99 12.45 -27.16
CA THR B 134 12.47 13.42 -26.20
C THR B 134 13.42 14.61 -26.09
N VAL B 135 13.13 15.57 -25.23
CA VAL B 135 13.96 16.77 -25.15
C VAL B 135 15.02 16.57 -24.07
N ARG B 136 14.79 15.59 -23.21
CA ARG B 136 15.74 15.28 -22.15
C ARG B 136 16.85 14.43 -22.75
N ASP B 137 16.47 13.53 -23.64
CA ASP B 137 17.40 12.68 -24.38
C ASP B 137 18.50 13.51 -25.04
N VAL B 138 18.11 14.69 -25.53
CA VAL B 138 18.96 15.50 -26.39
C VAL B 138 19.66 16.62 -25.64
N LEU B 139 19.32 16.82 -24.37
CA LEU B 139 20.16 17.65 -23.54
C LEU B 139 21.25 16.74 -22.99
N LEU B 140 20.90 15.46 -22.87
CA LEU B 140 21.82 14.44 -22.38
C LEU B 140 22.93 14.19 -23.40
N ALA B 141 22.52 13.80 -24.61
CA ALA B 141 23.42 13.66 -25.75
C ALA B 141 24.41 14.81 -25.82
N ASP B 142 23.89 16.04 -25.79
CA ASP B 142 24.75 17.21 -25.79
C ASP B 142 25.75 17.21 -24.63
N PHE B 143 25.31 16.80 -23.44
CA PHE B 143 26.19 16.83 -22.26
C PHE B 143 27.40 15.92 -22.44
N TYR B 144 27.14 14.73 -22.98
CA TYR B 144 28.20 13.76 -23.18
C TYR B 144 29.28 14.27 -24.15
N ALA B 145 28.85 14.54 -25.37
CA ALA B 145 29.67 15.20 -26.39
C ALA B 145 30.48 16.35 -25.81
N ASP B 146 29.80 17.29 -25.16
CA ASP B 146 30.46 18.47 -24.61
C ASP B 146 31.55 18.15 -23.59
N THR B 147 31.55 16.91 -23.08
CA THR B 147 32.38 16.55 -21.92
C THR B 147 33.39 15.45 -22.23
N THR B 148 33.25 14.88 -23.43
CA THR B 148 34.17 13.87 -23.96
C THR B 148 35.65 14.28 -23.79
N PRO B 149 36.00 15.55 -24.03
CA PRO B 149 37.38 15.88 -23.65
C PRO B 149 37.70 15.53 -22.19
N SER B 150 36.83 15.89 -21.26
CA SER B 150 37.12 15.66 -19.84
C SER B 150 37.15 14.17 -19.51
N VAL B 151 36.40 13.37 -20.26
CA VAL B 151 36.60 11.93 -20.20
C VAL B 151 38.05 11.57 -20.56
N TYR B 152 38.57 12.16 -21.63
CA TYR B 152 39.91 11.84 -22.10
C TYR B 152 40.98 12.36 -21.15
N HIS B 153 40.86 13.65 -20.81
CA HIS B 153 41.73 14.28 -19.82
C HIS B 153 41.94 13.39 -18.58
N ALA B 154 40.84 12.80 -18.09
CA ALA B 154 40.85 12.06 -16.84
C ALA B 154 41.34 10.62 -16.95
N LEU B 155 40.96 9.92 -18.02
CA LEU B 155 41.39 8.53 -18.23
C LEU B 155 42.91 8.44 -18.51
N GLU B 156 43.49 9.53 -19.01
CA GLU B 156 44.95 9.57 -19.18
C GLU B 156 45.63 9.53 -17.83
N ARG B 157 45.19 10.37 -16.90
CA ARG B 157 45.82 10.39 -15.59
C ARG B 157 45.55 9.11 -14.79
N VAL B 158 44.40 8.49 -15.00
CA VAL B 158 44.11 7.23 -14.31
C VAL B 158 45.13 6.15 -14.70
N ARG B 159 45.42 6.08 -15.99
CA ARG B 159 46.36 5.10 -16.54
C ARG B 159 47.79 5.51 -16.20
N SER B 160 47.99 6.81 -16.00
CA SER B 160 49.25 7.37 -15.55
C SER B 160 49.57 7.15 -14.05
N GLY B 161 48.73 6.40 -13.34
CA GLY B 161 48.97 6.06 -11.94
C GLY B 161 48.05 6.67 -10.88
N ALA B 162 47.34 7.73 -11.27
CA ALA B 162 46.47 8.45 -10.35
C ALA B 162 45.20 7.67 -9.99
N SER B 163 44.89 7.66 -8.69
CA SER B 163 43.65 7.09 -8.15
C SER B 163 42.43 7.66 -8.87
N LEU B 164 41.62 6.77 -9.44
CA LEU B 164 40.35 7.17 -10.05
C LEU B 164 39.31 7.76 -9.06
N PRO B 165 39.05 7.06 -7.92
CA PRO B 165 38.09 7.64 -6.96
C PRO B 165 38.39 9.08 -6.53
N THR B 166 39.66 9.48 -6.54
CA THR B 166 40.02 10.85 -6.15
C THR B 166 39.51 11.86 -7.17
N ILE B 167 39.36 11.42 -8.41
CA ILE B 167 38.88 12.38 -9.40
C ILE B 167 37.36 12.44 -9.24
N ALA B 168 36.75 11.27 -9.09
CA ALA B 168 35.36 11.17 -8.63
C ALA B 168 35.07 12.14 -7.50
N PHE B 169 35.90 12.11 -6.46
CA PHE B 169 35.79 13.01 -5.31
C PHE B 169 35.71 14.46 -5.74
N ASP B 170 36.83 14.98 -6.25
CA ASP B 170 36.98 16.39 -6.62
C ASP B 170 35.85 16.85 -7.53
N LEU B 171 35.50 16.02 -8.50
CA LEU B 171 34.46 16.40 -9.45
C LEU B 171 33.14 16.62 -8.73
N VAL B 172 32.64 15.55 -8.11
CA VAL B 172 31.37 15.58 -7.38
C VAL B 172 31.37 16.59 -6.21
N VAL B 173 32.52 16.83 -5.58
CA VAL B 173 32.59 17.89 -4.60
C VAL B 173 32.45 19.23 -5.29
N ALA B 174 33.34 19.51 -6.25
CA ALA B 174 33.40 20.82 -6.88
C ALA B 174 32.08 21.17 -7.57
N THR B 175 31.44 20.20 -8.20
CA THR B 175 30.12 20.44 -8.76
C THR B 175 29.21 20.99 -7.66
N ALA B 176 29.35 20.45 -6.45
CA ALA B 176 28.44 20.81 -5.38
C ALA B 176 28.69 22.22 -4.86
N HIS B 177 29.95 22.63 -4.82
CA HIS B 177 30.30 23.96 -4.29
C HIS B 177 30.04 25.08 -5.28
N ALA B 178 29.98 24.75 -6.57
CA ALA B 178 29.93 25.75 -7.65
C ALA B 178 28.53 25.93 -8.25
N LEU B 179 27.96 24.84 -8.75
CA LEU B 179 26.75 24.91 -9.55
C LEU B 179 25.47 24.75 -8.73
N SER B 180 25.59 24.97 -7.42
CA SER B 180 24.46 24.95 -6.50
C SER B 180 24.08 26.35 -6.04
N THR B 181 22.80 26.52 -5.69
CA THR B 181 22.31 27.81 -5.19
C THR B 181 23.17 28.41 -4.07
N GLY B 182 23.55 27.59 -3.09
CA GLY B 182 24.21 28.10 -1.90
C GLY B 182 25.53 27.47 -1.50
N GLY B 183 26.26 26.93 -2.48
CA GLY B 183 27.57 26.36 -2.22
C GLY B 183 27.57 25.00 -1.51
N LEU B 184 28.74 24.62 -1.01
CA LEU B 184 28.94 23.32 -0.39
C LEU B 184 28.25 23.20 0.99
N PRO B 185 28.35 24.25 1.86
CA PRO B 185 27.61 24.17 3.12
C PRO B 185 26.13 23.81 2.98
N VAL B 186 25.51 24.09 1.84
CA VAL B 186 24.14 23.64 1.64
C VAL B 186 24.14 22.31 0.92
N ALA B 187 24.90 22.22 -0.16
CA ALA B 187 24.74 21.11 -1.10
C ALA B 187 25.28 19.80 -0.57
N ARG B 188 26.03 19.83 0.54
CA ARG B 188 26.56 18.58 1.09
C ARG B 188 25.45 17.61 1.44
N THR B 189 24.27 18.13 1.78
CA THR B 189 23.10 17.31 2.08
C THR B 189 22.80 16.33 0.96
N SER B 190 22.97 16.80 -0.27
CA SER B 190 22.62 16.02 -1.46
C SER B 190 23.64 14.92 -1.64
N LEU B 191 24.89 15.21 -1.31
CA LEU B 191 25.92 14.19 -1.32
C LEU B 191 25.48 13.04 -0.39
N ARG B 192 25.30 13.36 0.90
CA ARG B 192 24.89 12.36 1.88
C ARG B 192 23.60 11.68 1.47
N SER B 193 22.66 12.45 0.94
CA SER B 193 21.42 11.85 0.49
C SER B 193 21.67 10.76 -0.56
N HIS B 194 22.65 11.02 -1.43
CA HIS B 194 22.97 10.11 -2.52
C HIS B 194 23.50 8.78 -1.99
N ALA B 195 24.55 8.85 -1.17
CA ALA B 195 25.04 7.64 -0.49
C ALA B 195 23.93 6.94 0.28
N GLU B 196 23.10 7.70 1.00
CA GLU B 196 22.10 7.06 1.86
C GLU B 196 21.08 6.23 1.07
N ALA B 197 20.73 6.65 -0.15
CA ALA B 197 19.71 5.90 -0.90
C ALA B 197 20.24 4.50 -1.22
N TYR B 198 21.56 4.43 -1.39
CA TYR B 198 22.26 3.17 -1.58
C TYR B 198 22.22 2.38 -0.27
N LEU B 199 22.97 2.85 0.74
CA LEU B 199 23.10 2.18 2.06
C LEU B 199 21.78 1.67 2.61
N ALA B 200 20.72 2.46 2.44
CA ALA B 200 19.38 2.05 2.82
C ALA B 200 18.98 0.69 2.23
N ARG B 201 19.44 0.38 1.01
CA ARG B 201 18.95 -0.83 0.37
C ARG B 201 19.90 -1.99 0.58
N ARG B 202 21.02 -1.75 1.25
CA ARG B 202 21.91 -2.85 1.57
C ARG B 202 21.61 -3.46 2.96
N SER B 203 21.55 -4.81 3.02
CA SER B 203 21.26 -5.53 4.26
C SER B 203 22.28 -5.29 5.35
N ASP B 204 23.54 -5.25 4.97
CA ASP B 204 24.61 -4.94 5.91
C ASP B 204 24.90 -3.45 5.90
N GLY B 205 23.89 -2.66 5.58
CA GLY B 205 23.99 -1.22 5.59
C GLY B 205 24.69 -0.67 6.83
N VAL B 206 24.36 -1.22 8.00
CA VAL B 206 24.96 -0.74 9.24
C VAL B 206 26.46 -1.03 9.35
N ARG B 207 26.87 -2.26 9.05
CA ARG B 207 28.30 -2.61 9.15
C ARG B 207 29.09 -1.89 8.08
N LEU B 208 28.41 -1.55 7.00
CA LEU B 208 29.02 -0.77 5.94
C LEU B 208 29.21 0.68 6.37
N ARG B 209 28.20 1.27 7.03
CA ARG B 209 28.32 2.61 7.57
C ARG B 209 29.48 2.66 8.55
N GLU B 210 29.67 1.59 9.30
CA GLU B 210 30.76 1.56 10.28
C GLU B 210 32.12 1.54 9.57
N LEU B 211 32.21 0.73 8.50
CA LEU B 211 33.44 0.65 7.70
C LEU B 211 33.78 2.02 7.14
N TRP B 212 32.79 2.64 6.50
CA TRP B 212 33.01 3.93 5.85
C TRP B 212 33.32 5.00 6.87
N ARG B 213 32.77 4.87 8.07
CA ARG B 213 33.06 5.85 9.12
C ARG B 213 34.44 5.59 9.75
N ASP B 214 34.80 4.32 9.96
CA ASP B 214 36.14 3.96 10.43
C ASP B 214 37.21 4.51 9.47
N HIS B 215 36.99 4.25 8.19
CA HIS B 215 37.91 4.69 7.16
C HIS B 215 38.05 6.19 7.14
N TYR B 216 36.93 6.91 7.19
CA TYR B 216 37.01 8.37 7.28
C TYR B 216 37.77 8.84 8.52
N ALA B 217 37.70 8.05 9.60
CA ALA B 217 38.31 8.46 10.85
C ALA B 217 39.83 8.40 10.75
N ARG B 218 40.33 7.27 10.24
CA ARG B 218 41.77 7.04 10.15
C ARG B 218 42.40 8.13 9.31
N ASN B 219 41.72 8.46 8.22
CA ASN B 219 42.29 9.34 7.22
C ASN B 219 41.58 10.67 7.14
N ARG B 220 41.24 11.20 8.32
CA ARG B 220 40.48 12.44 8.42
C ARG B 220 41.23 13.67 7.88
N GLU B 221 42.48 13.84 8.30
CA GLU B 221 43.25 15.01 7.88
C GLU B 221 43.39 15.02 6.35
N ALA B 222 43.47 13.82 5.77
CA ALA B 222 43.53 13.68 4.31
C ALA B 222 42.30 14.26 3.62
N PHE B 223 41.12 13.76 3.96
CA PHE B 223 39.89 14.21 3.32
C PHE B 223 39.55 15.65 3.66
N THR B 224 39.90 16.07 4.87
CA THR B 224 39.57 17.41 5.29
C THR B 224 40.44 18.44 4.55
N GLU B 225 41.69 18.07 4.25
CA GLU B 225 42.57 18.95 3.48
C GLU B 225 42.09 19.04 2.06
N ARG B 226 41.81 17.89 1.46
CA ARG B 226 41.49 17.87 0.05
C ARG B 226 40.16 18.56 -0.24
N LEU B 227 39.19 18.44 0.67
CA LEU B 227 37.92 19.13 0.51
C LEU B 227 38.14 20.64 0.50
N ILE B 228 38.96 21.12 1.44
CA ILE B 228 39.30 22.54 1.54
C ILE B 228 39.91 23.03 0.23
N ALA B 229 40.70 22.17 -0.41
CA ALA B 229 41.39 22.53 -1.66
C ALA B 229 40.46 22.49 -2.87
N VAL B 230 39.65 21.44 -2.99
CA VAL B 230 38.74 21.34 -4.12
C VAL B 230 37.75 22.50 -4.10
N ALA B 231 37.48 23.01 -2.90
CA ALA B 231 36.49 24.07 -2.73
C ALA B 231 37.10 25.44 -3.01
N SER B 232 38.36 25.61 -2.63
CA SER B 232 39.10 26.84 -2.91
C SER B 232 39.22 27.03 -4.42
N SER B 233 39.44 25.92 -5.10
CA SER B 233 39.80 25.94 -6.50
C SER B 233 38.57 25.86 -7.42
N ALA B 234 37.43 25.50 -6.87
CA ALA B 234 36.21 25.47 -7.66
C ALA B 234 35.64 26.88 -7.78
N GLU B 235 36.23 27.80 -7.03
CA GLU B 235 35.80 29.20 -7.03
C GLU B 235 37.00 30.15 -7.18
N SER B 236 37.51 30.28 -8.40
CA SER B 236 38.62 31.19 -8.70
C SER B 236 38.19 32.35 -9.60
N HIS B 242 44.66 25.92 -7.95
CA HIS B 242 45.84 25.07 -7.96
C HIS B 242 45.48 23.61 -8.30
N LEU B 243 44.40 23.45 -9.05
CA LEU B 243 44.00 22.16 -9.59
C LEU B 243 43.46 22.34 -11.01
N PRO B 244 43.69 21.34 -11.88
CA PRO B 244 43.29 21.56 -13.27
C PRO B 244 41.83 21.20 -13.51
N HIS B 245 41.54 19.90 -13.49
CA HIS B 245 40.25 19.31 -13.87
C HIS B 245 39.04 19.97 -13.23
N VAL B 246 39.26 20.60 -12.08
CA VAL B 246 38.19 21.26 -11.35
C VAL B 246 37.54 22.36 -12.17
N ARG B 247 38.22 23.49 -12.39
CA ARG B 247 37.58 24.60 -13.07
C ARG B 247 37.48 24.33 -14.57
N GLU B 248 38.13 23.28 -15.04
CA GLU B 248 37.82 22.74 -16.36
C GLU B 248 36.39 22.21 -16.33
N TRP B 249 36.11 21.33 -15.36
CA TRP B 249 34.78 20.72 -15.21
C TRP B 249 33.72 21.79 -14.87
N VAL B 250 34.07 22.70 -13.95
CA VAL B 250 33.18 23.80 -13.54
C VAL B 250 32.74 24.69 -14.72
N ARG B 251 33.71 25.21 -15.47
CA ARG B 251 33.42 26.08 -16.62
C ARG B 251 32.69 25.29 -17.72
N ARG B 252 33.05 24.01 -17.85
CA ARG B 252 32.42 23.12 -18.82
C ARG B 252 30.97 22.81 -18.48
N LEU B 253 30.59 23.00 -17.22
CA LEU B 253 29.26 22.57 -16.74
C LEU B 253 28.24 23.71 -16.56
N ARG B 254 28.73 24.91 -16.30
CA ARG B 254 27.84 26.06 -16.10
C ARG B 254 26.84 26.25 -17.26
N PRO B 255 27.30 26.11 -18.53
CA PRO B 255 26.33 26.29 -19.63
C PRO B 255 25.20 25.27 -19.66
N ILE B 256 25.45 24.06 -19.17
CA ILE B 256 24.37 23.09 -19.13
C ILE B 256 23.44 23.39 -17.93
N ARG B 257 23.98 23.98 -16.86
CA ARG B 257 23.15 24.39 -15.71
C ARG B 257 22.11 25.43 -16.08
N GLU B 258 22.55 26.55 -16.65
CA GLU B 258 21.69 27.69 -16.96
C GLU B 258 20.87 27.47 -18.22
N ARG B 259 21.30 26.54 -19.06
CA ARG B 259 20.46 26.08 -20.14
C ARG B 259 19.31 25.27 -19.52
N ALA B 260 19.65 24.43 -18.55
CA ALA B 260 18.65 23.59 -17.89
C ALA B 260 17.64 24.41 -17.10
N ARG B 261 18.13 25.47 -16.44
CA ARG B 261 17.26 26.39 -15.71
C ARG B 261 16.24 27.02 -16.64
N ALA B 262 16.72 27.47 -17.81
CA ALA B 262 15.84 27.99 -18.86
C ALA B 262 14.85 26.93 -19.32
N LEU B 263 15.32 25.69 -19.43
CA LEU B 263 14.50 24.61 -19.95
C LEU B 263 13.56 24.01 -18.90
N LEU B 264 13.36 24.73 -17.80
CA LEU B 264 12.32 24.40 -16.81
C LEU B 264 11.52 25.60 -16.35
N GLU B 265 12.14 26.78 -16.48
CA GLU B 265 11.41 28.03 -16.40
C GLU B 265 10.31 28.04 -17.47
N SER B 266 10.59 27.36 -18.57
CA SER B 266 9.62 27.14 -19.64
C SER B 266 8.80 25.87 -19.41
N GLY B 267 9.40 24.89 -18.73
CA GLY B 267 8.71 23.68 -18.33
C GLY B 267 8.54 22.62 -19.41
N GLU B 268 9.52 21.73 -19.51
CA GLU B 268 9.38 20.54 -20.37
C GLU B 268 9.89 19.28 -19.70
N LEU B 269 10.24 19.34 -18.42
CA LEU B 269 10.94 18.21 -17.79
C LEU B 269 11.15 18.21 -16.27
N THR B 270 10.23 17.58 -15.55
CA THR B 270 10.56 16.86 -14.30
C THR B 270 9.61 15.67 -14.17
N LEU B 271 9.47 14.91 -15.24
CA LEU B 271 8.68 13.69 -15.18
C LEU B 271 9.42 12.65 -14.34
N GLU B 272 10.74 12.63 -14.48
CA GLU B 272 11.62 11.80 -13.66
C GLU B 272 12.83 12.63 -13.22
N ASP B 307 10.76 26.36 -7.34
CA ASP B 307 11.49 25.18 -6.88
C ASP B 307 12.56 24.78 -7.87
N SER B 308 12.09 24.44 -9.07
CA SER B 308 12.90 23.75 -10.07
C SER B 308 14.03 24.54 -10.76
N PRO B 309 13.96 25.88 -10.81
CA PRO B 309 15.20 26.45 -11.36
C PRO B 309 16.41 26.32 -10.44
N ALA B 310 16.20 26.32 -9.13
CA ALA B 310 17.30 26.11 -8.18
C ALA B 310 17.59 24.62 -8.07
N PHE B 311 17.21 24.03 -6.94
CA PHE B 311 17.34 22.59 -6.74
C PHE B 311 16.48 21.81 -7.71
N GLY B 312 16.82 21.92 -8.99
CA GLY B 312 16.18 21.20 -10.08
C GLY B 312 17.12 21.22 -11.26
N ALA B 313 17.72 22.39 -11.47
CA ALA B 313 18.80 22.53 -12.42
C ALA B 313 20.02 21.83 -11.87
N TYR B 314 20.47 22.28 -10.69
CA TYR B 314 21.59 21.67 -9.99
C TYR B 314 21.45 20.17 -9.86
N ARG B 315 20.23 19.69 -9.68
CA ARG B 315 20.02 18.26 -9.52
C ARG B 315 20.31 17.57 -10.85
N LEU B 316 20.12 18.30 -11.95
CA LEU B 316 20.40 17.75 -13.27
C LEU B 316 21.91 17.75 -13.55
N VAL B 317 22.56 18.84 -13.20
CA VAL B 317 24.00 18.96 -13.35
C VAL B 317 24.72 17.88 -12.51
N ILE B 318 24.31 17.72 -11.25
CA ILE B 318 24.95 16.76 -10.36
C ILE B 318 24.75 15.31 -10.84
N ASN B 319 23.59 14.96 -11.37
CA ASN B 319 23.36 13.60 -11.86
C ASN B 319 24.11 13.28 -13.15
N CYS B 320 24.33 14.30 -13.96
CA CYS B 320 25.22 14.17 -15.10
C CYS B 320 26.66 13.98 -14.59
N THR B 321 27.08 14.73 -13.57
CA THR B 321 28.35 14.47 -12.91
C THR B 321 28.45 13.02 -12.39
N TYR B 322 27.32 12.35 -12.17
CA TYR B 322 27.38 10.93 -11.77
C TYR B 322 27.47 10.06 -13.01
N LEU B 323 26.71 10.44 -14.03
CA LEU B 323 26.70 9.71 -15.30
C LEU B 323 28.07 9.72 -16.01
N HIS B 324 28.76 10.86 -15.89
CA HIS B 324 30.18 11.02 -16.22
C HIS B 324 31.10 10.05 -15.49
N LEU B 325 30.86 9.85 -14.20
CA LEU B 325 31.73 8.98 -13.40
C LEU B 325 31.56 7.56 -13.87
N THR B 326 30.37 7.21 -14.32
CA THR B 326 30.18 5.87 -14.84
C THR B 326 30.97 5.74 -16.14
N ARG B 327 31.00 6.83 -16.90
CA ARG B 327 31.73 6.89 -18.14
C ARG B 327 33.23 6.70 -17.88
N LEU B 328 33.71 7.22 -16.75
CA LEU B 328 35.11 7.03 -16.40
C LEU B 328 35.39 5.64 -15.80
N GLY B 329 34.39 4.76 -15.81
CA GLY B 329 34.55 3.42 -15.25
C GLY B 329 34.35 3.20 -13.73
N LEU B 330 34.10 4.27 -12.98
CA LEU B 330 33.84 4.17 -11.54
C LEU B 330 32.54 3.42 -11.24
N THR B 331 32.66 2.35 -10.45
CA THR B 331 31.48 1.54 -10.07
C THR B 331 30.54 2.31 -9.13
N PRO B 332 29.25 1.96 -9.19
CA PRO B 332 28.25 2.51 -8.25
C PRO B 332 28.76 2.47 -6.79
N HIS B 333 29.22 1.33 -6.33
CA HIS B 333 29.74 1.24 -4.97
C HIS B 333 30.81 2.26 -4.67
N GLN B 334 31.73 2.54 -5.58
CA GLN B 334 32.75 3.55 -5.25
C GLN B 334 32.20 4.99 -5.34
N ARG B 335 31.17 5.17 -6.17
CA ARG B 335 30.51 6.46 -6.29
C ARG B 335 29.96 6.83 -4.93
N PHE B 336 29.02 6.02 -4.45
CA PHE B 336 28.39 6.17 -3.14
C PHE B 336 29.41 6.31 -2.02
N LEU B 337 30.39 5.41 -2.01
CA LEU B 337 31.50 5.50 -1.07
C LEU B 337 32.16 6.89 -1.11
N VAL B 338 32.35 7.45 -2.30
CA VAL B 338 33.02 8.75 -2.39
C VAL B 338 32.09 9.90 -1.91
N CYS B 339 30.80 9.82 -2.21
CA CYS B 339 29.88 10.86 -1.74
C CYS B 339 29.79 10.85 -0.22
N HIS B 340 29.72 9.65 0.34
CA HIS B 340 29.68 9.49 1.79
C HIS B 340 30.89 10.13 2.44
N LEU B 341 32.08 9.88 1.89
CA LEU B 341 33.30 10.48 2.41
C LEU B 341 33.27 12.00 2.30
N ALA B 342 32.67 12.51 1.23
CA ALA B 342 32.61 13.95 1.07
C ALA B 342 31.76 14.57 2.16
N ALA B 343 30.59 13.98 2.37
CA ALA B 343 29.62 14.52 3.31
C ALA B 343 30.21 14.59 4.71
N ASP B 344 30.85 13.49 5.12
CA ASP B 344 31.56 13.42 6.38
C ASP B 344 32.62 14.49 6.44
N ALA B 345 33.42 14.54 5.38
CA ALA B 345 34.42 15.57 5.24
C ALA B 345 33.76 16.95 5.29
N ALA B 346 32.66 17.09 4.56
CA ALA B 346 31.91 18.34 4.56
C ALA B 346 31.48 18.69 5.98
N ALA B 347 31.09 17.68 6.75
CA ALA B 347 30.69 17.90 8.13
C ALA B 347 31.80 18.56 8.99
N ASP B 348 33.02 18.02 8.94
CA ASP B 348 34.09 18.54 9.80
C ASP B 348 34.59 19.94 9.40
N VAL B 349 34.31 20.37 8.16
CA VAL B 349 34.81 21.65 7.71
C VAL B 349 33.73 22.75 7.71
N TYR B 350 32.51 22.42 7.27
CA TYR B 350 31.44 23.40 7.19
C TYR B 350 30.38 23.23 8.28
N GLY B 351 30.56 22.22 9.12
CA GLY B 351 29.69 22.01 10.26
C GLY B 351 30.07 22.97 11.37
N ILE B 352 31.25 23.56 11.26
CA ILE B 352 31.71 24.49 12.28
C ILE B 352 31.65 25.94 11.76
N ALA B 353 30.42 26.41 11.48
CA ALA B 353 30.20 27.79 11.00
C ALA B 353 28.99 28.44 11.67
N GLU C 8 -27.92 -37.90 16.88
CA GLU C 8 -26.53 -38.23 17.18
C GLU C 8 -25.58 -37.56 16.20
N ARG C 9 -25.94 -37.46 14.92
CA ARG C 9 -25.14 -36.70 13.94
C ARG C 9 -25.90 -35.49 13.34
N TRP C 10 -25.17 -34.50 12.79
CA TRP C 10 -25.82 -33.41 12.02
C TRP C 10 -25.79 -33.69 10.51
N TRP C 11 -26.98 -33.89 9.94
CA TRP C 11 -27.10 -34.20 8.52
C TRP C 11 -27.46 -32.93 7.76
N ARG C 12 -26.87 -32.78 6.57
CA ARG C 12 -27.05 -31.56 5.81
C ARG C 12 -27.70 -31.73 4.44
N PHE C 13 -28.58 -30.80 4.12
CA PHE C 13 -29.20 -30.76 2.80
C PHE C 13 -29.07 -29.37 2.14
N ARG C 14 -28.81 -29.35 0.85
CA ARG C 14 -28.79 -28.08 0.13
C ARG C 14 -29.99 -28.02 -0.80
N VAL C 15 -30.74 -26.92 -0.76
CA VAL C 15 -31.85 -26.78 -1.67
C VAL C 15 -31.68 -25.55 -2.53
N ASP C 16 -31.26 -25.73 -3.80
CA ASP C 16 -31.12 -24.61 -4.69
C ASP C 16 -32.50 -24.07 -5.04
N TYR C 17 -32.65 -22.76 -4.97
CA TYR C 17 -33.86 -22.04 -5.35
C TYR C 17 -33.45 -20.59 -5.73
N HIS C 18 -32.94 -20.45 -6.94
CA HIS C 18 -32.13 -19.29 -7.32
C HIS C 18 -32.89 -17.97 -7.47
N ALA C 19 -33.92 -17.93 -8.30
CA ALA C 19 -34.70 -16.72 -8.45
C ALA C 19 -36.00 -16.77 -7.66
N GLY C 20 -36.41 -17.97 -7.26
CA GLY C 20 -37.70 -18.16 -6.62
C GLY C 20 -37.74 -17.45 -5.29
N PRO C 21 -38.96 -17.15 -4.82
CA PRO C 21 -39.20 -16.45 -3.55
C PRO C 21 -38.86 -17.30 -2.34
N MET C 22 -37.61 -17.14 -1.90
CA MET C 22 -37.10 -17.90 -0.77
C MET C 22 -38.00 -17.87 0.50
N ASP C 23 -38.86 -16.88 0.65
CA ASP C 23 -39.75 -16.87 1.81
C ASP C 23 -40.81 -17.99 1.69
N ASP C 24 -41.35 -18.16 0.48
CA ASP C 24 -42.35 -19.19 0.18
C ASP C 24 -41.75 -20.60 0.33
N LEU C 25 -40.64 -20.89 -0.34
CA LEU C 25 -39.95 -22.16 -0.11
C LEU C 25 -39.78 -22.44 1.38
N ILE C 26 -39.58 -21.41 2.18
CA ILE C 26 -39.46 -21.61 3.61
C ILE C 26 -40.84 -21.92 4.24
N LEU C 27 -41.86 -21.12 3.93
CA LEU C 27 -43.14 -21.20 4.61
C LEU C 27 -43.98 -22.39 4.14
N ASP C 28 -43.96 -22.61 2.82
CA ASP C 28 -44.82 -23.59 2.19
C ASP C 28 -44.06 -24.86 1.77
N GLY C 29 -42.81 -24.99 2.18
CA GLY C 29 -42.01 -26.14 1.77
C GLY C 29 -41.23 -26.76 2.90
N VAL C 30 -40.26 -26.04 3.42
CA VAL C 30 -39.39 -26.55 4.47
C VAL C 30 -40.15 -26.67 5.81
N ARG C 31 -41.08 -25.76 6.09
CA ARG C 31 -41.80 -25.77 7.37
C ARG C 31 -42.70 -27.03 7.52
N PRO C 32 -43.54 -27.34 6.50
CA PRO C 32 -44.25 -28.61 6.69
C PRO C 32 -43.27 -29.81 6.79
N ALA C 33 -42.26 -29.88 5.92
CA ALA C 33 -41.34 -31.02 5.95
C ALA C 33 -40.77 -31.21 7.34
N PHE C 34 -40.32 -30.13 7.95
CA PHE C 34 -39.77 -30.14 9.31
C PHE C 34 -40.74 -30.64 10.36
N ALA C 35 -42.04 -30.39 10.16
CA ALA C 35 -43.07 -30.90 11.08
C ALA C 35 -43.26 -32.43 10.90
N ALA C 36 -43.25 -32.90 9.66
CA ALA C 36 -43.46 -34.29 9.36
C ALA C 36 -42.41 -35.22 9.99
N PHE C 37 -41.23 -34.70 10.34
CA PHE C 37 -40.31 -35.53 11.11
C PHE C 37 -39.97 -34.98 12.48
N ALA C 38 -40.77 -34.02 12.96
CA ALA C 38 -40.51 -33.49 14.30
C ALA C 38 -40.45 -34.65 15.32
N ALA C 39 -41.44 -35.54 15.28
CA ALA C 39 -41.56 -36.66 16.23
C ALA C 39 -40.26 -37.45 16.42
N GLN C 40 -39.50 -37.64 15.35
CA GLN C 40 -38.25 -38.41 15.42
C GLN C 40 -37.01 -37.50 15.52
N ALA C 41 -37.16 -36.25 15.07
CA ALA C 41 -35.99 -35.40 14.89
C ALA C 41 -36.36 -33.94 15.07
N PRO C 42 -36.53 -33.53 16.34
CA PRO C 42 -36.94 -32.14 16.62
C PRO C 42 -35.77 -31.13 16.55
N MET C 43 -34.52 -31.53 16.72
CA MET C 43 -33.43 -30.57 16.51
C MET C 43 -33.13 -30.38 15.02
N ALA C 44 -33.63 -29.28 14.48
CA ALA C 44 -33.42 -28.94 13.08
C ALA C 44 -33.47 -27.42 12.81
N TYR C 45 -32.63 -26.94 11.91
CA TYR C 45 -32.76 -25.56 11.45
C TYR C 45 -32.37 -25.42 9.99
N PHE C 46 -32.54 -24.21 9.48
CA PHE C 46 -32.14 -23.88 8.10
C PHE C 46 -31.53 -22.45 7.98
N LEU C 47 -30.60 -22.29 7.04
CA LEU C 47 -29.83 -21.05 6.78
C LEU C 47 -29.89 -20.61 5.32
N ARG C 48 -30.02 -19.31 5.03
CA ARG C 48 -29.86 -18.83 3.64
C ARG C 48 -28.38 -18.72 3.26
N HIS C 49 -28.11 -18.88 1.98
CA HIS C 49 -26.78 -18.60 1.47
C HIS C 49 -26.74 -18.39 -0.04
N TRP C 50 -25.62 -17.85 -0.53
CA TRP C 50 -25.51 -17.32 -1.89
C TRP C 50 -24.53 -18.15 -2.70
N ARG C 51 -23.66 -18.89 -2.03
CA ARG C 51 -22.58 -19.50 -2.81
C ARG C 51 -23.11 -20.56 -3.79
N ARG C 52 -22.69 -20.38 -5.05
CA ARG C 52 -23.08 -21.22 -6.16
C ARG C 52 -24.58 -21.12 -6.42
N GLY C 53 -25.17 -20.01 -6.00
CA GLY C 53 -26.56 -19.73 -6.25
C GLY C 53 -27.34 -19.63 -4.94
N PRO C 54 -28.36 -18.75 -4.91
CA PRO C 54 -29.21 -18.66 -3.70
C PRO C 54 -29.81 -20.02 -3.35
N HIS C 55 -29.58 -20.49 -2.13
CA HIS C 55 -29.95 -21.85 -1.73
C HIS C 55 -30.19 -21.93 -0.23
N LEU C 56 -30.96 -22.92 0.25
CA LEU C 56 -31.05 -23.13 1.70
C LEU C 56 -30.04 -24.18 2.12
N ARG C 57 -29.64 -24.15 3.38
CA ARG C 57 -28.89 -25.29 3.90
C ARG C 57 -29.73 -25.84 5.05
N ILE C 58 -30.07 -27.13 5.01
CA ILE C 58 -30.88 -27.81 6.03
C ILE C 58 -30.01 -28.54 7.04
N TYR C 59 -30.21 -28.26 8.32
CA TYR C 59 -29.44 -28.96 9.34
C TYR C 59 -30.37 -29.81 10.20
N VAL C 60 -30.14 -31.12 10.22
CA VAL C 60 -31.00 -32.03 11.00
C VAL C 60 -30.20 -33.01 11.84
N SER C 61 -30.54 -33.11 13.12
CA SER C 61 -29.90 -34.10 13.98
C SER C 61 -30.70 -35.41 14.25
N THR C 62 -30.32 -36.53 13.61
CA THR C 62 -30.65 -37.88 14.10
C THR C 62 -29.64 -38.95 13.70
N THR C 63 -30.10 -40.18 13.86
CA THR C 63 -29.37 -41.36 13.46
C THR C 63 -29.43 -41.54 11.94
N ARG C 64 -28.50 -42.29 11.37
CA ARG C 64 -28.59 -42.63 9.96
C ARG C 64 -29.93 -43.36 9.72
N GLU C 65 -30.34 -44.13 10.73
CA GLU C 65 -31.57 -44.90 10.65
C GLU C 65 -32.80 -44.02 10.54
N ALA C 66 -32.93 -43.00 11.37
CA ALA C 66 -34.09 -42.12 11.24
C ALA C 66 -33.96 -41.30 9.94
N LEU C 67 -32.72 -41.09 9.52
CA LEU C 67 -32.46 -40.30 8.33
C LEU C 67 -33.07 -40.95 7.14
N GLU C 68 -32.77 -42.23 6.92
CA GLU C 68 -33.30 -42.97 5.78
C GLU C 68 -34.80 -43.21 5.89
N ALA C 69 -35.28 -43.37 7.12
CA ALA C 69 -36.65 -43.80 7.32
C ALA C 69 -37.60 -42.64 7.27
N VAL C 70 -37.30 -41.59 8.02
CA VAL C 70 -38.25 -40.49 8.06
C VAL C 70 -37.74 -39.11 7.55
N VAL C 71 -36.51 -38.70 7.86
CA VAL C 71 -36.07 -37.33 7.49
C VAL C 71 -35.90 -37.12 5.97
N ARG C 72 -35.02 -37.89 5.36
CA ARG C 72 -34.82 -37.83 3.93
C ARG C 72 -36.12 -38.03 3.12
N PRO C 73 -37.00 -38.97 3.52
CA PRO C 73 -38.21 -38.99 2.68
C PRO C 73 -39.10 -37.76 2.90
N ALA C 74 -39.01 -37.16 4.08
CA ALA C 74 -39.82 -35.96 4.35
C ALA C 74 -39.34 -34.79 3.47
N ILE C 75 -38.02 -34.63 3.39
CA ILE C 75 -37.49 -33.51 2.63
C ILE C 75 -37.74 -33.73 1.14
N GLU C 76 -37.47 -34.94 0.65
CA GLU C 76 -37.61 -35.20 -0.79
C GLU C 76 -39.06 -35.05 -1.22
N HIS C 77 -40.00 -35.44 -0.36
CA HIS C 77 -41.38 -35.42 -0.80
C HIS C 77 -42.05 -34.08 -0.62
N VAL C 78 -41.98 -33.52 0.60
CA VAL C 78 -42.57 -32.21 0.87
C VAL C 78 -41.85 -30.99 0.24
N VAL C 79 -40.52 -30.85 0.45
CA VAL C 79 -39.75 -29.77 -0.17
C VAL C 79 -39.70 -29.99 -1.69
N GLY C 80 -39.48 -31.23 -2.10
CA GLY C 80 -39.47 -31.57 -3.51
C GLY C 80 -40.80 -31.28 -4.17
N GLY C 81 -41.85 -31.41 -3.38
CA GLY C 81 -43.18 -31.12 -3.85
C GLY C 81 -43.32 -29.65 -4.11
N TYR C 82 -42.80 -28.84 -3.18
CA TYR C 82 -42.86 -27.38 -3.36
C TYR C 82 -42.11 -26.99 -4.63
N LEU C 83 -40.90 -27.52 -4.79
CA LEU C 83 -40.05 -27.20 -5.91
C LEU C 83 -40.70 -27.42 -7.27
N ARG C 84 -41.56 -28.45 -7.39
CA ARG C 84 -42.14 -28.80 -8.69
C ARG C 84 -43.32 -27.91 -9.00
N ALA C 85 -44.10 -27.63 -7.96
CA ALA C 85 -45.25 -26.73 -8.02
C ALA C 85 -44.86 -25.26 -8.30
N ARG C 86 -43.75 -24.80 -7.73
CA ARG C 86 -43.31 -23.41 -7.89
C ARG C 86 -41.81 -23.36 -8.19
N PRO C 87 -41.40 -23.95 -9.31
CA PRO C 87 -39.99 -23.92 -9.68
C PRO C 87 -39.42 -22.50 -9.76
N SER C 88 -38.17 -22.34 -9.37
CA SER C 88 -37.49 -21.08 -9.60
C SER C 88 -37.27 -20.93 -11.09
N PRO C 89 -37.52 -19.72 -11.63
CA PRO C 89 -37.33 -19.51 -13.08
C PRO C 89 -35.86 -19.51 -13.44
N GLY C 90 -34.99 -19.32 -12.45
CA GLY C 90 -33.55 -19.33 -12.65
C GLY C 90 -32.94 -17.94 -12.82
N MET C 91 -31.61 -17.87 -12.92
CA MET C 91 -30.95 -16.61 -13.27
C MET C 91 -30.41 -16.65 -14.70
N ALA C 92 -30.79 -15.66 -15.50
CA ALA C 92 -30.33 -15.55 -16.88
C ALA C 92 -28.81 -15.66 -17.03
N ASP C 93 -28.08 -15.09 -16.06
CA ASP C 93 -26.64 -14.89 -16.20
C ASP C 93 -25.91 -14.92 -14.85
N PRO C 94 -25.62 -16.13 -14.34
CA PRO C 94 -24.93 -16.32 -13.05
C PRO C 94 -23.64 -15.51 -12.88
N SER C 95 -22.85 -15.32 -13.94
CA SER C 95 -21.58 -14.56 -13.84
C SER C 95 -21.81 -13.12 -13.38
N ALA C 96 -22.95 -12.53 -13.77
CA ALA C 96 -23.34 -11.20 -13.28
C ALA C 96 -23.26 -11.04 -11.78
N PHE C 97 -23.29 -12.14 -11.05
CA PHE C 97 -23.37 -12.08 -9.59
C PHE C 97 -21.97 -12.06 -8.96
N LEU C 98 -20.93 -12.16 -9.77
CA LEU C 98 -19.58 -12.24 -9.21
C LEU C 98 -19.12 -10.90 -8.54
N PRO C 99 -19.46 -9.72 -9.12
CA PRO C 99 -19.21 -8.50 -8.36
C PRO C 99 -19.74 -8.53 -6.93
N LEU C 100 -20.78 -9.33 -6.65
CA LEU C 100 -21.25 -9.56 -5.27
C LEU C 100 -20.59 -10.78 -4.60
N HIS C 101 -20.69 -11.95 -5.21
CA HIS C 101 -20.23 -13.16 -4.51
C HIS C 101 -18.73 -13.09 -4.17
N GLU C 102 -17.93 -12.69 -5.14
CA GLU C 102 -16.50 -12.57 -4.96
C GLU C 102 -16.14 -11.70 -3.73
N ARG C 103 -16.89 -10.60 -3.58
CA ARG C 103 -16.75 -9.70 -2.44
C ARG C 103 -17.21 -10.39 -1.16
N LEU C 104 -18.30 -11.14 -1.26
CA LEU C 104 -18.85 -11.87 -0.11
C LEU C 104 -17.92 -13.00 0.31
N ALA C 105 -17.19 -13.57 -0.66
CA ALA C 105 -16.27 -14.67 -0.36
C ALA C 105 -15.04 -14.23 0.48
N GLU C 106 -14.47 -13.06 0.18
CA GLU C 106 -13.36 -12.59 1.01
C GLU C 106 -13.87 -12.13 2.38
N LEU C 107 -15.05 -11.51 2.39
CA LEU C 107 -15.63 -10.98 3.64
C LEU C 107 -15.92 -12.06 4.66
N GLU C 108 -16.38 -13.22 4.20
CA GLU C 108 -16.65 -14.35 5.08
C GLU C 108 -15.43 -15.24 5.28
N GLY C 109 -14.51 -15.17 4.33
CA GLY C 109 -13.36 -16.06 4.28
C GLY C 109 -13.82 -17.43 3.82
N GLU C 110 -14.40 -17.47 2.62
CA GLU C 110 -15.19 -18.62 2.19
C GLU C 110 -14.36 -19.83 1.76
N ASP C 111 -13.57 -19.66 0.71
CA ASP C 111 -12.72 -20.73 0.20
C ASP C 111 -13.54 -21.94 -0.28
N GLY C 112 -14.33 -21.72 -1.33
CA GLY C 112 -14.97 -22.79 -2.08
C GLY C 112 -15.13 -22.20 -3.46
N PRO C 113 -15.31 -23.03 -4.49
CA PRO C 113 -15.52 -22.38 -5.80
C PRO C 113 -16.83 -21.62 -5.82
N LEU C 114 -16.89 -20.54 -6.59
CA LEU C 114 -18.12 -19.79 -6.74
C LEU C 114 -18.81 -20.13 -8.05
N MET C 115 -18.17 -20.95 -8.87
CA MET C 115 -18.68 -21.25 -10.21
C MET C 115 -18.26 -22.65 -10.63
N PRO C 116 -19.10 -23.33 -11.43
CA PRO C 116 -20.45 -22.91 -11.83
C PRO C 116 -21.49 -23.18 -10.76
N TRP C 117 -22.69 -22.64 -10.95
CA TRP C 117 -23.76 -22.78 -9.98
C TRP C 117 -24.32 -24.21 -9.98
N SER C 118 -24.69 -24.68 -8.78
CA SER C 118 -25.42 -25.94 -8.63
C SER C 118 -26.74 -25.79 -9.35
N PRO C 119 -27.26 -26.88 -9.94
CA PRO C 119 -28.49 -26.75 -10.72
C PRO C 119 -29.68 -26.35 -9.87
N ASP C 120 -30.53 -25.48 -10.42
CA ASP C 120 -31.66 -24.89 -9.70
C ASP C 120 -32.75 -25.92 -9.33
N ASN C 121 -33.53 -25.61 -8.30
CA ASN C 121 -34.70 -26.44 -7.96
C ASN C 121 -34.35 -27.90 -7.67
N THR C 122 -33.43 -28.11 -6.74
CA THR C 122 -32.79 -29.39 -6.58
C THR C 122 -32.41 -29.57 -5.12
N ILE C 123 -32.58 -30.79 -4.62
CA ILE C 123 -32.20 -31.11 -3.26
C ILE C 123 -30.94 -31.95 -3.36
N HIS C 124 -29.95 -31.69 -2.52
CA HIS C 124 -28.67 -32.39 -2.62
C HIS C 124 -28.25 -32.90 -1.25
N ALA C 125 -27.98 -34.21 -1.13
CA ALA C 125 -27.53 -34.67 0.18
C ALA C 125 -26.07 -34.31 0.35
N GLU C 126 -25.69 -33.81 1.53
CA GLU C 126 -24.32 -33.36 1.74
C GLU C 126 -23.65 -34.10 2.90
N GLY C 127 -24.33 -35.12 3.42
CA GLY C 127 -23.77 -35.98 4.44
C GLY C 127 -23.72 -35.36 5.82
N GLU C 128 -22.81 -35.85 6.66
CA GLU C 128 -22.71 -35.34 8.04
C GLU C 128 -21.59 -34.32 8.26
N ARG C 129 -21.87 -33.35 9.14
CA ARG C 129 -20.94 -32.27 9.47
C ARG C 129 -19.58 -32.74 9.96
N PRO C 130 -18.52 -32.62 9.09
CA PRO C 130 -17.22 -33.23 9.28
C PRO C 130 -17.21 -34.09 10.53
N GLU C 131 -16.64 -33.63 11.63
CA GLU C 131 -17.00 -34.27 12.91
C GLU C 131 -17.08 -33.23 14.08
N PRO C 132 -16.14 -33.21 15.04
CA PRO C 132 -16.53 -32.61 16.32
C PRO C 132 -16.87 -31.12 16.28
N LEU C 133 -17.83 -30.72 17.11
CA LEU C 133 -18.26 -29.34 17.16
C LEU C 133 -17.54 -28.60 18.26
N THR C 134 -17.45 -27.28 18.11
CA THR C 134 -16.97 -26.40 19.18
C THR C 134 -18.11 -26.18 20.15
N VAL C 135 -17.81 -25.64 21.33
CA VAL C 135 -18.87 -25.30 22.28
C VAL C 135 -19.68 -24.16 21.67
N ARG C 136 -18.98 -23.27 20.94
CA ARG C 136 -19.61 -22.17 20.23
C ARG C 136 -20.61 -22.67 19.19
N ASP C 137 -20.21 -23.68 18.41
CA ASP C 137 -21.10 -24.28 17.40
C ASP C 137 -22.39 -24.84 18.04
N VAL C 138 -22.21 -25.70 19.03
CA VAL C 138 -23.33 -26.30 19.74
C VAL C 138 -24.32 -25.24 20.23
N LEU C 139 -23.80 -24.14 20.79
CA LEU C 139 -24.65 -23.07 21.28
C LEU C 139 -25.31 -22.30 20.15
N LEU C 140 -24.67 -22.26 18.98
CA LEU C 140 -25.23 -21.51 17.85
C LEU C 140 -26.36 -22.32 17.20
N ALA C 141 -26.06 -23.59 16.92
CA ALA C 141 -27.05 -24.52 16.37
C ALA C 141 -28.33 -24.54 17.21
N ASP C 142 -28.16 -24.59 18.53
CA ASP C 142 -29.29 -24.50 19.44
C ASP C 142 -30.04 -23.15 19.34
N PHE C 143 -29.33 -22.04 19.20
CA PHE C 143 -30.00 -20.74 19.05
C PHE C 143 -30.91 -20.80 17.83
N TYR C 144 -30.36 -21.28 16.71
CA TYR C 144 -31.09 -21.36 15.44
C TYR C 144 -32.29 -22.27 15.63
N ALA C 145 -32.05 -23.44 16.20
CA ALA C 145 -33.11 -24.41 16.49
C ALA C 145 -34.29 -23.74 17.17
N ASP C 146 -34.03 -23.20 18.36
CA ASP C 146 -35.08 -22.63 19.19
C ASP C 146 -35.73 -21.38 18.58
N THR C 147 -35.16 -20.80 17.55
CA THR C 147 -35.76 -19.57 17.06
C THR C 147 -36.43 -19.73 15.70
N THR C 148 -36.41 -20.97 15.19
CA THR C 148 -37.09 -21.30 13.94
C THR C 148 -38.54 -20.78 13.92
N PRO C 149 -39.35 -21.09 14.97
CA PRO C 149 -40.71 -20.54 14.91
C PRO C 149 -40.75 -19.01 14.82
N SER C 150 -39.74 -18.35 15.37
CA SER C 150 -39.64 -16.89 15.29
C SER C 150 -39.38 -16.46 13.85
N VAL C 151 -38.50 -17.19 13.14
CA VAL C 151 -38.37 -16.97 11.70
C VAL C 151 -39.77 -17.08 11.08
N TYR C 152 -40.48 -18.19 11.37
CA TYR C 152 -41.79 -18.44 10.75
C TYR C 152 -42.70 -17.31 11.11
N HIS C 153 -42.68 -16.97 12.38
CA HIS C 153 -43.49 -15.84 12.84
C HIS C 153 -43.21 -14.55 12.09
N ALA C 154 -41.98 -14.32 11.58
CA ALA C 154 -41.70 -13.05 10.88
C ALA C 154 -42.07 -13.09 9.40
N LEU C 155 -41.69 -14.18 8.74
CA LEU C 155 -41.96 -14.36 7.31
C LEU C 155 -43.45 -14.34 6.95
N GLU C 156 -44.33 -14.82 7.84
CA GLU C 156 -45.80 -14.70 7.65
C GLU C 156 -46.24 -13.23 7.61
N ARG C 157 -45.83 -12.47 8.62
CA ARG C 157 -46.11 -11.03 8.69
C ARG C 157 -45.55 -10.31 7.48
N VAL C 158 -44.32 -10.66 7.08
CA VAL C 158 -43.76 -10.07 5.88
C VAL C 158 -44.59 -10.45 4.65
N ARG C 159 -45.11 -11.68 4.64
CA ARG C 159 -45.84 -12.17 3.48
C ARG C 159 -47.23 -11.56 3.32
N SER C 160 -47.91 -11.31 4.44
CA SER C 160 -49.15 -10.57 4.40
C SER C 160 -48.94 -9.07 4.60
N GLY C 161 -47.78 -8.53 4.21
CA GLY C 161 -47.62 -7.08 4.05
C GLY C 161 -46.56 -6.30 4.83
N ALA C 162 -46.28 -6.70 6.07
CA ALA C 162 -45.36 -5.99 6.96
C ALA C 162 -44.03 -5.59 6.31
N SER C 163 -43.47 -4.50 6.84
CA SER C 163 -42.13 -4.05 6.52
C SER C 163 -41.09 -4.94 7.21
N LEU C 164 -40.29 -5.65 6.41
CA LEU C 164 -39.19 -6.44 6.95
C LEU C 164 -38.24 -5.55 7.79
N PRO C 165 -37.77 -4.40 7.24
CA PRO C 165 -36.96 -3.49 8.08
C PRO C 165 -37.57 -3.12 9.43
N THR C 166 -38.86 -2.75 9.46
CA THR C 166 -39.48 -2.42 10.76
C THR C 166 -39.38 -3.59 11.74
N ILE C 167 -39.40 -4.82 11.23
CA ILE C 167 -39.31 -5.97 12.12
C ILE C 167 -37.89 -6.08 12.70
N ALA C 168 -36.88 -5.93 11.85
CA ALA C 168 -35.49 -5.74 12.28
C ALA C 168 -35.37 -4.67 13.36
N PHE C 169 -35.90 -3.48 13.05
CA PHE C 169 -35.95 -2.38 14.01
C PHE C 169 -36.46 -2.83 15.38
N ASP C 170 -37.64 -3.44 15.39
CA ASP C 170 -38.24 -3.87 16.64
C ASP C 170 -37.39 -4.95 17.31
N LEU C 171 -36.85 -5.86 16.53
CA LEU C 171 -36.09 -6.94 17.15
C LEU C 171 -34.78 -6.38 17.77
N VAL C 172 -33.90 -5.72 16.99
CA VAL C 172 -32.62 -5.25 17.57
C VAL C 172 -32.81 -4.24 18.73
N VAL C 173 -33.81 -3.35 18.64
CA VAL C 173 -34.02 -2.40 19.74
C VAL C 173 -34.38 -3.15 21.02
N ALA C 174 -35.21 -4.18 20.90
CA ALA C 174 -35.68 -4.88 22.06
C ALA C 174 -34.59 -5.80 22.62
N THR C 175 -33.74 -6.34 21.75
CA THR C 175 -32.65 -7.16 22.28
C THR C 175 -31.70 -6.31 23.06
N ALA C 176 -31.66 -5.03 22.72
CA ALA C 176 -30.71 -4.11 23.31
C ALA C 176 -31.23 -3.60 24.65
N HIS C 177 -32.54 -3.38 24.74
CA HIS C 177 -33.15 -2.89 25.95
C HIS C 177 -33.31 -3.98 27.04
N ALA C 178 -33.82 -5.13 26.64
CA ALA C 178 -34.20 -6.18 27.60
C ALA C 178 -33.04 -7.09 28.01
N LEU C 179 -32.03 -7.21 27.16
CA LEU C 179 -30.96 -8.15 27.46
C LEU C 179 -29.60 -7.54 27.60
N SER C 180 -29.53 -6.24 27.90
CA SER C 180 -28.22 -5.59 28.13
C SER C 180 -27.96 -5.39 29.61
N THR C 181 -26.74 -4.95 29.93
CA THR C 181 -26.39 -4.69 31.33
C THR C 181 -27.36 -3.71 31.97
N GLY C 182 -27.57 -2.56 31.34
CA GLY C 182 -28.46 -1.54 31.87
C GLY C 182 -29.38 -0.86 30.88
N GLY C 183 -30.00 -1.64 29.99
CA GLY C 183 -31.01 -1.11 29.10
C GLY C 183 -30.51 -0.34 27.89
N LEU C 184 -31.44 0.32 27.21
CA LEU C 184 -31.12 1.06 26.00
C LEU C 184 -30.08 2.21 26.18
N PRO C 185 -30.22 3.07 27.21
CA PRO C 185 -29.24 4.16 27.42
C PRO C 185 -27.76 3.76 27.37
N VAL C 186 -27.41 2.56 27.84
CA VAL C 186 -26.05 2.07 27.69
C VAL C 186 -25.89 1.24 26.42
N ALA C 187 -26.92 0.49 26.03
CA ALA C 187 -26.74 -0.48 24.95
C ALA C 187 -26.81 0.15 23.56
N ARG C 188 -27.51 1.29 23.44
CA ARG C 188 -27.63 2.02 22.17
C ARG C 188 -26.28 2.32 21.54
N THR C 189 -25.21 2.24 22.32
CA THR C 189 -23.89 2.44 21.77
C THR C 189 -23.56 1.34 20.76
N SER C 190 -23.74 0.09 21.19
CA SER C 190 -23.41 -1.08 20.36
C SER C 190 -24.13 -1.02 19.03
N LEU C 191 -25.39 -0.58 19.08
CA LEU C 191 -26.15 -0.30 17.89
C LEU C 191 -25.32 0.55 16.95
N ARG C 192 -25.03 1.80 17.35
CA ARG C 192 -24.26 2.68 16.50
C ARG C 192 -22.92 2.06 16.11
N SER C 193 -22.28 1.40 17.07
CA SER C 193 -20.99 0.79 16.77
C SER C 193 -21.10 -0.22 15.61
N HIS C 194 -22.23 -0.93 15.54
CA HIS C 194 -22.47 -1.89 14.45
C HIS C 194 -22.60 -1.17 13.12
N ALA C 195 -23.37 -0.08 13.06
CA ALA C 195 -23.48 0.69 11.81
C ALA C 195 -22.15 1.34 11.42
N GLU C 196 -21.44 1.87 12.41
CA GLU C 196 -20.20 2.60 12.14
C GLU C 196 -19.17 1.72 11.46
N ALA C 197 -19.12 0.43 11.81
CA ALA C 197 -18.08 -0.45 11.28
C ALA C 197 -18.26 -0.68 9.78
N TYR C 198 -19.48 -0.52 9.32
CA TYR C 198 -19.78 -0.63 7.91
C TYR C 198 -19.52 0.68 7.13
N LEU C 199 -20.02 1.79 7.67
CA LEU C 199 -19.72 3.13 7.11
C LEU C 199 -18.20 3.31 7.00
N ALA C 200 -17.49 2.93 8.06
CA ALA C 200 -16.03 2.97 8.07
C ALA C 200 -15.36 2.38 6.84
N ARG C 201 -15.87 1.24 6.37
CA ARG C 201 -15.19 0.54 5.30
C ARG C 201 -15.84 0.86 3.95
N ARG C 202 -16.79 1.79 3.94
CA ARG C 202 -17.40 2.18 2.68
C ARG C 202 -16.92 3.57 2.21
N SER C 203 -16.41 3.62 0.98
CA SER C 203 -15.81 4.86 0.48
C SER C 203 -16.84 5.97 0.23
N ASP C 204 -18.13 5.65 0.20
CA ASP C 204 -19.14 6.71 0.24
C ASP C 204 -19.68 6.89 1.68
N GLY C 205 -18.85 6.51 2.65
CA GLY C 205 -19.22 6.53 4.06
C GLY C 205 -19.91 7.82 4.46
N VAL C 206 -19.23 8.95 4.26
CA VAL C 206 -19.77 10.26 4.63
C VAL C 206 -21.04 10.59 3.86
N ARG C 207 -21.11 10.32 2.55
CA ARG C 207 -22.37 10.54 1.83
C ARG C 207 -23.50 9.59 2.31
N LEU C 208 -23.16 8.35 2.68
CA LEU C 208 -24.14 7.50 3.35
C LEU C 208 -24.70 8.13 4.61
N ARG C 209 -23.82 8.64 5.50
CA ARG C 209 -24.27 9.25 6.75
C ARG C 209 -25.21 10.42 6.52
N GLU C 210 -24.99 11.21 5.46
CA GLU C 210 -25.91 12.30 5.23
C GLU C 210 -27.30 11.82 4.82
N LEU C 211 -27.37 10.89 3.87
CA LEU C 211 -28.62 10.19 3.52
C LEU C 211 -29.34 9.69 4.75
N TRP C 212 -28.62 8.95 5.60
CA TRP C 212 -29.28 8.31 6.71
C TRP C 212 -29.70 9.34 7.76
N ARG C 213 -28.95 10.45 7.90
CA ARG C 213 -29.36 11.42 8.91
C ARG C 213 -30.46 12.36 8.41
N ASP C 214 -30.36 12.79 7.16
CA ASP C 214 -31.51 13.47 6.58
C ASP C 214 -32.78 12.62 6.76
N HIS C 215 -32.67 11.31 6.51
CA HIS C 215 -33.86 10.48 6.57
C HIS C 215 -34.39 10.41 8.00
N TYR C 216 -33.49 10.32 8.97
CA TYR C 216 -33.91 10.34 10.37
C TYR C 216 -34.57 11.68 10.70
N ALA C 217 -34.10 12.75 10.07
CA ALA C 217 -34.59 14.08 10.40
C ALA C 217 -36.00 14.27 9.88
N ARG C 218 -36.22 13.81 8.64
CA ARG C 218 -37.53 13.86 8.01
C ARG C 218 -38.60 13.16 8.84
N ASN C 219 -38.16 12.20 9.65
CA ASN C 219 -39.08 11.23 10.23
C ASN C 219 -38.80 10.98 11.69
N ARG C 220 -38.37 12.05 12.36
CA ARG C 220 -37.86 11.93 13.70
C ARG C 220 -38.90 11.36 14.65
N GLU C 221 -40.14 11.85 14.59
CA GLU C 221 -41.09 11.41 15.60
C GLU C 221 -41.65 10.02 15.30
N ALA C 222 -41.62 9.59 14.04
CA ALA C 222 -41.92 8.18 13.72
C ALA C 222 -40.97 7.24 14.45
N PHE C 223 -39.67 7.35 14.17
CA PHE C 223 -38.67 6.49 14.80
C PHE C 223 -38.62 6.59 16.32
N THR C 224 -38.90 7.78 16.86
CA THR C 224 -38.75 7.96 18.28
C THR C 224 -39.94 7.35 19.02
N GLU C 225 -41.12 7.45 18.41
CA GLU C 225 -42.34 6.91 19.02
C GLU C 225 -42.39 5.41 18.84
N ARG C 226 -41.93 4.95 17.69
CA ARG C 226 -41.72 3.53 17.51
C ARG C 226 -40.72 2.98 18.56
N LEU C 227 -39.67 3.74 18.88
CA LEU C 227 -38.64 3.27 19.79
C LEU C 227 -39.13 3.11 21.22
N ILE C 228 -39.99 4.03 21.68
CA ILE C 228 -40.46 3.96 23.05
C ILE C 228 -41.33 2.73 23.16
N ALA C 229 -42.16 2.51 22.13
CA ALA C 229 -43.09 1.38 22.10
C ALA C 229 -42.33 0.05 22.16
N VAL C 230 -41.32 -0.11 21.32
CA VAL C 230 -40.48 -1.30 21.41
C VAL C 230 -39.84 -1.34 22.80
N ALA C 231 -39.41 -0.18 23.30
CA ALA C 231 -38.79 -0.11 24.62
C ALA C 231 -39.81 -0.45 25.69
N SER C 232 -41.02 0.01 25.48
CA SER C 232 -42.16 -0.40 26.31
C SER C 232 -42.33 -1.93 26.43
N SER C 233 -42.60 -2.61 25.32
CA SER C 233 -43.01 -4.02 25.38
C SER C 233 -41.90 -4.94 25.88
N ALA C 234 -40.67 -4.58 25.57
CA ALA C 234 -39.51 -5.33 26.02
C ALA C 234 -39.57 -5.56 27.54
N GLU C 235 -39.79 -4.48 28.31
CA GLU C 235 -39.75 -4.55 29.78
C GLU C 235 -40.95 -5.31 30.37
N SER C 236 -42.15 -5.03 29.86
CA SER C 236 -43.38 -5.62 30.39
C SER C 236 -43.55 -7.09 29.98
N ALA C 241 -48.55 -4.96 26.88
CA ALA C 241 -49.07 -5.89 25.89
C ALA C 241 -49.56 -5.19 24.62
N HIS C 242 -48.64 -4.78 23.74
CA HIS C 242 -49.06 -4.22 22.45
C HIS C 242 -48.12 -4.47 21.26
N LEU C 243 -47.06 -5.24 21.45
CA LEU C 243 -46.24 -5.69 20.32
C LEU C 243 -45.90 -7.18 20.41
N PRO C 244 -46.30 -7.95 19.39
CA PRO C 244 -46.26 -9.41 19.49
C PRO C 244 -44.84 -9.95 19.59
N HIS C 245 -44.14 -9.91 18.46
CA HIS C 245 -42.84 -10.54 18.31
C HIS C 245 -41.82 -10.08 19.33
N VAL C 246 -41.87 -8.81 19.71
CA VAL C 246 -40.89 -8.25 20.63
C VAL C 246 -40.79 -9.08 21.89
N ARG C 247 -41.92 -9.24 22.59
CA ARG C 247 -41.91 -9.97 23.86
C ARG C 247 -41.68 -11.46 23.71
N GLU C 248 -42.16 -12.01 22.60
CA GLU C 248 -41.80 -13.38 22.25
C GLU C 248 -40.28 -13.49 22.01
N TRP C 249 -39.72 -12.60 21.17
CA TRP C 249 -38.28 -12.59 20.84
C TRP C 249 -37.39 -12.49 22.08
N VAL C 250 -37.82 -11.68 23.05
CA VAL C 250 -37.11 -11.55 24.31
C VAL C 250 -37.15 -12.83 25.14
N ARG C 251 -38.36 -13.33 25.39
CA ARG C 251 -38.57 -14.55 26.17
C ARG C 251 -37.86 -15.75 25.55
N ARG C 252 -37.87 -15.84 24.22
CA ARG C 252 -37.10 -16.87 23.53
C ARG C 252 -35.60 -16.73 23.84
N LEU C 253 -35.12 -15.49 23.90
CA LEU C 253 -33.67 -15.24 23.92
C LEU C 253 -32.98 -15.26 25.29
N ARG C 254 -33.71 -14.95 26.36
CA ARG C 254 -33.12 -14.91 27.70
C ARG C 254 -32.47 -16.23 28.19
N PRO C 255 -33.04 -17.42 27.83
CA PRO C 255 -32.35 -18.63 28.27
C PRO C 255 -30.99 -18.86 27.60
N ILE C 256 -30.76 -18.23 26.46
CA ILE C 256 -29.51 -18.43 25.73
C ILE C 256 -28.39 -17.62 26.36
N ARG C 257 -28.70 -16.40 26.79
CA ARG C 257 -27.65 -15.53 27.35
C ARG C 257 -27.24 -16.06 28.72
N GLU C 258 -28.21 -16.62 29.46
CA GLU C 258 -27.90 -17.26 30.73
C GLU C 258 -26.95 -18.43 30.45
N ARG C 259 -27.24 -19.19 29.38
CA ARG C 259 -26.41 -20.33 28.98
C ARG C 259 -25.07 -19.80 28.48
N ALA C 260 -25.13 -18.60 27.91
CA ALA C 260 -23.94 -17.94 27.40
C ALA C 260 -23.04 -17.53 28.56
N ARG C 261 -23.64 -16.92 29.57
CA ARG C 261 -22.87 -16.45 30.71
C ARG C 261 -22.19 -17.61 31.44
N ALA C 262 -22.89 -18.73 31.57
CA ALA C 262 -22.38 -19.87 32.35
C ALA C 262 -21.13 -20.48 31.71
N LEU C 263 -21.16 -20.62 30.39
CA LEU C 263 -20.04 -21.22 29.66
C LEU C 263 -18.96 -20.18 29.32
N LEU C 264 -19.26 -18.92 29.57
CA LEU C 264 -18.25 -17.87 29.51
C LEU C 264 -17.45 -17.87 30.81
N GLU C 265 -18.17 -17.96 31.94
CA GLU C 265 -17.59 -18.03 33.28
C GLU C 265 -16.75 -19.29 33.51
N SER C 266 -17.38 -20.45 33.33
CA SER C 266 -16.67 -21.72 33.36
C SER C 266 -15.48 -21.68 32.39
N GLY C 267 -15.69 -21.03 31.25
CA GLY C 267 -14.62 -20.81 30.30
C GLY C 267 -14.43 -21.90 29.27
N GLU C 268 -15.08 -21.73 28.12
CA GLU C 268 -14.80 -22.53 26.94
C GLU C 268 -14.80 -21.65 25.68
N LEU C 269 -15.15 -20.38 25.87
CA LEU C 269 -15.29 -19.43 24.77
C LEU C 269 -14.79 -18.04 25.11
N THR C 270 -14.16 -17.38 24.13
CA THR C 270 -13.92 -15.93 24.11
C THR C 270 -13.07 -15.56 22.90
N LEU C 271 -13.07 -16.45 21.90
CA LEU C 271 -12.18 -16.37 20.74
C LEU C 271 -12.69 -15.40 19.66
N GLU C 272 -13.93 -14.96 19.79
CA GLU C 272 -14.57 -14.12 18.78
C GLU C 272 -15.60 -13.17 19.42
N ASP C 307 -16.72 -9.33 34.09
CA ASP C 307 -16.41 -8.75 32.79
C ASP C 307 -17.12 -9.57 31.71
N SER C 308 -17.24 -10.87 31.93
CA SER C 308 -17.65 -11.75 30.84
C SER C 308 -19.17 -12.03 30.74
N PRO C 309 -19.91 -12.20 31.86
CA PRO C 309 -21.37 -12.27 31.60
C PRO C 309 -22.04 -10.92 31.30
N ALA C 310 -21.35 -9.82 31.58
CA ALA C 310 -21.81 -8.52 31.09
C ALA C 310 -21.54 -8.44 29.59
N PHE C 311 -20.55 -7.63 29.21
CA PHE C 311 -20.13 -7.49 27.82
C PHE C 311 -19.55 -8.79 27.26
N GLY C 312 -20.36 -9.85 27.26
CA GLY C 312 -19.98 -11.13 26.68
C GLY C 312 -21.25 -11.88 26.30
N ALA C 313 -22.14 -12.03 27.27
CA ALA C 313 -23.45 -12.62 27.06
C ALA C 313 -24.27 -11.76 26.11
N TYR C 314 -24.24 -10.44 26.32
CA TYR C 314 -24.95 -9.53 25.43
C TYR C 314 -24.29 -9.54 24.06
N ARG C 315 -22.95 -9.55 24.01
CA ARG C 315 -22.25 -9.52 22.72
C ARG C 315 -22.71 -10.71 21.87
N LEU C 316 -22.84 -11.87 22.52
CA LEU C 316 -23.23 -13.09 21.84
C LEU C 316 -24.71 -13.08 21.44
N VAL C 317 -25.58 -12.58 22.30
CA VAL C 317 -26.99 -12.68 21.98
C VAL C 317 -27.40 -11.62 20.95
N ILE C 318 -26.79 -10.43 21.00
CA ILE C 318 -27.11 -9.37 20.04
C ILE C 318 -26.55 -9.79 18.68
N ASN C 319 -25.42 -10.47 18.65
CA ASN C 319 -24.90 -10.92 17.37
C ASN C 319 -25.73 -12.06 16.78
N CYS C 320 -26.36 -12.85 17.65
CA CYS C 320 -27.29 -13.90 17.20
C CYS C 320 -28.57 -13.26 16.64
N THR C 321 -29.02 -12.16 17.24
CA THR C 321 -30.11 -11.39 16.65
C THR C 321 -29.77 -10.99 15.18
N TYR C 322 -28.54 -10.55 14.91
CA TYR C 322 -28.19 -10.14 13.55
C TYR C 322 -28.21 -11.35 12.62
N LEU C 323 -27.70 -12.48 13.09
CA LEU C 323 -27.78 -13.71 12.31
C LEU C 323 -29.25 -14.16 11.99
N HIS C 324 -30.17 -13.97 12.94
CA HIS C 324 -31.62 -14.14 12.71
C HIS C 324 -32.11 -13.25 11.54
N LEU C 325 -31.70 -11.97 11.52
CA LEU C 325 -32.20 -11.07 10.48
C LEU C 325 -31.67 -11.45 9.09
N THR C 326 -30.47 -12.02 9.05
CA THR C 326 -29.97 -12.59 7.79
C THR C 326 -30.89 -13.74 7.40
N ARG C 327 -31.15 -14.64 8.33
CA ARG C 327 -32.08 -15.73 8.13
C ARG C 327 -33.45 -15.23 7.66
N LEU C 328 -33.88 -14.07 8.18
CA LEU C 328 -35.12 -13.45 7.71
C LEU C 328 -35.05 -12.85 6.29
N GLY C 329 -33.88 -12.89 5.65
CA GLY C 329 -33.73 -12.22 4.35
C GLY C 329 -33.42 -10.70 4.33
N LEU C 330 -32.92 -10.16 5.44
CA LEU C 330 -32.55 -8.75 5.48
C LEU C 330 -31.12 -8.60 4.99
N THR C 331 -30.87 -7.66 4.07
CA THR C 331 -29.49 -7.48 3.59
C THR C 331 -28.62 -6.78 4.62
N PRO C 332 -27.32 -7.09 4.65
CA PRO C 332 -26.37 -6.26 5.44
C PRO C 332 -26.66 -4.73 5.39
N HIS C 333 -26.67 -4.13 4.21
CA HIS C 333 -27.05 -2.71 4.05
C HIS C 333 -28.31 -2.33 4.79
N GLN C 334 -29.38 -3.08 4.64
CA GLN C 334 -30.60 -2.70 5.34
C GLN C 334 -30.43 -2.83 6.83
N ARG C 335 -29.59 -3.76 7.26
CA ARG C 335 -29.49 -4.02 8.67
C ARG C 335 -28.71 -2.88 9.27
N PHE C 336 -27.61 -2.51 8.63
CA PHE C 336 -26.78 -1.40 9.12
C PHE C 336 -27.59 -0.09 9.19
N LEU C 337 -28.31 0.20 8.10
CA LEU C 337 -29.25 1.31 8.07
C LEU C 337 -30.14 1.29 9.31
N VAL C 338 -30.87 0.20 9.49
CA VAL C 338 -31.81 0.06 10.62
C VAL C 338 -31.11 0.35 11.93
N CYS C 339 -29.98 -0.30 12.14
CA CYS C 339 -29.15 -0.05 13.30
C CYS C 339 -28.77 1.43 13.49
N HIS C 340 -28.40 2.11 12.41
CA HIS C 340 -28.06 3.53 12.50
C HIS C 340 -29.27 4.30 13.00
N LEU C 341 -30.38 4.20 12.25
CA LEU C 341 -31.62 4.86 12.66
C LEU C 341 -32.06 4.51 14.08
N ALA C 342 -31.87 3.27 14.50
CA ALA C 342 -32.13 2.90 15.89
C ALA C 342 -31.32 3.79 16.83
N ALA C 343 -30.01 3.80 16.64
CA ALA C 343 -29.08 4.55 17.49
C ALA C 343 -29.42 6.03 17.54
N ASP C 344 -29.70 6.60 16.38
CA ASP C 344 -30.04 8.02 16.30
C ASP C 344 -31.27 8.34 17.11
N ALA C 345 -32.23 7.42 17.08
CA ALA C 345 -33.50 7.58 17.75
C ALA C 345 -33.32 7.42 19.26
N ALA C 346 -32.33 6.63 19.66
CA ALA C 346 -32.01 6.50 21.06
C ALA C 346 -31.24 7.75 21.56
N ALA C 347 -30.56 8.45 20.65
CA ALA C 347 -29.99 9.75 20.97
C ALA C 347 -31.09 10.76 21.39
N ASP C 348 -32.09 10.93 20.55
CA ASP C 348 -33.18 11.84 20.88
C ASP C 348 -34.07 11.40 22.06
N VAL C 349 -33.87 10.19 22.58
CA VAL C 349 -34.74 9.72 23.65
C VAL C 349 -33.97 9.72 24.94
N TYR C 350 -32.87 8.97 24.96
CA TYR C 350 -32.06 8.80 26.16
C TYR C 350 -30.84 9.72 26.18
N GLY C 351 -30.85 10.73 25.31
CA GLY C 351 -29.79 11.72 25.28
C GLY C 351 -30.18 13.00 25.98
N ILE C 352 -31.49 13.20 26.14
CA ILE C 352 -32.01 14.35 26.86
C ILE C 352 -32.18 13.98 28.35
N ALA C 353 -31.10 13.46 28.95
CA ALA C 353 -31.15 12.97 30.33
C ALA C 353 -30.92 14.08 31.34
N GLU D 8 3.65 -12.96 46.51
CA GLU D 8 2.89 -14.07 45.95
C GLU D 8 2.20 -13.73 44.62
N ARG D 9 1.68 -12.51 44.49
CA ARG D 9 1.00 -12.04 43.28
C ARG D 9 1.42 -10.62 42.90
N TRP D 10 1.42 -10.32 41.60
CA TRP D 10 1.77 -8.96 41.14
C TRP D 10 0.55 -8.04 41.13
N TRP D 11 0.54 -7.04 42.01
CA TRP D 11 -0.57 -6.11 42.14
C TRP D 11 -0.24 -4.72 41.55
N ARG D 12 -1.14 -4.22 40.69
CA ARG D 12 -0.86 -3.06 39.85
C ARG D 12 -1.65 -1.81 40.22
N PHE D 13 -0.96 -0.69 40.42
CA PHE D 13 -1.62 0.59 40.69
C PHE D 13 -1.28 1.65 39.63
N ARG D 14 -2.27 2.49 39.30
CA ARG D 14 -2.12 3.59 38.37
C ARG D 14 -2.15 4.91 39.10
N VAL D 15 -1.06 5.70 39.00
CA VAL D 15 -1.00 7.09 39.48
C VAL D 15 -0.98 8.10 38.30
N ASP D 16 -1.96 9.01 38.27
CA ASP D 16 -2.09 9.95 37.16
C ASP D 16 -1.47 11.28 37.53
N TYR D 17 -0.62 11.79 36.63
CA TYR D 17 0.13 13.02 36.84
C TYR D 17 0.51 13.60 35.47
N HIS D 18 -0.42 14.35 34.89
CA HIS D 18 -0.37 14.69 33.47
C HIS D 18 0.64 15.77 33.11
N ALA D 19 0.83 16.71 34.01
CA ALA D 19 1.59 17.90 33.68
C ALA D 19 2.62 18.24 34.74
N GLY D 20 2.51 17.55 35.88
CA GLY D 20 3.40 17.80 37.00
C GLY D 20 4.77 17.21 36.76
N PRO D 21 5.71 17.50 37.66
CA PRO D 21 7.07 16.98 37.45
C PRO D 21 7.16 15.53 37.87
N MET D 22 6.99 14.64 36.91
CA MET D 22 7.02 13.22 37.17
C MET D 22 8.18 12.83 38.07
N ASP D 23 9.36 13.41 37.83
CA ASP D 23 10.54 13.09 38.63
C ASP D 23 10.30 13.29 40.14
N ASP D 24 9.54 14.33 40.50
CA ASP D 24 9.28 14.60 41.90
C ASP D 24 8.25 13.61 42.52
N LEU D 25 7.20 13.27 41.76
CA LEU D 25 6.28 12.25 42.23
C LEU D 25 7.04 10.93 42.46
N ILE D 26 8.03 10.63 41.64
CA ILE D 26 8.81 9.42 41.85
C ILE D 26 9.66 9.54 43.12
N LEU D 27 10.33 10.67 43.32
CA LEU D 27 11.28 10.79 44.40
C LEU D 27 10.58 11.02 45.75
N ASP D 28 9.61 11.95 45.73
CA ASP D 28 8.94 12.45 46.93
C ASP D 28 7.60 11.80 47.24
N GLY D 29 7.19 10.84 46.42
CA GLY D 29 5.90 10.24 46.61
C GLY D 29 6.04 8.75 46.61
N VAL D 30 6.49 8.22 45.49
CA VAL D 30 6.49 6.78 45.32
C VAL D 30 7.59 6.16 46.17
N ARG D 31 8.77 6.79 46.20
CA ARG D 31 9.89 6.25 46.99
C ARG D 31 9.52 6.07 48.49
N PRO D 32 9.00 7.12 49.17
CA PRO D 32 8.51 6.92 50.55
C PRO D 32 7.57 5.74 50.66
N ALA D 33 6.46 5.80 49.93
CA ALA D 33 5.50 4.73 49.91
C ALA D 33 6.17 3.37 49.79
N PHE D 34 7.00 3.19 48.75
CA PHE D 34 7.63 1.89 48.57
C PHE D 34 8.38 1.47 49.82
N ALA D 35 9.07 2.43 50.45
CA ALA D 35 9.83 2.18 51.67
C ALA D 35 8.91 1.71 52.79
N ALA D 36 7.90 2.53 53.08
CA ALA D 36 6.97 2.26 54.17
C ALA D 36 6.29 0.88 54.11
N PHE D 37 6.32 0.19 52.96
CA PHE D 37 5.86 -1.21 52.98
C PHE D 37 6.94 -2.19 52.52
N ALA D 38 8.21 -1.77 52.62
CA ALA D 38 9.31 -2.60 52.16
C ALA D 38 9.37 -3.91 52.94
N ALA D 39 9.22 -3.79 54.25
CA ALA D 39 9.27 -4.92 55.18
C ALA D 39 8.43 -6.11 54.72
N GLN D 40 7.15 -5.84 54.44
CA GLN D 40 6.19 -6.89 54.12
C GLN D 40 6.22 -7.22 52.63
N ALA D 41 6.78 -6.31 51.83
CA ALA D 41 6.89 -6.48 50.38
C ALA D 41 7.95 -5.56 49.78
N PRO D 42 9.19 -6.05 49.64
CA PRO D 42 10.25 -5.17 49.13
C PRO D 42 10.42 -5.30 47.60
N MET D 43 9.87 -6.37 47.00
CA MET D 43 9.84 -6.54 45.55
C MET D 43 8.80 -5.66 44.87
N ALA D 44 9.15 -4.42 44.55
CA ALA D 44 8.23 -3.51 43.88
C ALA D 44 8.95 -2.54 42.94
N TYR D 45 8.35 -2.25 41.79
CA TYR D 45 8.93 -1.29 40.88
C TYR D 45 7.86 -0.34 40.29
N PHE D 46 8.28 0.66 39.51
CA PHE D 46 7.33 1.53 38.83
C PHE D 46 7.81 1.89 37.42
N LEU D 47 6.86 2.10 36.50
CA LEU D 47 7.16 2.54 35.14
C LEU D 47 6.44 3.86 34.73
N ARG D 48 7.05 4.62 33.83
CA ARG D 48 6.38 5.79 33.25
C ARG D 48 5.64 5.36 32.00
N HIS D 49 4.43 5.82 31.82
CA HIS D 49 3.73 5.53 30.59
C HIS D 49 2.81 6.67 30.23
N TRP D 50 2.31 6.64 29.02
CA TRP D 50 1.61 7.79 28.48
C TRP D 50 0.13 7.58 28.26
N ARG D 51 -0.29 6.31 28.19
CA ARG D 51 -1.63 5.98 27.70
C ARG D 51 -2.71 6.48 28.63
N ARG D 52 -3.68 7.17 28.04
CA ARG D 52 -4.81 7.77 28.73
C ARG D 52 -4.36 8.90 29.62
N GLY D 53 -3.19 9.46 29.28
CA GLY D 53 -2.57 10.53 30.06
C GLY D 53 -1.31 10.09 30.79
N PRO D 54 -0.29 10.96 30.84
CA PRO D 54 0.95 10.66 31.55
C PRO D 54 0.67 10.08 32.94
N HIS D 55 1.37 9.00 33.30
CA HIS D 55 1.02 8.32 34.52
C HIS D 55 2.13 7.38 34.93
N LEU D 56 2.12 7.04 36.23
CA LEU D 56 3.00 6.01 36.76
C LEU D 56 2.26 4.69 36.93
N ARG D 57 2.92 3.57 36.65
CA ARG D 57 2.33 2.26 36.90
C ARG D 57 3.13 1.58 37.99
N ILE D 58 2.52 1.41 39.17
CA ILE D 58 3.19 0.77 40.32
C ILE D 58 2.91 -0.73 40.37
N TYR D 59 3.99 -1.51 40.45
CA TYR D 59 3.95 -2.96 40.49
C TYR D 59 4.46 -3.44 41.84
N VAL D 60 3.61 -4.15 42.58
CA VAL D 60 4.00 -4.67 43.90
C VAL D 60 3.74 -6.18 44.01
N SER D 61 4.73 -6.89 44.54
CA SER D 61 4.60 -8.34 44.73
C SER D 61 4.31 -8.65 46.22
N THR D 62 3.21 -9.37 46.45
CA THR D 62 2.73 -9.61 47.80
C THR D 62 1.51 -10.53 47.85
N THR D 63 1.00 -10.77 49.05
CA THR D 63 -0.21 -11.57 49.23
C THR D 63 -1.42 -10.66 49.20
N ARG D 64 -2.57 -11.22 48.88
CA ARG D 64 -3.79 -10.41 48.83
C ARG D 64 -4.05 -9.80 50.20
N GLU D 65 -3.74 -10.55 51.25
CA GLU D 65 -3.91 -10.01 52.60
C GLU D 65 -3.01 -8.81 52.81
N ALA D 66 -1.72 -8.97 52.49
CA ALA D 66 -0.77 -7.90 52.73
C ALA D 66 -1.04 -6.68 51.85
N LEU D 67 -1.80 -6.86 50.78
CA LEU D 67 -2.18 -5.72 49.93
C LEU D 67 -3.12 -4.78 50.66
N GLU D 68 -4.23 -5.30 51.18
CA GLU D 68 -5.23 -4.50 51.89
C GLU D 68 -4.72 -4.05 53.26
N ALA D 69 -3.84 -4.87 53.82
CA ALA D 69 -3.28 -4.59 55.14
C ALA D 69 -2.33 -3.38 55.17
N VAL D 70 -1.27 -3.41 54.37
CA VAL D 70 -0.20 -2.42 54.53
C VAL D 70 0.17 -1.56 53.28
N VAL D 71 0.17 -2.16 52.09
CA VAL D 71 0.67 -1.42 50.91
C VAL D 71 -0.40 -0.47 50.32
N ARG D 72 -1.61 -0.98 50.12
CA ARG D 72 -2.69 -0.12 49.63
C ARG D 72 -2.89 1.08 50.52
N PRO D 73 -2.74 0.90 51.84
CA PRO D 73 -2.84 2.17 52.57
C PRO D 73 -1.57 3.04 52.48
N ALA D 74 -0.41 2.45 52.19
CA ALA D 74 0.81 3.26 52.04
C ALA D 74 0.76 4.12 50.78
N ILE D 75 0.38 3.53 49.66
CA ILE D 75 0.15 4.30 48.43
C ILE D 75 -0.91 5.41 48.63
N GLU D 76 -2.11 5.07 49.08
CA GLU D 76 -3.19 6.05 49.19
C GLU D 76 -2.84 7.21 50.09
N HIS D 77 -2.08 6.94 51.14
CA HIS D 77 -1.80 8.01 52.10
C HIS D 77 -0.56 8.75 51.68
N VAL D 78 0.50 8.01 51.36
CA VAL D 78 1.79 8.64 51.08
C VAL D 78 1.81 9.27 49.70
N VAL D 79 1.37 8.53 48.67
CA VAL D 79 1.34 9.10 47.31
C VAL D 79 0.26 10.16 47.18
N GLY D 80 -0.95 9.87 47.69
CA GLY D 80 -2.04 10.83 47.69
C GLY D 80 -1.65 12.10 48.45
N GLY D 81 -0.80 11.93 49.44
CA GLY D 81 -0.31 13.04 50.21
C GLY D 81 0.46 13.92 49.25
N TYR D 82 1.35 13.28 48.50
CA TYR D 82 2.12 13.99 47.48
C TYR D 82 1.21 14.66 46.46
N LEU D 83 0.23 13.93 45.97
CA LEU D 83 -0.71 14.45 44.99
C LEU D 83 -1.43 15.69 45.50
N ARG D 84 -1.97 15.63 46.72
CA ARG D 84 -2.76 16.76 47.22
C ARG D 84 -1.87 17.94 47.59
N ALA D 85 -0.63 17.64 47.96
CA ALA D 85 0.39 18.66 48.25
C ALA D 85 0.89 19.40 46.99
N ARG D 86 1.10 18.66 45.90
CA ARG D 86 1.63 19.25 44.67
C ARG D 86 0.92 18.71 43.44
N PRO D 87 -0.34 19.14 43.19
CA PRO D 87 -1.12 18.56 42.11
C PRO D 87 -0.64 18.98 40.74
N SER D 88 -0.75 18.07 39.77
CA SER D 88 -0.56 18.43 38.38
C SER D 88 -1.60 19.45 37.90
N PRO D 89 -1.16 20.57 37.31
CA PRO D 89 -2.14 21.56 36.86
C PRO D 89 -3.00 21.03 35.70
N GLY D 90 -2.73 19.80 35.28
CA GLY D 90 -3.48 19.15 34.22
C GLY D 90 -3.14 19.72 32.85
N MET D 91 -3.55 19.03 31.80
CA MET D 91 -3.31 19.59 30.49
C MET D 91 -4.54 20.05 29.73
N ALA D 92 -4.41 21.23 29.12
CA ALA D 92 -5.53 21.96 28.51
C ALA D 92 -6.31 21.15 27.45
N ASP D 93 -5.61 20.56 26.50
CA ASP D 93 -6.28 19.84 25.43
C ASP D 93 -5.66 18.46 25.25
N PRO D 94 -6.18 17.47 25.99
CA PRO D 94 -5.76 16.08 25.88
C PRO D 94 -5.74 15.53 24.43
N SER D 95 -6.57 16.07 23.54
CA SER D 95 -6.62 15.56 22.17
C SER D 95 -5.46 16.03 21.34
N ALA D 96 -4.78 17.06 21.83
CA ALA D 96 -3.58 17.58 21.19
C ALA D 96 -2.51 16.51 21.17
N PHE D 97 -2.55 15.63 22.15
CA PHE D 97 -1.54 14.58 22.24
C PHE D 97 -1.80 13.37 21.33
N LEU D 98 -2.91 13.37 20.57
CA LEU D 98 -3.21 12.23 19.70
C LEU D 98 -2.12 11.88 18.69
N PRO D 99 -1.57 12.88 17.95
CA PRO D 99 -0.46 12.53 17.03
C PRO D 99 0.72 11.86 17.72
N LEU D 100 0.87 12.09 19.03
CA LEU D 100 1.90 11.40 19.76
C LEU D 100 1.35 10.05 20.20
N HIS D 101 0.12 9.96 20.70
CA HIS D 101 -0.10 8.71 21.36
C HIS D 101 -0.55 7.64 20.37
N GLU D 102 -0.89 8.04 19.15
CA GLU D 102 -1.19 7.08 18.11
C GLU D 102 0.10 6.56 17.54
N ARG D 103 1.04 7.43 17.20
CA ARG D 103 2.33 6.94 16.74
C ARG D 103 3.06 6.13 17.80
N LEU D 104 2.65 6.27 19.06
CA LEU D 104 3.16 5.38 20.07
C LEU D 104 2.32 4.10 20.03
N ALA D 105 1.02 4.22 19.76
CA ALA D 105 0.10 3.07 19.65
C ALA D 105 0.59 2.02 18.63
N GLU D 106 1.20 2.46 17.53
CA GLU D 106 1.62 1.54 16.48
C GLU D 106 2.87 0.78 16.90
N LEU D 107 3.85 1.52 17.40
CA LEU D 107 5.15 0.97 17.75
C LEU D 107 4.96 0.21 19.05
N GLU D 108 3.79 0.45 19.61
CA GLU D 108 3.44 -0.08 20.89
C GLU D 108 3.04 -1.53 20.70
N GLY D 109 1.92 -1.63 19.99
CA GLY D 109 1.12 -2.81 19.98
C GLY D 109 0.13 -2.83 21.12
N GLU D 110 0.05 -1.79 21.97
CA GLU D 110 -1.12 -1.70 22.89
C GLU D 110 -2.30 -1.34 22.03
N ASP D 111 -3.52 -1.65 22.45
CA ASP D 111 -4.68 -1.22 21.68
C ASP D 111 -5.78 -0.94 22.71
N GLY D 112 -5.34 -0.69 23.94
CA GLY D 112 -6.23 -0.16 24.97
C GLY D 112 -6.75 1.17 24.47
N PRO D 113 -7.82 1.67 25.08
CA PRO D 113 -8.38 2.92 24.56
C PRO D 113 -7.45 4.12 24.79
N LEU D 114 -7.09 4.85 23.72
CA LEU D 114 -6.24 6.01 23.91
C LEU D 114 -6.98 7.08 24.65
N MET D 115 -8.30 7.13 24.51
CA MET D 115 -9.07 8.17 25.20
C MET D 115 -10.43 7.65 25.63
N PRO D 116 -11.09 8.33 26.59
CA PRO D 116 -10.69 9.54 27.33
C PRO D 116 -9.65 9.27 28.42
N TRP D 117 -8.99 10.34 28.84
CA TRP D 117 -7.91 10.21 29.78
C TRP D 117 -8.44 9.94 31.19
N SER D 118 -7.77 9.05 31.89
CA SER D 118 -8.02 8.87 33.31
C SER D 118 -7.89 10.23 34.01
N PRO D 119 -8.68 10.44 35.08
CA PRO D 119 -8.63 11.73 35.77
C PRO D 119 -7.24 12.09 36.28
N ASP D 120 -6.99 13.37 36.54
CA ASP D 120 -5.63 13.78 36.88
C ASP D 120 -5.52 13.72 38.38
N ASN D 121 -4.29 13.62 38.88
CA ASN D 121 -4.02 13.59 40.31
C ASN D 121 -4.90 12.57 41.05
N THR D 122 -4.91 11.32 40.56
CA THR D 122 -5.70 10.27 41.22
C THR D 122 -5.07 8.89 41.10
N ILE D 123 -5.22 8.10 42.17
CA ILE D 123 -4.77 6.71 42.23
C ILE D 123 -5.89 5.71 41.92
N HIS D 124 -5.60 4.71 41.08
CA HIS D 124 -6.60 3.67 40.75
C HIS D 124 -6.01 2.29 40.98
N ALA D 125 -6.79 1.37 41.54
CA ALA D 125 -6.30 0.00 41.65
C ALA D 125 -6.62 -0.74 40.37
N GLU D 126 -5.72 -1.61 39.92
CA GLU D 126 -5.86 -2.22 38.60
C GLU D 126 -5.71 -3.73 38.66
N GLY D 127 -5.81 -4.29 39.87
CA GLY D 127 -5.84 -5.73 40.05
C GLY D 127 -4.50 -6.42 39.85
N GLU D 128 -4.55 -7.68 39.42
CA GLU D 128 -3.36 -8.50 39.31
C GLU D 128 -3.04 -8.89 37.88
N ARG D 129 -1.75 -8.79 37.53
CA ARG D 129 -1.21 -9.13 36.21
C ARG D 129 -1.71 -10.54 35.81
N PRO D 130 -1.55 -10.96 34.52
CA PRO D 130 -2.62 -11.61 33.76
C PRO D 130 -2.91 -12.94 34.42
N GLU D 131 -2.44 -14.08 33.95
CA GLU D 131 -2.12 -15.12 34.93
C GLU D 131 -0.77 -15.80 34.74
N PRO D 132 -0.44 -16.25 33.52
CA PRO D 132 0.94 -16.75 33.46
C PRO D 132 1.93 -15.64 33.13
N LEU D 133 3.15 -15.78 33.63
CA LEU D 133 4.25 -14.87 33.34
C LEU D 133 5.33 -15.63 32.58
N THR D 134 5.67 -15.16 31.37
CA THR D 134 6.75 -15.79 30.63
C THR D 134 8.04 -15.66 31.42
N VAL D 135 9.01 -16.50 31.15
CA VAL D 135 10.28 -16.46 31.85
C VAL D 135 10.92 -15.06 31.73
N ARG D 136 10.67 -14.36 30.62
CA ARG D 136 11.24 -13.02 30.45
C ARG D 136 10.47 -12.03 31.32
N ASP D 137 9.15 -12.16 31.35
CA ASP D 137 8.31 -11.34 32.24
C ASP D 137 8.83 -11.33 33.68
N VAL D 138 9.28 -12.48 34.15
CA VAL D 138 9.85 -12.61 35.49
C VAL D 138 11.21 -11.96 35.53
N LEU D 139 12.03 -12.31 34.54
CA LEU D 139 13.39 -11.82 34.47
C LEU D 139 13.38 -10.32 34.32
N LEU D 140 12.46 -9.80 33.51
CA LEU D 140 12.33 -8.36 33.34
C LEU D 140 11.99 -7.66 34.64
N ALA D 141 10.96 -8.14 35.36
CA ALA D 141 10.57 -7.52 36.62
C ALA D 141 11.70 -7.57 37.67
N ASP D 142 12.53 -8.60 37.63
CA ASP D 142 13.69 -8.62 38.51
C ASP D 142 14.66 -7.51 38.14
N PHE D 143 14.86 -7.27 36.84
CA PHE D 143 15.77 -6.19 36.41
C PHE D 143 15.28 -4.85 36.95
N TYR D 144 14.00 -4.58 36.77
CA TYR D 144 13.38 -3.34 37.21
C TYR D 144 13.46 -3.14 38.75
N ALA D 145 13.17 -4.20 39.49
CA ALA D 145 13.21 -4.13 40.93
C ALA D 145 14.62 -3.85 41.41
N ASP D 146 15.60 -4.52 40.83
CA ASP D 146 16.97 -4.41 41.33
C ASP D 146 17.60 -3.06 40.95
N THR D 147 17.02 -2.35 40.00
CA THR D 147 17.69 -1.16 39.47
C THR D 147 16.91 0.10 39.83
N THR D 148 15.85 -0.12 40.61
CA THR D 148 15.10 0.98 41.20
C THR D 148 16.03 1.95 41.94
N PRO D 149 16.94 1.44 42.79
CA PRO D 149 17.85 2.42 43.38
C PRO D 149 18.66 3.21 42.34
N SER D 150 19.00 2.55 41.23
CA SER D 150 19.72 3.26 40.16
C SER D 150 18.87 4.42 39.64
N VAL D 151 17.58 4.18 39.42
CA VAL D 151 16.63 5.23 39.05
C VAL D 151 16.65 6.45 39.97
N TYR D 152 16.59 6.20 41.29
CA TYR D 152 16.52 7.29 42.28
C TYR D 152 17.81 8.10 42.22
N HIS D 153 18.92 7.38 42.15
CA HIS D 153 20.22 8.02 42.16
C HIS D 153 20.40 8.95 40.95
N ALA D 154 19.95 8.52 39.77
CA ALA D 154 20.11 9.34 38.58
C ALA D 154 19.20 10.55 38.64
N LEU D 155 17.95 10.34 39.01
CA LEU D 155 17.00 11.46 39.13
C LEU D 155 17.41 12.52 40.16
N GLU D 156 18.10 12.10 41.23
CA GLU D 156 18.59 13.05 42.25
C GLU D 156 19.50 14.03 41.55
N ARG D 157 20.59 13.47 41.00
CA ARG D 157 21.54 14.20 40.16
C ARG D 157 20.87 15.09 39.10
N VAL D 158 19.88 14.55 38.40
CA VAL D 158 19.12 15.40 37.48
C VAL D 158 18.48 16.59 38.21
N ARG D 159 17.84 16.34 39.35
CA ARG D 159 17.21 17.42 40.12
C ARG D 159 18.26 18.43 40.62
N SER D 160 19.41 17.88 41.06
CA SER D 160 20.58 18.68 41.43
C SER D 160 21.43 19.10 40.23
N GLY D 161 20.82 19.23 39.06
CA GLY D 161 21.45 19.87 37.91
C GLY D 161 22.04 19.05 36.75
N ALA D 162 22.48 17.81 37.01
CA ALA D 162 23.15 16.96 36.02
C ALA D 162 22.35 16.70 34.73
N SER D 163 23.10 16.52 33.64
CA SER D 163 22.52 16.30 32.31
C SER D 163 22.05 14.85 32.18
N LEU D 164 20.77 14.66 31.83
CA LEU D 164 20.23 13.32 31.68
C LEU D 164 20.85 12.60 30.47
N PRO D 165 20.95 13.28 29.31
CA PRO D 165 21.61 12.59 28.19
C PRO D 165 23.03 12.12 28.50
N THR D 166 23.78 12.84 29.31
CA THR D 166 25.14 12.40 29.61
C THR D 166 25.11 11.10 30.41
N ILE D 167 24.17 11.03 31.36
CA ILE D 167 23.92 9.81 32.13
C ILE D 167 23.59 8.65 31.20
N ALA D 168 22.71 8.90 30.23
CA ALA D 168 22.37 7.92 29.18
C ALA D 168 23.60 7.42 28.44
N PHE D 169 24.44 8.37 28.04
CA PHE D 169 25.69 8.04 27.34
C PHE D 169 26.48 7.04 28.17
N ASP D 170 26.87 7.44 29.38
CA ASP D 170 27.63 6.59 30.30
C ASP D 170 27.04 5.19 30.39
N LEU D 171 25.76 5.10 30.73
CA LEU D 171 25.10 3.80 30.93
C LEU D 171 25.12 2.93 29.67
N VAL D 172 24.77 3.49 28.52
CA VAL D 172 24.79 2.77 27.24
C VAL D 172 26.19 2.29 26.82
N VAL D 173 27.16 3.21 26.85
CA VAL D 173 28.54 2.90 26.56
C VAL D 173 29.09 1.87 27.56
N ALA D 174 28.83 2.08 28.85
CA ALA D 174 29.33 1.19 29.90
C ALA D 174 28.84 -0.22 29.73
N THR D 175 27.53 -0.33 29.48
CA THR D 175 26.91 -1.63 29.31
C THR D 175 27.55 -2.31 28.12
N ALA D 176 27.74 -1.55 27.05
CA ALA D 176 28.22 -2.15 25.81
C ALA D 176 29.65 -2.68 25.95
N HIS D 177 30.51 -1.95 26.65
CA HIS D 177 31.87 -2.42 26.89
C HIS D 177 31.91 -3.61 27.85
N ALA D 178 31.57 -3.36 29.11
CA ALA D 178 31.68 -4.35 30.18
C ALA D 178 30.97 -5.68 29.95
N LEU D 179 29.81 -5.65 29.33
CA LEU D 179 28.94 -6.81 29.36
C LEU D 179 28.67 -7.46 28.01
N SER D 180 29.39 -7.03 26.97
CA SER D 180 29.35 -7.75 25.69
C SER D 180 30.60 -8.63 25.56
N THR D 181 30.59 -9.57 24.62
CA THR D 181 31.69 -10.55 24.52
C THR D 181 33.05 -9.90 24.23
N GLY D 182 33.07 -8.97 23.29
CA GLY D 182 34.32 -8.36 22.89
C GLY D 182 34.51 -6.94 23.37
N GLY D 183 33.54 -6.43 24.11
CA GLY D 183 33.61 -5.05 24.55
C GLY D 183 33.29 -4.08 23.43
N LEU D 184 33.47 -2.80 23.68
CA LEU D 184 33.02 -1.77 22.75
C LEU D 184 33.53 -1.95 21.29
N PRO D 185 34.80 -2.36 21.08
CA PRO D 185 35.31 -2.63 19.72
C PRO D 185 34.37 -3.37 18.79
N VAL D 186 33.73 -4.41 19.33
CA VAL D 186 32.70 -5.18 18.65
C VAL D 186 31.29 -4.62 18.87
N ALA D 187 31.03 -4.08 20.05
CA ALA D 187 29.66 -3.81 20.47
C ALA D 187 29.10 -2.52 19.89
N ARG D 188 29.98 -1.58 19.58
CA ARG D 188 29.60 -0.31 18.99
C ARG D 188 28.70 -0.46 17.77
N THR D 189 28.77 -1.61 17.10
CA THR D 189 27.93 -1.90 15.95
C THR D 189 26.47 -1.93 16.36
N SER D 190 26.21 -2.50 17.54
CA SER D 190 24.84 -2.64 18.01
C SER D 190 24.33 -1.29 18.50
N LEU D 191 25.24 -0.48 19.01
CA LEU D 191 24.92 0.92 19.31
C LEU D 191 24.44 1.61 18.03
N ARG D 192 25.23 1.53 16.95
CA ARG D 192 24.85 2.17 15.69
C ARG D 192 23.57 1.56 15.11
N SER D 193 23.40 0.27 15.35
CA SER D 193 22.22 -0.43 14.88
C SER D 193 20.93 0.12 15.50
N HIS D 194 20.97 0.41 16.79
CA HIS D 194 19.80 0.97 17.45
C HIS D 194 19.44 2.35 16.90
N ALA D 195 20.41 3.24 16.67
CA ALA D 195 20.13 4.51 15.99
C ALA D 195 19.67 4.32 14.54
N GLU D 196 20.29 3.38 13.81
CA GLU D 196 19.95 3.24 12.39
C GLU D 196 18.52 2.74 12.19
N ALA D 197 18.02 1.89 13.07
CA ALA D 197 16.62 1.43 12.92
C ALA D 197 15.65 2.59 13.14
N TYR D 198 16.13 3.68 13.73
CA TYR D 198 15.26 4.81 13.98
C TYR D 198 15.36 5.80 12.84
N LEU D 199 16.57 6.17 12.49
CA LEU D 199 16.77 6.97 11.32
C LEU D 199 16.08 6.37 10.07
N ALA D 200 16.08 5.05 9.92
CA ALA D 200 15.48 4.42 8.72
C ALA D 200 14.00 4.67 8.62
N ARG D 201 13.36 4.80 9.77
CA ARG D 201 11.92 4.89 9.89
C ARG D 201 11.47 6.36 9.81
N ARG D 202 12.45 7.26 9.74
CA ARG D 202 12.15 8.69 9.75
C ARG D 202 12.41 9.36 8.40
N SER D 203 11.44 10.11 7.90
CA SER D 203 11.57 10.64 6.54
C SER D 203 12.69 11.67 6.48
N ASP D 204 12.87 12.44 7.53
CA ASP D 204 13.91 13.45 7.54
C ASP D 204 15.21 12.82 8.03
N GLY D 205 15.32 11.51 7.83
CA GLY D 205 16.48 10.76 8.26
C GLY D 205 17.81 11.36 7.87
N VAL D 206 17.94 11.78 6.60
CA VAL D 206 19.21 12.27 6.10
C VAL D 206 19.62 13.55 6.81
N ARG D 207 18.68 14.49 6.82
CA ARG D 207 18.85 15.78 7.51
C ARG D 207 19.35 15.57 8.93
N LEU D 208 18.75 14.58 9.61
CA LEU D 208 19.15 14.16 10.97
C LEU D 208 20.58 13.65 11.09
N ARG D 209 20.99 12.76 10.19
CA ARG D 209 22.33 12.24 10.23
C ARG D 209 23.34 13.40 10.09
N GLU D 210 23.00 14.34 9.22
CA GLU D 210 23.83 15.53 9.06
C GLU D 210 23.95 16.21 10.41
N LEU D 211 22.78 16.50 10.98
CA LEU D 211 22.72 17.20 12.27
C LEU D 211 23.57 16.53 13.33
N TRP D 212 23.51 15.20 13.39
CA TRP D 212 24.24 14.49 14.42
C TRP D 212 25.75 14.41 14.11
N ARG D 213 26.13 14.31 12.84
CA ARG D 213 27.55 14.30 12.50
C ARG D 213 28.18 15.68 12.72
N ASP D 214 27.44 16.73 12.34
CA ASP D 214 27.93 18.08 12.58
C ASP D 214 28.18 18.22 14.06
N HIS D 215 27.15 17.95 14.85
CA HIS D 215 27.28 18.01 16.30
C HIS D 215 28.42 17.13 16.82
N TYR D 216 28.53 15.91 16.31
CA TYR D 216 29.65 15.07 16.73
C TYR D 216 31.02 15.63 16.34
N ALA D 217 31.15 16.23 15.16
CA ALA D 217 32.44 16.82 14.76
C ALA D 217 32.74 18.06 15.60
N ARG D 218 31.70 18.85 15.86
CA ARG D 218 31.79 20.08 16.67
C ARG D 218 32.44 19.83 18.03
N ASN D 219 32.22 18.63 18.59
CA ASN D 219 32.68 18.30 19.94
C ASN D 219 33.39 16.97 20.04
N ARG D 220 34.15 16.64 19.01
CA ARG D 220 34.74 15.32 18.90
C ARG D 220 35.63 14.94 20.08
N GLU D 221 36.46 15.90 20.52
CA GLU D 221 37.39 15.64 21.60
C GLU D 221 36.65 15.33 22.89
N ALA D 222 35.52 16.01 23.11
CA ALA D 222 34.71 15.79 24.30
C ALA D 222 34.18 14.36 24.35
N PHE D 223 33.48 13.94 23.29
CA PHE D 223 32.80 12.66 23.26
C PHE D 223 33.79 11.50 23.30
N THR D 224 34.95 11.68 22.69
CA THR D 224 35.92 10.59 22.65
C THR D 224 36.56 10.45 24.01
N GLU D 225 36.87 11.56 24.66
CA GLU D 225 37.49 11.46 25.98
C GLU D 225 36.48 10.93 26.99
N ARG D 226 35.22 11.30 26.81
CA ARG D 226 34.14 10.74 27.61
C ARG D 226 34.03 9.25 27.44
N LEU D 227 34.05 8.78 26.19
CA LEU D 227 33.88 7.34 25.94
C LEU D 227 35.00 6.50 26.59
N ILE D 228 36.25 6.98 26.51
CA ILE D 228 37.41 6.31 27.12
C ILE D 228 37.26 6.26 28.65
N ALA D 229 36.96 7.42 29.24
CA ALA D 229 36.67 7.51 30.67
C ALA D 229 35.67 6.47 31.16
N VAL D 230 34.56 6.30 30.43
CA VAL D 230 33.49 5.40 30.86
C VAL D 230 33.91 3.95 30.64
N ALA D 231 34.54 3.68 29.51
CA ALA D 231 34.96 2.31 29.19
C ALA D 231 36.01 1.85 30.20
N SER D 232 36.75 2.82 30.72
CA SER D 232 37.79 2.62 31.73
C SER D 232 37.21 2.16 33.07
N SER D 233 36.10 2.77 33.48
CA SER D 233 35.46 2.45 34.75
C SER D 233 34.63 1.17 34.70
N ALA D 234 34.44 0.63 33.51
CA ALA D 234 33.69 -0.63 33.41
C ALA D 234 34.58 -1.79 33.81
N GLU D 235 35.77 -1.84 33.21
CA GLU D 235 36.72 -2.92 33.47
C GLU D 235 37.63 -2.62 34.67
N SER D 236 37.05 -2.07 35.73
CA SER D 236 37.83 -1.72 36.93
C SER D 236 38.19 -2.96 37.75
N ALA D 241 38.09 4.32 40.19
CA ALA D 241 37.66 4.91 38.93
C ALA D 241 36.88 6.21 39.15
N HIS D 242 36.92 7.08 38.14
CA HIS D 242 36.48 8.47 38.26
C HIS D 242 34.96 8.62 38.23
N LEU D 243 34.28 7.57 37.77
CA LEU D 243 32.82 7.64 37.62
C LEU D 243 32.13 6.66 38.56
N PRO D 244 31.24 7.17 39.41
CA PRO D 244 30.57 6.34 40.42
C PRO D 244 29.52 5.40 39.83
N HIS D 245 28.52 5.96 39.15
CA HIS D 245 27.32 5.20 38.73
C HIS D 245 27.56 4.12 37.67
N VAL D 246 28.67 4.24 36.94
CA VAL D 246 29.00 3.31 35.89
C VAL D 246 29.24 1.89 36.40
N ARG D 247 30.09 1.68 37.40
CA ARG D 247 30.33 0.29 37.79
C ARG D 247 29.26 -0.17 38.75
N GLU D 248 28.60 0.79 39.42
CA GLU D 248 27.36 0.42 40.12
C GLU D 248 26.45 -0.25 39.10
N TRP D 249 26.33 0.39 37.94
CA TRP D 249 25.47 -0.09 36.88
C TRP D 249 25.90 -1.46 36.39
N VAL D 250 27.18 -1.58 36.08
CA VAL D 250 27.72 -2.86 35.63
C VAL D 250 27.45 -3.93 36.69
N ARG D 251 27.88 -3.67 37.92
CA ARG D 251 27.78 -4.67 38.99
C ARG D 251 26.37 -5.21 39.09
N ARG D 252 25.40 -4.32 39.02
CA ARG D 252 24.03 -4.73 39.25
C ARG D 252 23.47 -5.48 38.06
N LEU D 253 24.00 -5.15 36.87
CA LEU D 253 23.50 -5.76 35.65
C LEU D 253 24.09 -7.13 35.38
N ARG D 254 25.37 -7.31 35.74
CA ARG D 254 26.10 -8.54 35.50
C ARG D 254 25.33 -9.79 35.95
N PRO D 255 24.79 -9.83 37.19
CA PRO D 255 23.99 -10.98 37.57
C PRO D 255 22.79 -11.24 36.65
N ILE D 256 22.17 -10.21 36.08
CA ILE D 256 21.04 -10.44 35.18
C ILE D 256 21.58 -11.00 33.85
N ARG D 257 22.77 -10.54 33.47
CA ARG D 257 23.41 -11.01 32.25
C ARG D 257 23.79 -12.47 32.39
N GLU D 258 24.24 -12.82 33.60
CA GLU D 258 24.61 -14.20 33.90
C GLU D 258 23.38 -15.10 33.94
N ARG D 259 22.32 -14.63 34.60
CA ARG D 259 21.09 -15.40 34.68
C ARG D 259 20.47 -15.56 33.31
N ALA D 260 20.67 -14.57 32.45
CA ALA D 260 20.13 -14.65 31.10
C ALA D 260 20.80 -15.75 30.29
N ARG D 261 22.13 -15.74 30.25
CA ARG D 261 22.92 -16.76 29.54
C ARG D 261 22.49 -18.21 29.86
N ALA D 262 22.45 -18.51 31.15
CA ALA D 262 22.10 -19.84 31.64
C ALA D 262 20.61 -20.13 31.46
N LEU D 263 19.89 -19.18 30.88
CA LEU D 263 18.48 -19.36 30.57
C LEU D 263 18.27 -19.39 29.07
N LEU D 264 19.36 -19.11 28.35
CA LEU D 264 19.36 -19.25 26.90
C LEU D 264 20.04 -20.56 26.55
N GLU D 265 20.77 -21.10 27.53
CA GLU D 265 21.46 -22.38 27.38
C GLU D 265 20.50 -23.55 27.58
N SER D 266 19.80 -23.53 28.71
CA SER D 266 18.76 -24.52 29.00
C SER D 266 17.54 -24.32 28.09
N GLY D 267 17.51 -23.19 27.39
CA GLY D 267 16.43 -22.91 26.47
C GLY D 267 15.13 -22.50 27.12
N GLU D 268 15.11 -21.32 27.76
CA GLU D 268 13.88 -20.82 28.37
C GLU D 268 13.18 -19.72 27.57
N LEU D 269 13.89 -18.95 26.75
CA LEU D 269 13.20 -18.09 25.80
C LEU D 269 13.82 -18.14 24.40
N THR D 270 13.07 -18.76 23.49
CA THR D 270 13.47 -19.04 22.11
C THR D 270 12.47 -18.37 21.16
N LEU D 271 11.65 -17.49 21.73
CA LEU D 271 10.58 -16.82 20.99
C LEU D 271 11.04 -15.43 20.50
N GLU D 272 11.92 -14.81 21.28
CA GLU D 272 12.34 -13.45 20.99
C GLU D 272 13.86 -13.35 20.90
N ARG D 306 29.51 -20.07 21.13
CA ARG D 306 28.78 -19.23 22.08
C ARG D 306 28.15 -18.02 21.39
N ASP D 307 26.83 -18.09 21.13
CA ASP D 307 26.07 -16.88 20.79
C ASP D 307 24.66 -16.96 21.35
N SER D 308 24.36 -18.02 22.09
CA SER D 308 23.31 -17.84 23.07
C SER D 308 23.98 -17.09 24.23
N PRO D 309 25.23 -17.44 24.61
CA PRO D 309 25.85 -16.57 25.62
C PRO D 309 26.24 -15.17 25.11
N ALA D 310 26.69 -15.09 23.87
CA ALA D 310 27.07 -13.80 23.29
C ALA D 310 25.82 -12.99 22.93
N PHE D 311 25.70 -12.63 21.65
CA PHE D 311 24.57 -11.82 21.15
C PHE D 311 23.22 -12.44 21.53
N GLY D 312 22.93 -12.42 22.83
CA GLY D 312 21.70 -12.99 23.37
C GLY D 312 21.48 -12.51 24.80
N ALA D 313 22.46 -12.80 25.66
CA ALA D 313 22.43 -12.32 27.03
C ALA D 313 22.80 -10.83 27.04
N TYR D 314 23.65 -10.45 26.10
CA TYR D 314 24.00 -9.06 25.96
C TYR D 314 22.95 -8.30 25.16
N ARG D 315 22.17 -8.99 24.34
CA ARG D 315 21.11 -8.31 23.61
C ARG D 315 20.03 -7.89 24.62
N LEU D 316 19.64 -8.80 25.52
CA LEU D 316 18.67 -8.50 26.56
C LEU D 316 19.17 -7.48 27.59
N VAL D 317 20.46 -7.50 27.89
CA VAL D 317 20.99 -6.61 28.92
C VAL D 317 21.06 -5.17 28.42
N ILE D 318 21.31 -5.00 27.13
CA ILE D 318 21.38 -3.66 26.57
C ILE D 318 19.95 -3.15 26.33
N ASN D 319 19.03 -4.03 25.96
CA ASN D 319 17.63 -3.60 25.82
C ASN D 319 17.06 -3.17 27.15
N CYS D 320 17.51 -3.86 28.21
CA CYS D 320 17.13 -3.49 29.57
C CYS D 320 17.62 -2.09 29.88
N THR D 321 18.89 -1.81 29.57
CA THR D 321 19.44 -0.48 29.75
C THR D 321 18.58 0.57 29.05
N TYR D 322 18.14 0.28 27.82
CA TYR D 322 17.29 1.24 27.11
C TYR D 322 15.92 1.39 27.84
N LEU D 323 15.36 0.28 28.32
CA LEU D 323 14.08 0.36 29.05
C LEU D 323 14.26 1.20 30.34
N HIS D 324 15.42 1.04 30.98
CA HIS D 324 15.81 1.88 32.10
C HIS D 324 15.94 3.35 31.74
N LEU D 325 16.51 3.64 30.58
CA LEU D 325 16.60 5.02 30.14
C LEU D 325 15.22 5.66 29.99
N THR D 326 14.22 4.86 29.62
CA THR D 326 12.87 5.38 29.45
C THR D 326 12.30 5.72 30.81
N ARG D 327 12.72 4.92 31.77
CA ARG D 327 12.23 5.00 33.13
C ARG D 327 12.78 6.27 33.76
N LEU D 328 13.99 6.67 33.32
CA LEU D 328 14.59 7.95 33.75
C LEU D 328 13.95 9.11 33.05
N GLY D 329 13.02 8.85 32.13
CA GLY D 329 12.30 9.93 31.46
C GLY D 329 13.02 10.48 30.19
N LEU D 330 13.96 9.71 29.65
CA LEU D 330 14.62 10.03 28.38
C LEU D 330 13.69 9.71 27.20
N THR D 331 13.51 10.64 26.25
CA THR D 331 12.62 10.37 25.10
C THR D 331 13.34 9.45 24.12
N PRO D 332 12.60 8.70 23.32
CA PRO D 332 13.25 7.85 22.32
C PRO D 332 14.23 8.62 21.41
N HIS D 333 13.77 9.72 20.81
CA HIS D 333 14.68 10.55 20.04
C HIS D 333 16.01 10.84 20.77
N GLN D 334 15.96 11.08 22.07
CA GLN D 334 17.19 11.41 22.80
C GLN D 334 18.07 10.19 23.01
N ARG D 335 17.43 9.06 23.30
CA ARG D 335 18.16 7.79 23.36
C ARG D 335 18.94 7.60 22.03
N PHE D 336 18.24 7.69 20.91
CA PHE D 336 18.82 7.36 19.60
C PHE D 336 19.96 8.27 19.23
N LEU D 337 19.84 9.55 19.62
CA LEU D 337 20.89 10.52 19.37
C LEU D 337 22.13 10.19 20.22
N VAL D 338 21.92 9.71 21.44
CA VAL D 338 23.02 9.36 22.34
C VAL D 338 23.74 8.10 21.84
N CYS D 339 23.00 7.12 21.31
CA CYS D 339 23.63 5.92 20.75
C CYS D 339 24.50 6.29 19.55
N HIS D 340 23.86 6.90 18.55
CA HIS D 340 24.58 7.39 17.37
C HIS D 340 25.83 8.18 17.77
N LEU D 341 25.71 9.07 18.75
CA LEU D 341 26.90 9.80 19.20
C LEU D 341 27.91 8.83 19.79
N ALA D 342 27.44 7.83 20.54
CA ALA D 342 28.35 6.83 21.13
C ALA D 342 29.06 6.04 20.05
N ALA D 343 28.37 5.79 18.95
CA ALA D 343 28.91 5.01 17.83
C ALA D 343 30.00 5.81 17.10
N ASP D 344 29.69 7.04 16.74
CA ASP D 344 30.71 7.87 16.10
C ASP D 344 31.88 8.07 17.03
N ALA D 345 31.61 8.27 18.31
CA ALA D 345 32.69 8.39 19.29
C ALA D 345 33.52 7.11 19.33
N ALA D 346 32.86 5.96 19.13
CA ALA D 346 33.58 4.70 19.18
C ALA D 346 34.44 4.55 17.91
N ALA D 347 34.04 5.18 16.81
CA ALA D 347 34.79 5.12 15.55
C ALA D 347 36.17 5.84 15.61
N ASP D 348 36.23 7.02 16.21
CA ASP D 348 37.50 7.73 16.39
C ASP D 348 38.35 7.13 17.50
N VAL D 349 37.92 6.01 18.06
CA VAL D 349 38.69 5.43 19.16
C VAL D 349 39.11 4.01 18.84
N TYR D 350 38.13 3.15 18.57
CA TYR D 350 38.41 1.75 18.31
C TYR D 350 38.54 1.47 16.81
N GLY D 351 38.41 2.52 16.01
CA GLY D 351 38.48 2.41 14.56
C GLY D 351 39.78 2.88 13.92
N ILE D 352 40.56 3.70 14.63
CA ILE D 352 41.90 4.09 14.15
C ILE D 352 42.84 2.87 14.33
N ALA D 353 42.28 1.79 14.89
CA ALA D 353 42.96 0.50 14.99
C ALA D 353 42.18 -0.57 14.21
N GLU E 8 -35.09 21.25 -27.55
CA GLU E 8 -34.61 22.31 -26.64
C GLU E 8 -34.25 21.76 -25.26
N ARG E 9 -34.69 20.54 -24.96
CA ARG E 9 -34.13 19.80 -23.82
C ARG E 9 -34.38 18.28 -23.92
N TRP E 10 -33.76 17.54 -23.00
CA TRP E 10 -33.82 16.08 -22.99
C TRP E 10 -34.91 15.57 -22.08
N TRP E 11 -35.90 14.88 -22.66
CA TRP E 11 -36.99 14.31 -21.89
C TRP E 11 -36.78 12.82 -21.64
N ARG E 12 -37.30 12.35 -20.51
CA ARG E 12 -37.08 10.97 -20.08
C ARG E 12 -38.35 10.14 -20.02
N PHE E 13 -38.25 8.89 -20.44
CA PHE E 13 -39.35 7.95 -20.31
C PHE E 13 -38.86 6.65 -19.71
N ARG E 14 -39.68 6.05 -18.85
CA ARG E 14 -39.38 4.74 -18.27
C ARG E 14 -40.38 3.67 -18.74
N VAL E 15 -39.88 2.65 -19.46
CA VAL E 15 -40.68 1.50 -19.88
C VAL E 15 -40.31 0.19 -19.17
N ASP E 16 -41.08 -0.22 -18.16
CA ASP E 16 -40.82 -1.47 -17.44
C ASP E 16 -41.20 -2.73 -18.24
N TYR E 17 -40.31 -3.70 -18.28
CA TYR E 17 -40.54 -4.91 -19.04
C TYR E 17 -39.66 -6.03 -18.50
N HIS E 18 -39.98 -6.46 -17.29
CA HIS E 18 -39.11 -7.30 -16.48
C HIS E 18 -38.63 -8.62 -17.11
N ALA E 19 -39.55 -9.51 -17.45
CA ALA E 19 -39.13 -10.84 -17.88
C ALA E 19 -39.47 -11.07 -19.33
N GLY E 20 -39.97 -10.03 -19.97
CA GLY E 20 -40.31 -10.15 -21.38
C GLY E 20 -39.08 -10.13 -22.27
N PRO E 21 -39.25 -10.49 -23.54
CA PRO E 21 -38.16 -10.38 -24.52
C PRO E 21 -37.84 -8.91 -24.85
N MET E 22 -36.73 -8.41 -24.31
CA MET E 22 -36.32 -7.01 -24.46
C MET E 22 -36.00 -6.67 -25.92
N ASP E 23 -35.24 -7.53 -26.61
CA ASP E 23 -34.91 -7.29 -28.04
C ASP E 23 -36.19 -7.07 -28.88
N ASP E 24 -37.33 -7.55 -28.38
CA ASP E 24 -38.58 -7.45 -29.13
C ASP E 24 -39.29 -6.15 -28.86
N LEU E 25 -39.27 -5.72 -27.60
CA LEU E 25 -39.82 -4.42 -27.23
C LEU E 25 -39.12 -3.32 -28.00
N ILE E 26 -37.81 -3.50 -28.21
CA ILE E 26 -37.02 -2.55 -28.96
C ILE E 26 -37.58 -2.43 -30.37
N LEU E 27 -37.61 -3.56 -31.08
CA LEU E 27 -37.95 -3.57 -32.50
C LEU E 27 -39.43 -3.35 -32.82
N ASP E 28 -40.33 -3.82 -31.95
CA ASP E 28 -41.77 -3.89 -32.27
C ASP E 28 -42.59 -2.82 -31.58
N GLY E 29 -42.01 -2.23 -30.53
CA GLY E 29 -42.68 -1.18 -29.80
C GLY E 29 -41.94 0.14 -29.89
N VAL E 30 -40.63 0.12 -29.62
CA VAL E 30 -39.93 1.39 -29.47
C VAL E 30 -39.54 1.99 -30.82
N ARG E 31 -38.93 1.20 -31.69
CA ARG E 31 -38.50 1.72 -33.00
C ARG E 31 -39.66 2.35 -33.81
N PRO E 32 -40.80 1.64 -33.97
CA PRO E 32 -41.94 2.31 -34.62
C PRO E 32 -42.33 3.66 -34.02
N ALA E 33 -42.39 3.76 -32.69
CA ALA E 33 -42.74 5.03 -32.05
C ALA E 33 -41.77 6.12 -32.48
N PHE E 34 -40.50 5.74 -32.64
CA PHE E 34 -39.44 6.67 -33.02
C PHE E 34 -39.60 7.16 -34.44
N ALA E 35 -39.99 6.25 -35.35
CA ALA E 35 -40.23 6.64 -36.74
C ALA E 35 -41.46 7.55 -36.82
N ALA E 36 -42.42 7.28 -35.93
CA ALA E 36 -43.69 8.00 -35.86
C ALA E 36 -43.53 9.50 -35.62
N PHE E 37 -42.40 9.91 -35.04
CA PHE E 37 -42.15 11.34 -34.85
C PHE E 37 -40.74 11.76 -35.35
N ALA E 38 -40.19 11.01 -36.29
CA ALA E 38 -38.81 11.21 -36.74
C ALA E 38 -38.58 12.39 -37.71
N ALA E 39 -39.65 13.00 -38.21
CA ALA E 39 -39.52 14.24 -38.95
C ALA E 39 -39.40 15.40 -37.96
N GLN E 40 -40.08 15.24 -36.82
CA GLN E 40 -40.21 16.31 -35.84
C GLN E 40 -39.12 16.24 -34.76
N ALA E 41 -38.76 15.02 -34.36
CA ALA E 41 -37.74 14.81 -33.33
C ALA E 41 -36.78 13.71 -33.73
N PRO E 42 -35.86 14.01 -34.64
CA PRO E 42 -34.89 13.00 -35.13
C PRO E 42 -33.90 12.57 -34.05
N MET E 43 -33.91 13.28 -32.94
CA MET E 43 -32.90 13.11 -31.92
C MET E 43 -33.40 12.26 -30.75
N ALA E 44 -33.23 10.95 -30.89
CA ALA E 44 -33.68 10.05 -29.85
C ALA E 44 -32.72 8.88 -29.65
N TYR E 45 -32.80 8.28 -28.46
CA TYR E 45 -32.08 7.06 -28.16
C TYR E 45 -32.65 6.39 -26.91
N PHE E 46 -32.33 5.11 -26.74
CA PHE E 46 -32.80 4.36 -25.60
C PHE E 46 -31.64 3.65 -24.93
N LEU E 47 -31.80 3.35 -23.64
CA LEU E 47 -30.84 2.53 -22.91
C LEU E 47 -31.53 1.45 -22.04
N ARG E 48 -30.85 0.33 -21.85
CA ARG E 48 -31.29 -0.65 -20.85
C ARG E 48 -30.69 -0.32 -19.49
N HIS E 49 -31.44 -0.61 -18.43
CA HIS E 49 -30.95 -0.52 -17.06
C HIS E 49 -31.72 -1.47 -16.12
N TRP E 50 -31.08 -1.77 -14.97
CA TRP E 50 -31.51 -2.76 -13.99
C TRP E 50 -32.37 -2.24 -12.84
N ARG E 51 -32.31 -0.95 -12.56
CA ARG E 51 -32.80 -0.47 -11.29
C ARG E 51 -34.31 -0.48 -11.21
N ARG E 52 -34.82 -1.07 -10.14
CA ARG E 52 -36.26 -1.24 -9.92
C ARG E 52 -36.88 -2.14 -10.99
N GLY E 53 -36.07 -3.02 -11.57
CA GLY E 53 -36.55 -4.00 -12.53
C GLY E 53 -36.12 -3.69 -13.94
N PRO E 54 -35.71 -4.73 -14.69
CA PRO E 54 -35.18 -4.65 -16.06
C PRO E 54 -36.07 -3.72 -16.84
N HIS E 55 -35.52 -2.65 -17.41
CA HIS E 55 -36.37 -1.70 -18.11
C HIS E 55 -35.62 -0.98 -19.19
N LEU E 56 -36.34 -0.09 -19.86
CA LEU E 56 -35.76 0.74 -20.90
C LEU E 56 -35.88 2.18 -20.50
N ARG E 57 -34.84 2.93 -20.82
CA ARG E 57 -34.86 4.37 -20.60
C ARG E 57 -34.91 5.02 -21.97
N ILE E 58 -35.99 5.76 -22.25
CA ILE E 58 -36.08 6.48 -23.53
C ILE E 58 -35.74 7.98 -23.38
N TYR E 59 -34.83 8.45 -24.23
CA TYR E 59 -34.48 9.87 -24.25
C TYR E 59 -34.87 10.46 -25.60
N VAL E 60 -35.69 11.51 -25.57
CA VAL E 60 -35.96 12.29 -26.80
C VAL E 60 -35.73 13.78 -26.56
N SER E 61 -35.14 14.49 -27.52
CA SER E 61 -34.91 15.91 -27.31
C SER E 61 -35.70 16.80 -28.25
N THR E 62 -36.75 17.41 -27.69
CA THR E 62 -37.51 18.47 -28.34
C THR E 62 -38.05 19.43 -27.28
N THR E 63 -38.96 20.30 -27.69
CA THR E 63 -39.64 21.21 -26.78
C THR E 63 -40.80 20.53 -26.06
N ARG E 64 -41.43 21.24 -25.13
CA ARG E 64 -42.57 20.66 -24.43
C ARG E 64 -43.77 20.64 -25.38
N GLU E 65 -43.76 21.54 -26.36
CA GLU E 65 -44.90 21.65 -27.26
C GLU E 65 -44.87 20.63 -28.38
N ALA E 66 -43.68 20.12 -28.69
CA ALA E 66 -43.58 18.95 -29.54
C ALA E 66 -43.90 17.71 -28.71
N LEU E 67 -43.62 17.81 -27.41
CA LEU E 67 -43.83 16.71 -26.48
C LEU E 67 -45.28 16.25 -26.50
N GLU E 68 -46.20 17.13 -26.11
CA GLU E 68 -47.61 16.76 -26.00
C GLU E 68 -48.28 16.57 -27.35
N ALA E 69 -47.68 17.12 -28.41
CA ALA E 69 -48.28 17.08 -29.73
C ALA E 69 -47.99 15.79 -30.48
N VAL E 70 -46.72 15.40 -30.56
CA VAL E 70 -46.38 14.31 -31.47
C VAL E 70 -45.47 13.22 -30.89
N VAL E 71 -44.76 13.50 -29.79
CA VAL E 71 -43.83 12.49 -29.24
C VAL E 71 -44.43 11.67 -28.06
N ARG E 72 -45.06 12.29 -27.06
CA ARG E 72 -45.68 11.53 -25.97
C ARG E 72 -46.84 10.65 -26.43
N PRO E 73 -47.64 11.11 -27.42
CA PRO E 73 -48.69 10.23 -27.98
C PRO E 73 -48.18 9.01 -28.74
N ALA E 74 -47.16 9.18 -29.57
CA ALA E 74 -46.63 8.09 -30.38
C ALA E 74 -45.97 7.03 -29.50
N ILE E 75 -45.58 7.43 -28.29
CA ILE E 75 -45.03 6.52 -27.31
C ILE E 75 -46.16 5.73 -26.65
N GLU E 76 -47.16 6.43 -26.11
CA GLU E 76 -48.27 5.74 -25.46
C GLU E 76 -49.07 4.88 -26.43
N HIS E 77 -49.18 5.30 -27.68
CA HIS E 77 -49.95 4.51 -28.63
C HIS E 77 -49.15 3.28 -29.14
N VAL E 78 -47.95 3.52 -29.66
CA VAL E 78 -47.18 2.43 -30.29
C VAL E 78 -46.45 1.57 -29.27
N VAL E 79 -45.91 2.19 -28.20
CA VAL E 79 -45.25 1.41 -27.14
C VAL E 79 -46.32 0.76 -26.28
N GLY E 80 -47.27 1.56 -25.80
CA GLY E 80 -48.38 1.02 -25.02
C GLY E 80 -49.10 -0.09 -25.76
N GLY E 81 -49.09 0.01 -27.10
CA GLY E 81 -49.65 -1.00 -27.97
C GLY E 81 -48.91 -2.32 -27.93
N TYR E 82 -47.58 -2.24 -27.82
CA TYR E 82 -46.77 -3.44 -27.67
C TYR E 82 -47.06 -4.09 -26.33
N LEU E 83 -47.15 -3.25 -25.30
CA LEU E 83 -47.29 -3.72 -23.92
C LEU E 83 -48.55 -4.54 -23.72
N ARG E 84 -49.62 -4.17 -24.41
CA ARG E 84 -50.87 -4.91 -24.34
C ARG E 84 -50.75 -6.22 -25.12
N ALA E 85 -50.09 -6.14 -26.28
CA ALA E 85 -50.00 -7.26 -27.21
C ALA E 85 -49.05 -8.39 -26.78
N ARG E 86 -47.94 -8.05 -26.12
CA ARG E 86 -46.97 -9.06 -25.69
C ARG E 86 -46.45 -8.81 -24.26
N PRO E 87 -47.36 -8.70 -23.27
CA PRO E 87 -46.93 -8.25 -21.94
C PRO E 87 -46.00 -9.21 -21.21
N SER E 88 -45.05 -8.62 -20.49
CA SER E 88 -44.07 -9.34 -19.71
C SER E 88 -44.76 -10.10 -18.59
N PRO E 89 -44.35 -11.36 -18.37
CA PRO E 89 -44.87 -12.25 -17.32
C PRO E 89 -44.75 -11.62 -15.95
N GLY E 90 -43.52 -11.27 -15.62
CA GLY E 90 -43.15 -10.82 -14.30
C GLY E 90 -41.93 -11.59 -13.84
N MET E 91 -41.20 -10.98 -12.91
CA MET E 91 -40.09 -11.67 -12.26
C MET E 91 -40.70 -12.45 -11.10
N ALA E 92 -40.02 -13.49 -10.63
CA ALA E 92 -40.58 -14.25 -9.51
C ALA E 92 -40.45 -13.46 -8.17
N ASP E 93 -39.23 -13.06 -7.82
CA ASP E 93 -39.01 -12.32 -6.57
C ASP E 93 -38.00 -11.17 -6.73
N PRO E 94 -38.50 -9.94 -6.73
CA PRO E 94 -37.65 -8.74 -6.73
C PRO E 94 -36.54 -8.81 -5.69
N SER E 95 -36.91 -9.06 -4.44
CA SER E 95 -35.91 -9.07 -3.37
C SER E 95 -34.74 -10.04 -3.60
N ALA E 96 -34.94 -11.05 -4.43
CA ALA E 96 -33.86 -11.98 -4.76
C ALA E 96 -32.70 -11.27 -5.43
N PHE E 97 -33.00 -10.13 -6.06
CA PHE E 97 -32.00 -9.34 -6.76
C PHE E 97 -31.45 -8.22 -5.90
N LEU E 98 -32.04 -7.93 -4.74
CA LEU E 98 -31.64 -6.76 -3.96
C LEU E 98 -30.13 -6.76 -3.68
N PRO E 99 -29.59 -7.83 -3.07
CA PRO E 99 -28.15 -7.73 -2.78
C PRO E 99 -27.27 -7.49 -4.01
N LEU E 100 -27.62 -8.00 -5.17
CA LEU E 100 -26.84 -7.70 -6.38
C LEU E 100 -27.05 -6.26 -6.79
N HIS E 101 -28.25 -5.75 -6.58
CA HIS E 101 -28.56 -4.39 -6.94
C HIS E 101 -27.86 -3.38 -5.98
N GLU E 102 -27.82 -3.70 -4.69
CA GLU E 102 -27.04 -2.94 -3.72
C GLU E 102 -25.61 -2.79 -4.23
N ARG E 103 -25.01 -3.90 -4.63
CA ARG E 103 -23.60 -3.92 -5.06
C ARG E 103 -23.40 -3.16 -6.37
N LEU E 104 -24.35 -3.26 -7.29
CA LEU E 104 -24.21 -2.51 -8.51
C LEU E 104 -24.36 -1.03 -8.20
N ALA E 105 -25.21 -0.68 -7.23
CA ALA E 105 -25.47 0.74 -6.98
C ALA E 105 -24.23 1.41 -6.36
N GLU E 106 -23.48 0.67 -5.56
CA GLU E 106 -22.19 1.12 -5.05
C GLU E 106 -21.20 1.28 -6.18
N LEU E 107 -21.18 0.31 -7.09
CA LEU E 107 -20.26 0.28 -8.20
C LEU E 107 -20.50 1.36 -9.26
N GLU E 108 -21.75 1.56 -9.66
CA GLU E 108 -22.08 2.53 -10.71
C GLU E 108 -22.50 3.86 -10.11
N GLY E 109 -22.43 3.97 -8.79
CA GLY E 109 -22.97 5.10 -8.05
C GLY E 109 -24.34 5.49 -8.59
N GLU E 110 -25.40 4.79 -8.17
CA GLU E 110 -26.66 4.97 -8.90
C GLU E 110 -27.64 5.96 -8.28
N ASP E 111 -27.97 5.78 -7.01
CA ASP E 111 -28.91 6.69 -6.31
C ASP E 111 -30.35 6.51 -6.77
N GLY E 112 -31.21 6.26 -5.79
CA GLY E 112 -32.62 6.06 -6.03
C GLY E 112 -33.02 4.80 -5.29
N PRO E 113 -34.33 4.58 -5.13
CA PRO E 113 -34.79 3.33 -4.55
C PRO E 113 -34.31 2.14 -5.35
N LEU E 114 -33.96 1.05 -4.67
CA LEU E 114 -33.68 -0.20 -5.32
C LEU E 114 -34.90 -1.08 -5.23
N MET E 115 -35.61 -0.92 -4.11
CA MET E 115 -36.90 -1.57 -3.74
C MET E 115 -37.91 -0.48 -3.37
N PRO E 116 -39.21 -0.69 -3.64
CA PRO E 116 -39.97 -1.65 -4.44
C PRO E 116 -39.85 -1.40 -5.94
N TRP E 117 -39.82 -2.45 -6.76
CA TRP E 117 -39.79 -2.27 -8.21
C TRP E 117 -40.96 -1.43 -8.73
N SER E 118 -40.72 -0.74 -9.83
CA SER E 118 -41.77 -0.12 -10.63
C SER E 118 -42.67 -1.23 -11.16
N PRO E 119 -43.97 -0.93 -11.34
CA PRO E 119 -44.95 -1.88 -11.89
C PRO E 119 -44.54 -2.39 -13.26
N ASP E 120 -44.70 -3.69 -13.51
CA ASP E 120 -44.24 -4.27 -14.77
C ASP E 120 -45.18 -3.82 -15.89
N ASN E 121 -44.66 -3.75 -17.10
CA ASN E 121 -45.44 -3.39 -18.28
C ASN E 121 -46.07 -2.00 -18.27
N THR E 122 -45.69 -1.14 -17.32
CA THR E 122 -46.16 0.26 -17.31
C THR E 122 -45.20 1.22 -18.01
N ILE E 123 -45.71 2.41 -18.35
CA ILE E 123 -44.94 3.49 -18.95
C ILE E 123 -45.00 4.72 -18.08
N HIS E 124 -43.86 5.21 -17.63
CA HIS E 124 -43.83 6.41 -16.80
C HIS E 124 -43.03 7.50 -17.51
N ALA E 125 -43.59 8.69 -17.56
CA ALA E 125 -42.88 9.85 -18.07
C ALA E 125 -42.10 10.44 -16.90
N GLU E 126 -40.79 10.64 -17.09
CA GLU E 126 -39.91 10.95 -15.96
C GLU E 126 -39.42 12.40 -15.98
N GLY E 127 -39.82 13.14 -17.01
CA GLY E 127 -39.46 14.54 -17.07
C GLY E 127 -38.04 14.67 -17.59
N GLU E 128 -37.47 15.85 -17.42
CA GLU E 128 -36.24 16.21 -18.11
C GLU E 128 -34.96 16.10 -17.29
N ARG E 129 -33.85 15.82 -17.97
N ARG E 129 -33.85 15.81 -17.97
CA ARG E 129 -32.53 15.87 -17.36
CA ARG E 129 -32.53 15.85 -17.35
C ARG E 129 -32.32 17.25 -16.78
C ARG E 129 -32.31 17.25 -16.78
N PRO E 130 -31.71 17.33 -15.58
CA PRO E 130 -31.59 18.55 -14.74
C PRO E 130 -31.54 19.88 -15.50
N GLU E 131 -30.35 20.42 -15.75
CA GLU E 131 -30.25 21.68 -16.50
C GLU E 131 -29.04 21.66 -17.48
N PRO E 132 -27.76 21.71 -16.99
CA PRO E 132 -26.77 21.48 -18.05
C PRO E 132 -26.04 20.14 -17.93
N LEU E 133 -25.78 19.51 -19.07
CA LEU E 133 -25.08 18.23 -19.16
C LEU E 133 -23.59 18.50 -19.31
N THR E 134 -22.73 17.58 -18.85
CA THR E 134 -21.28 17.74 -19.04
C THR E 134 -20.94 17.65 -20.52
N VAL E 135 -19.66 17.84 -20.86
CA VAL E 135 -19.27 17.77 -22.27
C VAL E 135 -19.38 16.32 -22.72
N ARG E 136 -18.96 15.43 -21.84
CA ARG E 136 -19.12 14.00 -21.93
C ARG E 136 -20.51 13.51 -22.26
N ASP E 137 -21.48 13.84 -21.42
CA ASP E 137 -22.83 13.34 -21.57
C ASP E 137 -23.42 13.78 -22.90
N VAL E 138 -22.96 14.93 -23.38
CA VAL E 138 -23.45 15.50 -24.62
C VAL E 138 -22.89 14.69 -25.78
N LEU E 139 -21.61 14.35 -25.70
CA LEU E 139 -20.99 13.51 -26.70
C LEU E 139 -21.60 12.09 -26.72
N LEU E 140 -21.85 11.56 -25.54
CA LEU E 140 -22.42 10.22 -25.38
C LEU E 140 -23.80 10.13 -26.03
N ALA E 141 -24.66 11.06 -25.65
CA ALA E 141 -26.00 11.20 -26.22
C ALA E 141 -25.98 11.24 -27.75
N ASP E 142 -25.09 12.06 -28.32
CA ASP E 142 -24.96 12.12 -29.77
C ASP E 142 -24.60 10.75 -30.31
N PHE E 143 -23.63 10.12 -29.65
CA PHE E 143 -23.19 8.80 -30.07
C PHE E 143 -24.35 7.78 -30.05
N TYR E 144 -25.16 7.80 -29.01
CA TYR E 144 -26.20 6.81 -28.87
C TYR E 144 -27.20 7.01 -30.00
N ALA E 145 -27.58 8.26 -30.22
CA ALA E 145 -28.50 8.60 -31.30
C ALA E 145 -27.95 8.19 -32.66
N ASP E 146 -26.70 8.50 -32.93
CA ASP E 146 -26.16 8.23 -34.24
C ASP E 146 -26.05 6.73 -34.52
N THR E 147 -25.98 5.93 -33.45
CA THR E 147 -25.77 4.49 -33.58
C THR E 147 -27.05 3.64 -33.45
N THR E 148 -28.19 4.29 -33.24
CA THR E 148 -29.44 3.56 -33.14
C THR E 148 -29.81 2.65 -34.34
N PRO E 149 -29.63 3.11 -35.59
CA PRO E 149 -29.88 2.15 -36.66
C PRO E 149 -28.88 1.00 -36.67
N SER E 150 -27.76 1.16 -35.97
CA SER E 150 -26.82 0.05 -35.86
C SER E 150 -27.31 -0.96 -34.83
N VAL E 151 -28.19 -0.48 -33.95
CA VAL E 151 -28.80 -1.35 -32.97
C VAL E 151 -29.79 -2.27 -33.66
N TYR E 152 -30.80 -1.68 -34.31
CA TYR E 152 -31.84 -2.42 -35.03
C TYR E 152 -31.27 -3.50 -35.97
N HIS E 153 -30.37 -3.07 -36.83
CA HIS E 153 -29.64 -3.97 -37.73
C HIS E 153 -29.07 -5.17 -36.97
N ALA E 154 -28.39 -4.90 -35.86
CA ALA E 154 -27.81 -5.96 -35.04
C ALA E 154 -28.89 -6.84 -34.40
N LEU E 155 -29.96 -6.22 -33.91
CA LEU E 155 -31.00 -6.99 -33.23
C LEU E 155 -31.77 -7.80 -34.24
N GLU E 156 -32.04 -7.23 -35.41
CA GLU E 156 -32.85 -7.97 -36.39
C GLU E 156 -32.07 -9.16 -36.90
N ARG E 157 -30.75 -9.02 -36.95
CA ARG E 157 -29.90 -10.17 -37.23
C ARG E 157 -29.91 -11.16 -36.07
N VAL E 158 -30.21 -10.68 -34.87
CA VAL E 158 -30.22 -11.54 -33.71
C VAL E 158 -31.53 -12.36 -33.68
N ARG E 159 -32.62 -11.70 -34.03
CA ARG E 159 -33.95 -12.29 -34.03
C ARG E 159 -34.05 -13.50 -34.99
N SER E 160 -33.11 -13.57 -35.92
CA SER E 160 -33.09 -14.65 -36.90
C SER E 160 -31.94 -15.63 -36.65
N GLY E 161 -31.34 -15.58 -35.46
CA GLY E 161 -30.40 -16.61 -35.07
C GLY E 161 -28.92 -16.34 -35.33
N ALA E 162 -28.60 -15.13 -35.76
CA ALA E 162 -27.19 -14.73 -35.83
C ALA E 162 -26.67 -14.60 -34.44
N SER E 163 -25.42 -15.00 -34.27
CA SER E 163 -24.76 -14.99 -32.97
C SER E 163 -24.38 -13.57 -32.52
N LEU E 164 -25.08 -13.03 -31.52
CA LEU E 164 -24.75 -11.74 -30.92
C LEU E 164 -23.24 -11.59 -30.59
N PRO E 165 -22.60 -12.63 -30.01
CA PRO E 165 -21.16 -12.52 -29.84
C PRO E 165 -20.40 -12.27 -31.12
N THR E 166 -20.92 -12.74 -32.25
CA THR E 166 -20.21 -12.62 -33.53
C THR E 166 -20.36 -11.21 -34.06
N ILE E 167 -21.47 -10.57 -33.75
CA ILE E 167 -21.59 -9.17 -34.07
C ILE E 167 -20.56 -8.39 -33.25
N ALA E 168 -20.55 -8.65 -31.94
CA ALA E 168 -19.60 -8.01 -31.05
C ALA E 168 -18.16 -8.26 -31.48
N PHE E 169 -17.86 -9.47 -31.94
CA PHE E 169 -16.49 -9.73 -32.37
C PHE E 169 -16.12 -8.77 -33.50
N ASP E 170 -16.99 -8.69 -34.52
CA ASP E 170 -16.75 -7.82 -35.67
C ASP E 170 -16.54 -6.34 -35.24
N LEU E 171 -17.51 -5.79 -34.51
CA LEU E 171 -17.42 -4.38 -34.08
C LEU E 171 -16.16 -4.10 -33.29
N VAL E 172 -15.93 -4.90 -32.26
CA VAL E 172 -14.74 -4.72 -31.42
C VAL E 172 -13.45 -4.73 -32.23
N VAL E 173 -13.28 -5.73 -33.08
CA VAL E 173 -12.09 -5.82 -33.93
C VAL E 173 -11.96 -4.62 -34.89
N ALA E 174 -13.08 -4.18 -35.46
CA ALA E 174 -13.08 -3.17 -36.50
C ALA E 174 -12.64 -1.80 -35.95
N THR E 175 -13.19 -1.45 -34.78
CA THR E 175 -12.81 -0.26 -34.08
C THR E 175 -11.31 -0.23 -33.74
N ALA E 176 -10.76 -1.34 -33.26
CA ALA E 176 -9.34 -1.34 -32.89
C ALA E 176 -8.46 -1.26 -34.11
N HIS E 177 -8.95 -1.72 -35.27
CA HIS E 177 -8.10 -1.71 -36.46
C HIS E 177 -8.15 -0.34 -37.13
N ALA E 178 -9.37 0.18 -37.28
CA ALA E 178 -9.59 1.39 -38.03
C ALA E 178 -9.28 2.64 -37.23
N LEU E 179 -9.80 2.71 -36.00
CA LEU E 179 -9.72 3.94 -35.24
C LEU E 179 -8.55 4.02 -34.27
N SER E 180 -7.58 3.11 -34.34
CA SER E 180 -6.35 3.30 -33.57
C SER E 180 -5.23 3.76 -34.51
N THR E 181 -4.08 4.13 -33.96
CA THR E 181 -3.04 4.66 -34.82
C THR E 181 -2.41 3.52 -35.64
N GLY E 182 -1.92 2.48 -34.99
CA GLY E 182 -1.23 1.42 -35.70
C GLY E 182 -2.10 0.26 -36.19
N GLY E 183 -3.41 0.36 -35.99
CA GLY E 183 -4.30 -0.74 -36.33
C GLY E 183 -4.07 -1.90 -35.36
N LEU E 184 -4.65 -3.07 -35.69
CA LEU E 184 -4.63 -4.24 -34.80
C LEU E 184 -3.24 -4.68 -34.29
N PRO E 185 -2.19 -4.65 -35.13
CA PRO E 185 -0.86 -5.03 -34.62
C PRO E 185 -0.45 -4.33 -33.33
N VAL E 186 -0.88 -3.08 -33.18
CA VAL E 186 -0.61 -2.29 -32.00
C VAL E 186 -1.78 -2.35 -31.03
N ALA E 187 -3.00 -2.29 -31.58
CA ALA E 187 -4.21 -2.10 -30.76
C ALA E 187 -4.74 -3.37 -30.12
N ARG E 188 -4.32 -4.53 -30.60
CA ARG E 188 -4.78 -5.79 -30.04
C ARG E 188 -4.47 -5.80 -28.55
N THR E 189 -3.39 -5.13 -28.17
CA THR E 189 -3.01 -4.95 -26.77
C THR E 189 -4.15 -4.41 -25.93
N SER E 190 -4.92 -3.47 -26.47
CA SER E 190 -6.02 -2.89 -25.68
C SER E 190 -7.19 -3.86 -25.62
N LEU E 191 -7.24 -4.77 -26.59
CA LEU E 191 -8.21 -5.87 -26.58
C LEU E 191 -7.85 -6.92 -25.55
N ARG E 192 -6.57 -7.26 -25.43
CA ARG E 192 -6.15 -8.20 -24.40
C ARG E 192 -6.30 -7.59 -23.00
N SER E 193 -5.80 -6.37 -22.87
CA SER E 193 -5.83 -5.67 -21.60
C SER E 193 -7.23 -5.66 -20.94
N HIS E 194 -8.27 -5.48 -21.75
CA HIS E 194 -9.65 -5.38 -21.26
C HIS E 194 -10.04 -6.69 -20.62
N ALA E 195 -9.82 -7.80 -21.33
CA ALA E 195 -10.20 -9.12 -20.86
C ALA E 195 -9.41 -9.51 -19.62
N GLU E 196 -8.10 -9.27 -19.66
CA GLU E 196 -7.25 -9.55 -18.51
C GLU E 196 -7.68 -8.81 -17.23
N ALA E 197 -8.27 -7.63 -17.39
CA ALA E 197 -8.74 -6.85 -16.25
C ALA E 197 -9.86 -7.62 -15.54
N TYR E 198 -10.78 -8.16 -16.32
CA TYR E 198 -11.82 -9.07 -15.86
C TYR E 198 -11.26 -10.34 -15.24
N LEU E 199 -10.30 -10.98 -15.90
CA LEU E 199 -9.85 -12.27 -15.40
C LEU E 199 -9.19 -12.10 -14.02
N ALA E 200 -8.37 -11.06 -13.87
CA ALA E 200 -7.74 -10.76 -12.59
C ALA E 200 -8.76 -10.51 -11.46
N ARG E 201 -9.97 -10.06 -11.79
CA ARG E 201 -11.02 -9.86 -10.81
C ARG E 201 -11.63 -11.19 -10.30
N ARG E 202 -11.54 -12.25 -11.10
CA ARG E 202 -12.14 -13.55 -10.78
C ARG E 202 -11.11 -14.44 -10.11
N SER E 203 -11.48 -15.06 -8.99
CA SER E 203 -10.51 -15.86 -8.25
C SER E 203 -10.24 -17.19 -8.97
N ASP E 204 -11.01 -17.48 -10.01
CA ASP E 204 -10.68 -18.58 -10.92
C ASP E 204 -10.27 -18.05 -12.31
N GLY E 205 -9.49 -16.97 -12.33
CA GLY E 205 -9.05 -16.37 -13.58
C GLY E 205 -8.22 -17.28 -14.47
N VAL E 206 -7.12 -17.79 -13.90
CA VAL E 206 -6.22 -18.70 -14.60
C VAL E 206 -6.91 -19.97 -15.08
N ARG E 207 -8.03 -20.36 -14.49
CA ARG E 207 -8.71 -21.53 -15.02
C ARG E 207 -9.65 -21.13 -16.17
N LEU E 208 -10.19 -19.93 -16.11
CA LEU E 208 -11.10 -19.50 -17.18
C LEU E 208 -10.29 -19.03 -18.39
N ARG E 209 -9.05 -18.62 -18.15
CA ARG E 209 -8.19 -18.22 -19.26
C ARG E 209 -7.97 -19.40 -20.16
N GLU E 210 -7.51 -20.52 -19.62
CA GLU E 210 -7.14 -21.60 -20.51
C GLU E 210 -8.37 -22.24 -21.08
N LEU E 211 -9.51 -22.09 -20.41
CA LEU E 211 -10.76 -22.52 -21.01
C LEU E 211 -10.96 -21.72 -22.31
N TRP E 212 -10.61 -20.43 -22.26
CA TRP E 212 -10.69 -19.54 -23.41
C TRP E 212 -9.55 -19.80 -24.41
N ARG E 213 -8.30 -19.81 -23.93
CA ARG E 213 -7.16 -20.13 -24.81
C ARG E 213 -7.32 -21.50 -25.48
N ASP E 214 -8.04 -22.42 -24.84
CA ASP E 214 -8.35 -23.74 -25.42
C ASP E 214 -9.47 -23.63 -26.46
N HIS E 215 -10.58 -23.02 -26.07
CA HIS E 215 -11.69 -22.79 -26.99
C HIS E 215 -11.24 -22.04 -28.23
N TYR E 216 -10.23 -21.20 -28.09
CA TYR E 216 -9.71 -20.52 -29.26
C TYR E 216 -9.04 -21.52 -30.20
N ALA E 217 -8.06 -22.26 -29.68
CA ALA E 217 -7.22 -23.11 -30.52
C ALA E 217 -8.00 -24.22 -31.22
N ARG E 218 -9.11 -24.68 -30.63
CA ARG E 218 -9.99 -25.66 -31.30
C ARG E 218 -10.60 -25.07 -32.55
N ASN E 219 -10.68 -23.75 -32.55
CA ASN E 219 -11.30 -23.05 -33.65
C ASN E 219 -10.39 -22.04 -34.35
N ARG E 220 -9.08 -22.21 -34.18
CA ARG E 220 -8.12 -21.22 -34.68
C ARG E 220 -8.44 -20.73 -36.08
N GLU E 221 -8.62 -21.63 -37.04
CA GLU E 221 -8.80 -21.23 -38.43
C GLU E 221 -10.03 -20.36 -38.68
N ALA E 222 -11.11 -20.60 -37.95
CA ALA E 222 -12.33 -19.81 -38.12
C ALA E 222 -12.16 -18.37 -37.59
N PHE E 223 -11.47 -18.22 -36.45
CA PHE E 223 -11.27 -16.91 -35.85
C PHE E 223 -10.29 -16.05 -36.62
N THR E 224 -9.14 -16.62 -36.97
CA THR E 224 -8.09 -15.86 -37.63
C THR E 224 -8.54 -15.34 -38.97
N GLU E 225 -9.30 -16.15 -39.70
CA GLU E 225 -9.67 -15.75 -41.05
C GLU E 225 -10.89 -14.83 -41.06
N ARG E 226 -11.69 -14.82 -39.99
CA ARG E 226 -12.69 -13.76 -39.86
C ARG E 226 -12.06 -12.42 -39.42
N LEU E 227 -10.98 -12.49 -38.64
CA LEU E 227 -10.32 -11.27 -38.18
C LEU E 227 -9.58 -10.60 -39.35
N ILE E 228 -8.88 -11.38 -40.15
CA ILE E 228 -8.35 -10.91 -41.43
C ILE E 228 -9.45 -10.29 -42.31
N ALA E 229 -10.64 -10.88 -42.29
CA ALA E 229 -11.73 -10.38 -43.11
C ALA E 229 -12.42 -9.13 -42.52
N VAL E 230 -12.51 -9.05 -41.20
CA VAL E 230 -13.12 -7.89 -40.54
C VAL E 230 -12.21 -6.68 -40.65
N ALA E 231 -10.91 -6.92 -40.49
CA ALA E 231 -9.95 -5.86 -40.65
C ALA E 231 -10.03 -5.30 -42.08
N SER E 232 -10.17 -6.20 -43.07
CA SER E 232 -10.30 -5.80 -44.47
C SER E 232 -11.47 -4.85 -44.71
N SER E 233 -12.67 -5.21 -44.25
CA SER E 233 -13.82 -4.32 -44.35
C SER E 233 -13.67 -3.07 -43.50
N ALA E 234 -12.58 -2.97 -42.77
CA ALA E 234 -12.39 -1.86 -41.89
C ALA E 234 -11.46 -0.81 -42.51
N GLU E 235 -10.64 -1.23 -43.48
CA GLU E 235 -9.65 -0.33 -44.07
C GLU E 235 -9.88 0.03 -45.55
N SER E 236 -10.18 -0.96 -46.38
CA SER E 236 -10.30 -0.87 -47.85
C SER E 236 -10.04 0.49 -48.54
N ALA E 237 -10.95 1.44 -48.32
CA ALA E 237 -10.90 2.72 -49.02
C ALA E 237 -11.76 2.64 -50.29
N GLU E 238 -13.06 2.39 -50.09
CA GLU E 238 -13.98 2.15 -51.20
C GLU E 238 -15.42 2.52 -50.81
N ASN E 239 -16.30 2.50 -51.81
CA ASN E 239 -17.73 2.70 -51.58
C ASN E 239 -18.43 1.37 -51.27
N GLY E 240 -17.64 0.35 -50.95
CA GLY E 240 -18.15 -0.95 -50.53
C GLY E 240 -17.09 -1.93 -50.07
N ALA E 241 -17.54 -3.06 -49.54
CA ALA E 241 -16.68 -4.18 -49.18
C ALA E 241 -17.53 -5.45 -49.20
N HIS E 242 -17.18 -6.46 -48.41
CA HIS E 242 -17.97 -7.69 -48.37
C HIS E 242 -18.57 -7.98 -46.99
N LEU E 243 -18.35 -7.07 -46.02
CA LEU E 243 -19.07 -7.06 -44.74
C LEU E 243 -19.60 -5.67 -44.47
N PRO E 244 -20.82 -5.36 -44.94
CA PRO E 244 -21.39 -4.02 -44.71
C PRO E 244 -21.27 -3.50 -43.28
N HIS E 245 -21.99 -4.06 -42.31
CA HIS E 245 -22.18 -3.44 -41.00
C HIS E 245 -20.87 -3.01 -40.29
N VAL E 246 -19.74 -3.61 -40.66
CA VAL E 246 -18.45 -3.17 -40.15
C VAL E 246 -18.14 -1.80 -40.74
N ARG E 247 -18.38 -1.65 -42.04
CA ARG E 247 -18.12 -0.40 -42.73
C ARG E 247 -18.91 0.75 -42.18
N GLU E 248 -20.17 0.52 -41.81
CA GLU E 248 -20.87 1.68 -41.32
C GLU E 248 -20.50 1.96 -39.90
N TRP E 249 -20.09 0.93 -39.17
CA TRP E 249 -19.67 1.15 -37.80
C TRP E 249 -18.51 2.10 -37.82
N VAL E 250 -17.43 1.72 -38.51
CA VAL E 250 -16.25 2.56 -38.59
C VAL E 250 -16.59 3.97 -39.03
N ARG E 251 -17.26 4.08 -40.17
CA ARG E 251 -17.57 5.37 -40.79
C ARG E 251 -18.31 6.35 -39.86
N ARG E 252 -18.99 5.81 -38.87
CA ARG E 252 -19.87 6.53 -37.97
C ARG E 252 -19.12 6.87 -36.68
N LEU E 253 -17.99 6.20 -36.48
CA LEU E 253 -17.21 6.39 -35.26
C LEU E 253 -16.09 7.40 -35.52
N ARG E 254 -15.62 7.47 -36.77
CA ARG E 254 -14.51 8.37 -37.10
C ARG E 254 -14.82 9.82 -36.72
N PRO E 255 -16.01 10.34 -37.08
CA PRO E 255 -16.32 11.66 -36.53
C PRO E 255 -16.22 11.69 -35.01
N ILE E 256 -16.86 10.74 -34.32
CA ILE E 256 -16.80 10.69 -32.85
C ILE E 256 -15.34 10.71 -32.33
N ARG E 257 -14.43 9.94 -32.94
CA ARG E 257 -13.01 9.98 -32.56
C ARG E 257 -12.40 11.38 -32.69
N GLU E 258 -12.60 11.99 -33.86
CA GLU E 258 -12.08 13.31 -34.17
C GLU E 258 -12.59 14.37 -33.21
N ARG E 259 -13.91 14.42 -33.04
CA ARG E 259 -14.55 15.32 -32.10
C ARG E 259 -14.09 15.09 -30.66
N ALA E 260 -13.75 13.86 -30.31
CA ALA E 260 -13.28 13.60 -28.96
C ALA E 260 -11.82 14.06 -28.77
N ARG E 261 -11.01 13.93 -29.83
CA ARG E 261 -9.60 14.33 -29.76
C ARG E 261 -9.49 15.86 -29.73
N ALA E 262 -10.25 16.51 -30.60
CA ALA E 262 -10.45 17.93 -30.50
C ALA E 262 -10.86 18.34 -29.06
N LEU E 263 -11.94 17.77 -28.53
CA LEU E 263 -12.40 18.11 -27.16
C LEU E 263 -11.35 17.95 -26.05
N LEU E 264 -10.50 16.93 -26.18
CA LEU E 264 -9.44 16.70 -25.21
C LEU E 264 -8.34 17.74 -25.37
N GLU E 265 -7.89 17.97 -26.60
CA GLU E 265 -6.87 18.97 -26.90
C GLU E 265 -7.15 20.35 -26.34
N SER E 266 -8.41 20.78 -26.43
CA SER E 266 -8.83 22.08 -25.96
C SER E 266 -9.26 22.09 -24.48
N GLY E 267 -9.25 20.92 -23.84
CA GLY E 267 -9.56 20.87 -22.43
C GLY E 267 -10.99 20.71 -21.92
N GLU E 268 -11.87 19.98 -22.61
CA GLU E 268 -13.13 19.64 -21.95
C GLU E 268 -13.43 18.16 -21.69
N LEU E 269 -12.39 17.33 -21.50
CA LEU E 269 -12.61 15.96 -21.00
C LEU E 269 -11.31 15.42 -20.35
N THR E 270 -11.40 14.33 -19.57
CA THR E 270 -10.37 13.27 -19.42
C THR E 270 -10.76 12.18 -18.40
N LEU E 271 -12.06 11.91 -18.29
CA LEU E 271 -12.59 10.83 -17.45
C LEU E 271 -12.74 9.52 -18.26
N GLU E 272 -13.70 9.48 -19.22
CA GLU E 272 -14.07 8.34 -20.06
C GLU E 272 -12.88 7.46 -20.47
N ARG E 306 0.77 14.10 -28.15
CA ARG E 306 0.84 12.73 -28.66
C ARG E 306 -0.18 11.75 -28.00
N ASP E 307 -0.21 11.62 -26.67
CA ASP E 307 -1.13 10.61 -26.10
C ASP E 307 -2.53 11.24 -25.86
N SER E 308 -2.77 12.11 -24.87
CA SER E 308 -4.17 12.44 -24.52
C SER E 308 -5.00 12.99 -25.70
N PRO E 309 -4.36 13.58 -26.71
CA PRO E 309 -5.12 13.66 -27.97
C PRO E 309 -5.46 12.27 -28.54
N ALA E 310 -4.61 11.74 -29.42
CA ALA E 310 -4.89 10.53 -30.20
C ALA E 310 -5.38 9.38 -29.33
N PHE E 311 -4.58 9.06 -28.33
CA PHE E 311 -4.83 7.89 -27.49
C PHE E 311 -6.01 8.05 -26.54
N GLY E 312 -6.32 9.28 -26.14
CA GLY E 312 -7.48 9.48 -25.32
C GLY E 312 -8.73 9.27 -26.17
N ALA E 313 -8.63 9.58 -27.44
CA ALA E 313 -9.79 9.58 -28.32
C ALA E 313 -10.13 8.15 -28.70
N TYR E 314 -9.08 7.37 -28.99
CA TYR E 314 -9.21 5.95 -29.20
C TYR E 314 -9.92 5.29 -28.01
N ARG E 315 -9.41 5.47 -26.79
CA ARG E 315 -10.06 4.86 -25.64
C ARG E 315 -11.52 5.29 -25.48
N LEU E 316 -11.87 6.51 -25.86
CA LEU E 316 -13.26 6.91 -25.70
C LEU E 316 -14.13 6.15 -26.70
N VAL E 317 -13.55 5.85 -27.85
CA VAL E 317 -14.32 5.36 -28.96
C VAL E 317 -14.44 3.81 -28.85
N ILE E 318 -13.36 3.13 -28.46
CA ILE E 318 -13.49 1.71 -28.12
C ILE E 318 -14.44 1.56 -26.93
N ASN E 319 -14.46 2.53 -26.01
CA ASN E 319 -15.37 2.41 -24.89
C ASN E 319 -16.82 2.62 -25.29
N CYS E 320 -17.01 3.49 -26.27
CA CYS E 320 -18.34 3.70 -26.80
C CYS E 320 -18.82 2.40 -27.50
N THR E 321 -17.91 1.69 -28.14
CA THR E 321 -18.27 0.42 -28.74
C THR E 321 -18.77 -0.56 -27.68
N TYR E 322 -18.00 -0.72 -26.61
CA TYR E 322 -18.41 -1.60 -25.53
C TYR E 322 -19.78 -1.17 -25.05
N LEU E 323 -20.03 0.13 -24.96
CA LEU E 323 -21.31 0.63 -24.44
C LEU E 323 -22.48 0.29 -25.40
N HIS E 324 -22.16 0.19 -26.69
CA HIS E 324 -23.10 -0.22 -27.72
C HIS E 324 -23.47 -1.69 -27.51
N LEU E 325 -22.46 -2.55 -27.43
CA LEU E 325 -22.66 -3.98 -27.24
C LEU E 325 -23.54 -4.24 -25.99
N THR E 326 -23.32 -3.52 -24.90
CA THR E 326 -24.24 -3.65 -23.76
C THR E 326 -25.66 -3.26 -24.18
N ARG E 327 -25.79 -2.35 -25.13
CA ARG E 327 -27.12 -1.93 -25.57
C ARG E 327 -27.74 -3.03 -26.46
N LEU E 328 -26.89 -3.86 -27.06
CA LEU E 328 -27.34 -4.99 -27.88
C LEU E 328 -27.78 -6.20 -27.05
N GLY E 329 -27.41 -6.22 -25.77
CA GLY E 329 -27.76 -7.32 -24.91
C GLY E 329 -26.57 -8.11 -24.38
N LEU E 330 -25.38 -7.88 -24.95
CA LEU E 330 -24.16 -8.57 -24.53
C LEU E 330 -23.90 -8.45 -23.04
N THR E 331 -23.54 -9.55 -22.41
CA THR E 331 -23.25 -9.53 -20.97
C THR E 331 -21.78 -9.21 -20.81
N PRO E 332 -21.41 -8.52 -19.72
CA PRO E 332 -19.99 -8.20 -19.52
C PRO E 332 -19.09 -9.41 -19.77
N HIS E 333 -19.53 -10.58 -19.31
CA HIS E 333 -18.80 -11.83 -19.49
C HIS E 333 -18.63 -12.18 -20.95
N GLN E 334 -19.71 -12.03 -21.71
CA GLN E 334 -19.62 -12.29 -23.14
C GLN E 334 -18.64 -11.30 -23.77
N ARG E 335 -18.72 -10.03 -23.36
CA ARG E 335 -17.81 -8.99 -23.88
C ARG E 335 -16.36 -9.35 -23.62
N PHE E 336 -16.02 -9.68 -22.37
CA PHE E 336 -14.64 -10.06 -22.07
C PHE E 336 -14.18 -11.29 -22.86
N LEU E 337 -15.09 -12.23 -23.10
CA LEU E 337 -14.73 -13.41 -23.87
C LEU E 337 -14.44 -13.06 -25.31
N VAL E 338 -15.34 -12.27 -25.91
CA VAL E 338 -15.09 -11.75 -27.26
C VAL E 338 -13.75 -10.96 -27.41
N CYS E 339 -13.43 -10.06 -26.47
CA CYS E 339 -12.14 -9.37 -26.52
C CYS E 339 -11.01 -10.36 -26.39
N HIS E 340 -11.18 -11.34 -25.52
CA HIS E 340 -10.09 -12.27 -25.32
C HIS E 340 -9.83 -13.06 -26.62
N LEU E 341 -10.91 -13.44 -27.30
CA LEU E 341 -10.78 -14.16 -28.56
C LEU E 341 -10.23 -13.26 -29.68
N ALA E 342 -10.56 -11.98 -29.67
CA ALA E 342 -9.99 -11.09 -30.68
C ALA E 342 -8.51 -11.05 -30.50
N ALA E 343 -8.05 -10.91 -29.26
CA ALA E 343 -6.62 -10.74 -29.03
C ALA E 343 -5.82 -12.02 -29.36
N ASP E 344 -6.40 -13.18 -29.08
CA ASP E 344 -5.78 -14.44 -29.52
C ASP E 344 -5.65 -14.47 -31.05
N ALA E 345 -6.75 -14.16 -31.75
CA ALA E 345 -6.76 -14.13 -33.21
C ALA E 345 -5.73 -13.14 -33.78
N ALA E 346 -5.73 -11.91 -33.26
CA ALA E 346 -4.77 -10.90 -33.67
C ALA E 346 -3.34 -11.37 -33.46
N ALA E 347 -3.07 -11.97 -32.32
CA ALA E 347 -1.71 -12.41 -32.01
C ALA E 347 -1.23 -13.42 -33.05
N ASP E 348 -2.15 -14.23 -33.56
CA ASP E 348 -1.78 -15.22 -34.55
C ASP E 348 -1.46 -14.55 -35.87
N VAL E 349 -2.45 -13.81 -36.39
CA VAL E 349 -2.38 -13.22 -37.71
C VAL E 349 -1.19 -12.30 -37.87
N TYR E 350 -0.95 -11.47 -36.86
CA TYR E 350 0.08 -10.42 -36.94
C TYR E 350 1.41 -10.87 -36.35
N GLY E 351 1.45 -12.08 -35.81
CA GLY E 351 2.69 -12.66 -35.36
C GLY E 351 3.37 -13.44 -36.47
N ILE E 352 2.57 -14.09 -37.32
CA ILE E 352 3.09 -14.97 -38.38
C ILE E 352 3.76 -14.17 -39.53
N ALA E 353 3.27 -12.97 -39.79
CA ALA E 353 3.99 -12.03 -40.65
C ALA E 353 5.38 -11.71 -40.07
N GLU F 8 28.40 -42.36 8.23
CA GLU F 8 27.19 -42.04 7.47
C GLU F 8 26.57 -40.72 7.96
N ARG F 9 27.33 -39.64 7.85
CA ARG F 9 26.87 -38.29 8.20
C ARG F 9 27.26 -37.31 7.08
N TRP F 10 26.29 -36.53 6.60
CA TRP F 10 26.48 -35.65 5.42
C TRP F 10 27.55 -34.55 5.54
N TRP F 11 28.77 -34.80 5.05
CA TRP F 11 29.89 -33.84 5.16
C TRP F 11 30.02 -32.86 3.96
N ARG F 12 29.87 -31.55 4.15
CA ARG F 12 29.93 -30.73 2.94
C ARG F 12 31.22 -29.97 2.82
N PHE F 13 31.34 -29.35 1.65
CA PHE F 13 32.49 -28.58 1.27
C PHE F 13 32.03 -27.34 0.51
N ARG F 14 33.01 -26.55 0.08
CA ARG F 14 32.73 -25.34 -0.67
C ARG F 14 33.87 -25.06 -1.65
N VAL F 15 33.53 -24.97 -2.93
CA VAL F 15 34.51 -24.63 -3.95
C VAL F 15 34.21 -23.26 -4.57
N ASP F 16 35.06 -22.29 -4.26
CA ASP F 16 34.96 -20.97 -4.86
C ASP F 16 35.56 -20.95 -6.25
N TYR F 17 34.78 -20.39 -7.16
CA TYR F 17 35.09 -20.42 -8.59
C TYR F 17 34.16 -19.43 -9.28
N HIS F 18 34.55 -18.16 -9.28
CA HIS F 18 33.60 -17.11 -9.57
C HIS F 18 33.32 -16.92 -11.05
N ALA F 19 34.32 -16.42 -11.77
CA ALA F 19 34.16 -16.03 -13.16
C ALA F 19 34.09 -17.22 -14.12
N GLY F 20 35.05 -18.15 -14.02
CA GLY F 20 35.18 -19.26 -14.96
C GLY F 20 33.94 -20.13 -15.16
N PRO F 21 33.98 -21.04 -16.13
CA PRO F 21 32.88 -21.95 -16.48
C PRO F 21 32.48 -22.87 -15.34
N MET F 22 31.35 -22.63 -14.70
CA MET F 22 30.92 -23.50 -13.62
C MET F 22 30.67 -24.92 -14.11
N ASP F 23 30.37 -25.08 -15.39
CA ASP F 23 30.06 -26.41 -15.92
C ASP F 23 31.31 -27.25 -16.08
N ASP F 24 32.44 -26.56 -16.13
CA ASP F 24 33.73 -27.19 -16.40
C ASP F 24 34.35 -27.88 -15.19
N LEU F 25 34.39 -27.22 -14.04
CA LEU F 25 34.89 -27.90 -12.85
C LEU F 25 33.89 -28.92 -12.31
N ILE F 26 32.67 -28.92 -12.83
CA ILE F 26 31.78 -30.04 -12.58
C ILE F 26 32.29 -31.26 -13.36
N LEU F 27 32.77 -31.02 -14.59
CA LEU F 27 33.17 -32.11 -15.50
C LEU F 27 34.67 -32.46 -15.46
N ASP F 28 35.51 -31.50 -15.07
CA ASP F 28 36.97 -31.74 -15.02
C ASP F 28 37.53 -31.44 -13.63
N GLY F 29 36.71 -31.65 -12.61
CA GLY F 29 37.08 -31.34 -11.23
C GLY F 29 36.28 -32.11 -10.20
N VAL F 30 34.96 -32.14 -10.38
CA VAL F 30 34.08 -32.81 -9.43
C VAL F 30 33.87 -34.28 -9.80
N ARG F 31 33.67 -34.52 -11.10
CA ARG F 31 33.48 -35.89 -11.66
C ARG F 31 34.71 -36.79 -11.43
N PRO F 32 35.94 -36.28 -11.65
CA PRO F 32 37.07 -37.15 -11.30
C PRO F 32 37.07 -37.52 -9.81
N ALA F 33 36.99 -36.51 -8.94
CA ALA F 33 36.90 -36.70 -7.50
C ALA F 33 35.85 -37.75 -7.06
N PHE F 34 34.65 -37.72 -7.63
CA PHE F 34 33.61 -38.65 -7.22
C PHE F 34 33.86 -40.06 -7.76
N ALA F 35 34.90 -40.21 -8.57
CA ALA F 35 35.39 -41.54 -8.94
C ALA F 35 36.39 -42.01 -7.89
N ALA F 36 37.38 -41.16 -7.63
CA ALA F 36 38.47 -41.48 -6.69
C ALA F 36 38.01 -41.85 -5.28
N PHE F 37 36.71 -41.67 -4.98
CA PHE F 37 36.14 -42.19 -3.74
C PHE F 37 34.76 -42.80 -3.99
N ALA F 38 34.51 -43.17 -5.25
CA ALA F 38 33.26 -43.80 -5.65
C ALA F 38 32.91 -45.05 -4.81
N ALA F 39 33.93 -45.84 -4.47
CA ALA F 39 33.79 -47.13 -3.80
C ALA F 39 33.46 -47.08 -2.30
N GLN F 40 34.29 -46.37 -1.54
CA GLN F 40 34.10 -46.17 -0.10
C GLN F 40 32.73 -45.58 0.20
N ALA F 41 32.54 -44.32 -0.19
CA ALA F 41 31.25 -43.65 -0.06
C ALA F 41 30.58 -43.52 -1.41
N PRO F 42 29.41 -44.17 -1.56
CA PRO F 42 28.68 -44.16 -2.83
C PRO F 42 28.12 -42.78 -3.14
N MET F 43 27.09 -42.41 -2.37
CA MET F 43 26.30 -41.19 -2.58
C MET F 43 27.07 -39.88 -2.35
N ALA F 44 27.31 -39.15 -3.45
CA ALA F 44 27.99 -37.86 -3.39
C ALA F 44 27.46 -36.93 -4.49
N TYR F 45 26.83 -35.83 -4.08
CA TYR F 45 26.28 -34.88 -5.04
C TYR F 45 26.84 -33.46 -4.85
N PHE F 46 26.45 -32.56 -5.75
CA PHE F 46 26.84 -31.16 -5.65
C PHE F 46 25.68 -30.27 -6.06
N LEU F 47 25.61 -29.08 -5.44
CA LEU F 47 24.69 -28.00 -5.85
C LEU F 47 25.48 -26.73 -6.07
N ARG F 48 24.99 -25.86 -6.94
CA ARG F 48 25.69 -24.59 -7.19
C ARG F 48 24.92 -23.46 -6.52
N HIS F 49 25.66 -22.48 -6.01
CA HIS F 49 25.02 -21.40 -5.29
C HIS F 49 25.78 -20.10 -5.47
N TRP F 50 25.18 -19.02 -4.98
CA TRP F 50 25.70 -17.67 -5.15
C TRP F 50 26.21 -16.96 -3.87
N ARG F 51 25.72 -17.35 -2.69
CA ARG F 51 26.09 -16.63 -1.46
C ARG F 51 27.60 -16.51 -1.21
N ARG F 52 28.03 -15.27 -1.01
CA ARG F 52 29.44 -14.95 -0.83
C ARG F 52 30.29 -15.36 -2.02
N GLY F 53 29.66 -15.46 -3.20
CA GLY F 53 30.37 -15.77 -4.44
C GLY F 53 29.78 -16.99 -5.12
N PRO F 54 29.76 -17.00 -6.47
CA PRO F 54 29.29 -18.22 -7.12
C PRO F 54 30.24 -19.38 -6.83
N HIS F 55 29.68 -20.52 -6.47
CA HIS F 55 30.48 -21.59 -5.87
C HIS F 55 29.72 -22.89 -5.92
N LEU F 56 30.44 -23.98 -5.71
CA LEU F 56 29.79 -25.27 -5.58
C LEU F 56 29.76 -25.73 -4.13
N ARG F 57 28.58 -26.19 -3.71
CA ARG F 57 28.38 -26.83 -2.42
C ARG F 57 28.32 -28.36 -2.59
N ILE F 58 29.45 -29.02 -2.35
CA ILE F 58 29.57 -30.48 -2.50
C ILE F 58 29.17 -31.25 -1.24
N TYR F 59 28.35 -32.28 -1.39
CA TYR F 59 27.96 -33.10 -0.25
C TYR F 59 28.37 -34.58 -0.46
N VAL F 60 28.62 -35.29 0.65
CA VAL F 60 28.95 -36.71 0.61
C VAL F 60 28.68 -37.41 1.96
N SER F 61 27.96 -38.53 1.95
CA SER F 61 27.65 -39.30 3.17
C SER F 61 28.72 -40.36 3.48
N THR F 62 29.17 -40.42 4.73
CA THR F 62 30.45 -41.09 5.07
C THR F 62 30.88 -41.04 6.56
N THR F 63 32.12 -41.46 6.83
CA THR F 63 32.65 -41.44 8.22
C THR F 63 33.85 -40.52 8.40
N ARG F 64 34.12 -40.13 9.65
CA ARG F 64 35.13 -39.11 9.97
C ARG F 64 36.56 -39.46 9.51
N GLU F 65 36.90 -40.75 9.52
CA GLU F 65 38.23 -41.17 9.09
C GLU F 65 38.21 -41.55 7.61
N ALA F 66 37.03 -41.86 7.08
CA ALA F 66 36.90 -42.12 5.66
C ALA F 66 37.23 -40.84 4.91
N LEU F 67 36.84 -39.71 5.50
CA LEU F 67 37.08 -38.46 4.83
C LEU F 67 38.53 -38.02 4.97
N GLU F 68 39.07 -38.08 6.18
CA GLU F 68 40.45 -37.65 6.41
C GLU F 68 41.49 -38.57 5.75
N ALA F 69 41.04 -39.68 5.17
CA ALA F 69 41.96 -40.67 4.58
C ALA F 69 42.01 -40.62 3.04
N VAL F 70 40.86 -40.69 2.40
CA VAL F 70 40.82 -40.76 0.93
C VAL F 70 40.16 -39.52 0.29
N VAL F 71 38.92 -39.23 0.65
CA VAL F 71 38.09 -38.29 -0.10
C VAL F 71 38.35 -36.84 0.27
N ARG F 72 38.95 -36.58 1.43
CA ARG F 72 39.56 -35.27 1.61
C ARG F 72 40.78 -35.17 0.67
N PRO F 73 41.82 -36.02 0.83
CA PRO F 73 42.93 -35.90 -0.14
C PRO F 73 42.55 -36.19 -1.59
N ALA F 74 41.40 -36.82 -1.83
CA ALA F 74 40.89 -37.00 -3.20
C ALA F 74 40.40 -35.67 -3.73
N ILE F 75 39.55 -35.03 -2.93
CA ILE F 75 38.94 -33.76 -3.30
C ILE F 75 40.01 -32.67 -3.40
N GLU F 76 41.04 -32.68 -2.57
CA GLU F 76 42.01 -31.58 -2.66
C GLU F 76 43.22 -31.89 -3.53
N HIS F 77 43.19 -33.05 -4.18
CA HIS F 77 44.19 -33.38 -5.19
C HIS F 77 43.67 -33.05 -6.59
N VAL F 78 42.50 -33.58 -6.95
CA VAL F 78 41.97 -33.36 -8.29
C VAL F 78 41.20 -32.03 -8.43
N VAL F 79 40.35 -31.71 -7.46
CA VAL F 79 39.70 -30.40 -7.46
C VAL F 79 40.77 -29.35 -7.28
N GLY F 80 41.59 -29.53 -6.26
CA GLY F 80 42.74 -28.66 -6.01
C GLY F 80 43.78 -28.68 -7.14
N GLY F 81 43.85 -29.80 -7.85
CA GLY F 81 44.71 -29.90 -9.01
C GLY F 81 44.17 -29.08 -10.14
N TYR F 82 42.87 -29.17 -10.30
CA TYR F 82 42.21 -28.27 -11.24
C TYR F 82 42.36 -26.79 -10.80
N LEU F 83 41.81 -26.38 -9.67
CA LEU F 83 41.81 -24.96 -9.31
C LEU F 83 43.14 -24.23 -9.53
N ARG F 84 44.25 -24.96 -9.57
CA ARG F 84 45.55 -24.38 -9.94
C ARG F 84 45.84 -24.50 -11.45
N ALA F 85 45.09 -25.38 -12.13
CA ALA F 85 45.20 -25.56 -13.58
C ALA F 85 44.51 -24.42 -14.35
N ARG F 86 43.18 -24.46 -14.41
CA ARG F 86 42.44 -23.30 -14.93
C ARG F 86 41.75 -22.48 -13.81
N PRO F 87 42.49 -21.54 -13.20
CA PRO F 87 41.92 -20.73 -12.12
C PRO F 87 40.76 -19.83 -12.54
N SER F 88 39.85 -19.51 -11.62
CA SER F 88 38.85 -18.48 -11.91
C SER F 88 39.52 -17.10 -11.95
N PRO F 89 39.17 -16.30 -12.96
CA PRO F 89 39.78 -14.99 -13.21
C PRO F 89 39.65 -14.04 -12.04
N GLY F 90 38.56 -14.17 -11.29
CA GLY F 90 38.19 -13.17 -10.30
C GLY F 90 37.09 -12.34 -10.92
N MET F 91 36.42 -11.51 -10.11
CA MET F 91 35.39 -10.65 -10.69
C MET F 91 35.48 -9.23 -10.22
N ALA F 92 35.20 -8.34 -11.17
CA ALA F 92 35.42 -6.91 -11.03
C ALA F 92 34.81 -6.40 -9.75
N ASP F 93 33.49 -6.27 -9.78
CA ASP F 93 32.77 -5.69 -8.66
C ASP F 93 31.84 -6.75 -8.07
N PRO F 94 32.33 -7.53 -7.10
CA PRO F 94 31.46 -8.48 -6.41
C PRO F 94 30.21 -7.77 -5.89
N SER F 95 30.40 -6.59 -5.31
CA SER F 95 29.29 -5.78 -4.78
C SER F 95 28.27 -5.37 -5.85
N ALA F 96 28.63 -5.53 -7.12
CA ALA F 96 27.72 -5.20 -8.21
C ALA F 96 26.58 -6.19 -8.31
N PHE F 97 26.68 -7.29 -7.57
CA PHE F 97 25.66 -8.33 -7.63
C PHE F 97 24.59 -8.16 -6.57
N LEU F 98 24.79 -7.20 -5.67
CA LEU F 98 23.86 -6.99 -4.57
C LEU F 98 22.42 -6.76 -5.01
N PRO F 99 22.18 -5.95 -6.08
CA PRO F 99 20.79 -5.89 -6.57
C PRO F 99 20.18 -7.24 -6.97
N LEU F 100 20.99 -8.29 -7.13
CA LEU F 100 20.45 -9.64 -7.36
C LEU F 100 20.49 -10.46 -6.07
N HIS F 101 21.59 -10.34 -5.35
CA HIS F 101 21.80 -11.08 -4.11
C HIS F 101 20.85 -10.64 -2.97
N GLU F 102 20.58 -9.34 -2.84
CA GLU F 102 19.63 -8.87 -1.83
C GLU F 102 18.25 -9.40 -2.16
N ARG F 103 17.97 -9.56 -3.45
CA ARG F 103 16.66 -9.99 -3.92
C ARG F 103 16.47 -11.50 -3.81
N LEU F 104 17.54 -12.24 -3.99
CA LEU F 104 17.47 -13.68 -3.98
C LEU F 104 17.30 -14.18 -2.56
N ALA F 105 18.00 -13.52 -1.64
CA ALA F 105 17.92 -13.87 -0.20
C ALA F 105 16.48 -13.81 0.31
N GLU F 106 15.73 -12.83 -0.15
CA GLU F 106 14.37 -12.59 0.33
C GLU F 106 13.34 -13.53 -0.32
N LEU F 107 13.76 -14.31 -1.32
CA LEU F 107 12.86 -15.29 -1.92
C LEU F 107 13.10 -16.68 -1.36
N GLU F 108 14.37 -17.00 -1.11
CA GLU F 108 14.75 -18.28 -0.52
C GLU F 108 14.58 -18.26 1.00
N GLY F 109 14.82 -17.10 1.60
CA GLY F 109 14.64 -16.91 3.02
C GLY F 109 15.95 -17.08 3.77
N GLU F 110 16.93 -17.63 3.08
CA GLU F 110 18.17 -17.97 3.74
C GLU F 110 18.90 -16.74 4.23
N ASP F 111 19.54 -16.92 5.38
CA ASP F 111 20.18 -15.86 6.10
C ASP F 111 21.70 -16.10 6.00
N GLY F 112 22.48 -15.08 6.33
CA GLY F 112 23.92 -15.14 6.27
C GLY F 112 24.39 -13.85 5.64
N PRO F 113 25.67 -13.49 5.84
CA PRO F 113 26.22 -12.30 5.17
C PRO F 113 26.31 -12.51 3.65
N LEU F 114 25.77 -11.58 2.87
CA LEU F 114 25.86 -11.68 1.43
C LEU F 114 27.24 -11.19 1.01
N MET F 115 27.86 -10.38 1.87
CA MET F 115 29.19 -9.82 1.62
C MET F 115 29.97 -9.87 2.92
N PRO F 116 31.32 -9.89 2.86
CA PRO F 116 32.19 -9.97 1.68
C PRO F 116 32.25 -11.38 1.08
N TRP F 117 32.88 -11.46 -0.09
CA TRP F 117 33.00 -12.71 -0.82
C TRP F 117 34.17 -13.55 -0.28
N SER F 118 33.89 -14.83 -0.07
CA SER F 118 34.93 -15.81 0.25
C SER F 118 36.01 -15.81 -0.82
N PRO F 119 37.29 -15.92 -0.40
CA PRO F 119 38.42 -15.84 -1.34
C PRO F 119 38.28 -16.79 -2.53
N ASP F 120 38.31 -16.25 -3.74
CA ASP F 120 38.24 -17.08 -4.93
C ASP F 120 39.44 -18.09 -4.97
N ASN F 121 39.35 -19.02 -5.92
CA ASN F 121 39.88 -20.39 -5.98
C ASN F 121 40.36 -20.98 -4.63
N THR F 122 39.40 -21.38 -3.80
CA THR F 122 39.70 -22.13 -2.59
C THR F 122 38.64 -23.20 -2.31
N ILE F 123 39.11 -24.35 -1.85
CA ILE F 123 38.26 -25.38 -1.27
C ILE F 123 38.17 -25.12 0.22
N HIS F 124 36.98 -25.14 0.81
CA HIS F 124 36.91 -25.03 2.25
C HIS F 124 35.92 -26.02 2.88
N ALA F 125 36.49 -26.91 3.70
CA ALA F 125 35.75 -27.93 4.45
C ALA F 125 34.82 -27.30 5.47
N GLU F 126 33.58 -27.80 5.54
CA GLU F 126 32.56 -27.15 6.37
C GLU F 126 31.68 -28.04 7.28
N GLY F 127 32.10 -29.28 7.56
CA GLY F 127 31.45 -30.09 8.59
C GLY F 127 30.24 -30.95 8.25
N GLU F 128 29.42 -31.23 9.28
CA GLU F 128 28.24 -32.10 9.18
C GLU F 128 27.01 -31.24 9.44
N ARG F 129 26.01 -31.27 8.59
CA ARG F 129 25.01 -30.21 8.73
C ARG F 129 23.92 -30.64 9.72
N PRO F 130 23.22 -29.67 10.36
CA PRO F 130 22.50 -29.90 11.62
C PRO F 130 21.48 -31.04 11.53
N GLU F 131 20.92 -31.41 12.67
CA GLU F 131 20.16 -32.65 12.73
C GLU F 131 18.89 -32.75 11.84
N PRO F 132 18.31 -31.62 11.36
CA PRO F 132 17.16 -31.80 10.44
C PRO F 132 17.37 -32.83 9.31
N LEU F 133 17.40 -34.09 9.73
CA LEU F 133 17.60 -35.26 8.88
C LEU F 133 16.22 -35.76 8.45
N THR F 134 15.31 -34.82 8.22
CA THR F 134 13.93 -35.17 7.85
C THR F 134 13.94 -35.95 6.55
N VAL F 135 12.82 -36.60 6.24
CA VAL F 135 12.82 -37.56 5.14
C VAL F 135 12.69 -36.85 3.78
N ARG F 136 12.14 -35.63 3.77
CA ARG F 136 12.11 -34.82 2.55
C ARG F 136 13.52 -34.70 1.97
N ASP F 137 14.41 -34.06 2.73
CA ASP F 137 15.80 -33.85 2.33
C ASP F 137 16.52 -35.16 1.94
N VAL F 138 16.36 -36.22 2.74
CA VAL F 138 17.02 -37.49 2.42
C VAL F 138 16.42 -38.09 1.15
N LEU F 139 15.10 -37.97 1.00
CA LEU F 139 14.42 -38.39 -0.21
C LEU F 139 14.76 -37.45 -1.36
N LEU F 140 15.48 -36.38 -1.07
CA LEU F 140 15.78 -35.42 -2.12
C LEU F 140 17.27 -35.42 -2.43
N ALA F 141 18.10 -35.67 -1.42
CA ALA F 141 19.55 -35.80 -1.60
C ALA F 141 19.88 -37.14 -2.26
N ASP F 142 18.91 -38.04 -2.28
CA ASP F 142 18.98 -39.26 -3.08
C ASP F 142 19.09 -38.87 -4.53
N PHE F 143 18.24 -37.90 -4.88
CA PHE F 143 17.87 -37.61 -6.24
C PHE F 143 18.95 -36.76 -6.86
N TYR F 144 19.57 -35.92 -6.03
CA TYR F 144 20.70 -35.14 -6.49
C TYR F 144 21.85 -36.08 -6.89
N ALA F 145 22.11 -37.08 -6.05
CA ALA F 145 23.19 -38.03 -6.33
C ALA F 145 22.77 -39.10 -7.37
N ASP F 146 21.52 -39.58 -7.29
CA ASP F 146 21.02 -40.57 -8.25
C ASP F 146 20.96 -40.06 -9.69
N THR F 147 20.89 -38.75 -9.87
CA THR F 147 20.75 -38.16 -11.20
C THR F 147 21.97 -37.34 -11.55
N THR F 148 22.99 -37.44 -10.70
CA THR F 148 24.29 -36.83 -10.98
C THR F 148 24.83 -37.27 -12.35
N PRO F 149 24.57 -38.54 -12.76
CA PRO F 149 24.80 -38.83 -14.19
C PRO F 149 24.11 -37.84 -15.11
N SER F 150 22.78 -37.76 -15.00
CA SER F 150 21.95 -36.91 -15.85
C SER F 150 22.37 -35.44 -15.85
N VAL F 151 23.18 -35.05 -14.87
CA VAL F 151 23.74 -33.70 -14.79
C VAL F 151 24.96 -33.57 -15.69
N TYR F 152 25.91 -34.51 -15.53
CA TYR F 152 27.08 -34.59 -16.40
C TYR F 152 26.62 -34.85 -17.82
N HIS F 153 25.67 -35.79 -17.94
CA HIS F 153 24.97 -36.11 -19.19
C HIS F 153 24.67 -34.86 -19.99
N ALA F 154 23.65 -34.13 -19.53
CA ALA F 154 23.15 -32.97 -20.23
C ALA F 154 24.17 -31.85 -20.29
N LEU F 155 25.12 -31.82 -19.37
CA LEU F 155 26.05 -30.67 -19.30
C LEU F 155 27.05 -30.57 -20.45
N GLU F 156 27.39 -31.70 -21.08
CA GLU F 156 28.34 -31.68 -22.20
C GLU F 156 27.64 -31.84 -23.53
N ARG F 157 26.37 -32.24 -23.51
CA ARG F 157 25.50 -31.90 -24.62
C ARG F 157 25.51 -30.36 -24.76
N VAL F 158 25.59 -29.67 -23.63
CA VAL F 158 25.72 -28.22 -23.61
C VAL F 158 27.11 -27.75 -24.08
N ARG F 159 28.15 -28.51 -23.71
CA ARG F 159 29.54 -28.21 -24.04
C ARG F 159 29.77 -28.28 -25.55
N SER F 160 29.16 -29.28 -26.18
CA SER F 160 29.14 -29.41 -27.63
C SER F 160 28.60 -28.11 -28.25
N GLY F 161 27.39 -27.73 -27.85
CA GLY F 161 26.73 -26.54 -28.38
C GLY F 161 25.23 -26.68 -28.48
N ALA F 162 24.66 -27.62 -27.71
CA ALA F 162 23.20 -27.73 -27.58
C ALA F 162 22.68 -26.60 -26.68
N SER F 163 21.43 -26.22 -26.90
CA SER F 163 20.83 -25.14 -26.15
C SER F 163 20.22 -25.71 -24.89
N LEU F 164 20.65 -25.17 -23.74
CA LEU F 164 20.13 -25.64 -22.45
C LEU F 164 18.59 -25.50 -22.35
N PRO F 165 18.02 -24.36 -22.84
CA PRO F 165 16.55 -24.24 -22.81
C PRO F 165 15.80 -25.39 -23.49
N THR F 166 16.34 -25.83 -24.62
CA THR F 166 15.69 -26.87 -25.44
C THR F 166 15.61 -28.16 -24.64
N ILE F 167 16.76 -28.51 -24.06
CA ILE F 167 16.84 -29.60 -23.09
C ILE F 167 15.76 -29.45 -22.04
N ALA F 168 15.76 -28.29 -21.36
CA ALA F 168 14.76 -27.99 -20.33
C ALA F 168 13.36 -28.22 -20.86
N PHE F 169 13.07 -27.66 -22.03
CA PHE F 169 11.81 -27.94 -22.71
C PHE F 169 11.55 -29.44 -22.76
N ASP F 170 12.55 -30.20 -23.24
CA ASP F 170 12.43 -31.64 -23.44
C ASP F 170 12.05 -32.34 -22.13
N LEU F 171 12.86 -32.09 -21.10
CA LEU F 171 12.76 -32.79 -19.82
C LEU F 171 11.45 -32.49 -19.10
N VAL F 172 11.04 -31.22 -19.11
CA VAL F 172 9.82 -30.80 -18.40
C VAL F 172 8.56 -31.29 -19.11
N VAL F 173 8.57 -31.22 -20.43
CA VAL F 173 7.45 -31.68 -21.25
C VAL F 173 7.30 -33.19 -21.09
N ALA F 174 8.44 -33.89 -21.12
CA ALA F 174 8.48 -35.33 -20.97
C ALA F 174 7.96 -35.73 -19.59
N THR F 175 8.64 -35.19 -18.58
CA THR F 175 8.24 -35.24 -17.16
C THR F 175 6.73 -35.05 -16.99
N ALA F 176 6.20 -33.96 -17.52
CA ALA F 176 4.75 -33.74 -17.49
C ALA F 176 3.98 -34.85 -18.20
N HIS F 177 4.51 -35.40 -19.29
CA HIS F 177 3.74 -36.37 -20.09
C HIS F 177 3.63 -37.78 -19.50
N ALA F 178 4.76 -38.45 -19.33
CA ALA F 178 4.79 -39.81 -18.82
C ALA F 178 4.46 -39.88 -17.34
N LEU F 179 4.80 -38.85 -16.57
CA LEU F 179 4.73 -39.00 -15.13
C LEU F 179 3.35 -38.65 -14.49
N SER F 180 2.50 -37.86 -15.14
CA SER F 180 1.21 -37.54 -14.51
C SER F 180 0.30 -38.77 -14.56
N THR F 181 -0.89 -38.61 -13.99
CA THR F 181 -1.93 -39.64 -14.09
C THR F 181 -2.54 -39.66 -15.48
N GLY F 182 -3.00 -38.51 -15.96
CA GLY F 182 -3.67 -38.41 -17.27
C GLY F 182 -2.84 -37.85 -18.43
N GLY F 183 -1.52 -37.93 -18.33
CA GLY F 183 -0.63 -37.46 -19.38
C GLY F 183 -0.52 -35.94 -19.50
N LEU F 184 -0.05 -35.49 -20.65
CA LEU F 184 0.04 -34.06 -20.97
C LEU F 184 -1.33 -33.35 -21.04
N PRO F 185 -2.36 -33.96 -21.66
CA PRO F 185 -3.68 -33.32 -21.71
C PRO F 185 -4.23 -32.71 -20.42
N VAL F 186 -3.76 -33.19 -19.26
CA VAL F 186 -4.23 -32.70 -17.96
C VAL F 186 -3.09 -32.09 -17.13
N ALA F 187 -1.86 -32.57 -17.35
CA ALA F 187 -0.70 -32.05 -16.61
C ALA F 187 -0.14 -30.76 -17.21
N ARG F 188 -0.75 -30.30 -18.31
CA ARG F 188 -0.30 -29.06 -18.92
C ARG F 188 -0.63 -27.94 -17.95
N THR F 189 -1.81 -28.04 -17.33
CA THR F 189 -2.28 -27.16 -16.26
C THR F 189 -1.21 -26.93 -15.21
N SER F 190 -0.52 -28.00 -14.85
CA SER F 190 0.55 -27.95 -13.86
C SER F 190 1.65 -27.02 -14.33
N LEU F 191 1.98 -27.14 -15.61
CA LEU F 191 3.05 -26.39 -16.22
C LEU F 191 2.75 -24.89 -16.37
N ARG F 192 1.47 -24.54 -16.50
CA ARG F 192 1.14 -23.14 -16.68
C ARG F 192 1.15 -22.44 -15.35
N SER F 193 0.54 -23.09 -14.35
CA SER F 193 0.48 -22.53 -13.01
C SER F 193 1.88 -22.19 -12.54
N HIS F 194 2.86 -23.04 -12.84
CA HIS F 194 4.23 -22.74 -12.43
C HIS F 194 4.69 -21.43 -13.03
N ALA F 195 4.30 -21.21 -14.30
CA ALA F 195 4.65 -20.02 -15.04
C ALA F 195 3.76 -18.86 -14.60
N GLU F 196 2.46 -19.11 -14.53
CA GLU F 196 1.51 -18.06 -14.17
C GLU F 196 1.69 -17.59 -12.73
N ALA F 197 2.52 -18.31 -11.97
CA ALA F 197 2.87 -17.90 -10.63
C ALA F 197 3.92 -16.82 -10.66
N TYR F 198 4.82 -16.93 -11.63
CA TYR F 198 5.89 -15.95 -11.85
C TYR F 198 5.32 -14.68 -12.44
N LEU F 199 4.38 -14.81 -13.37
CA LEU F 199 3.79 -13.65 -14.03
C LEU F 199 3.06 -12.81 -12.98
N ALA F 200 2.22 -13.45 -12.18
CA ALA F 200 1.44 -12.76 -11.16
C ALA F 200 2.31 -12.05 -10.11
N ARG F 201 3.54 -12.52 -9.94
CA ARG F 201 4.45 -12.02 -8.91
C ARG F 201 5.31 -10.84 -9.41
N ARG F 202 5.45 -10.71 -10.71
CA ARG F 202 6.34 -9.68 -11.26
C ARG F 202 5.61 -8.45 -11.81
N SER F 203 6.36 -7.35 -11.82
CA SER F 203 5.90 -6.02 -12.25
C SER F 203 5.32 -5.99 -13.67
N ASP F 204 6.19 -6.24 -14.65
CA ASP F 204 5.81 -6.35 -16.06
C ASP F 204 5.11 -7.67 -16.42
N GLY F 205 4.66 -8.38 -15.40
CA GLY F 205 3.89 -9.60 -15.56
C GLY F 205 2.93 -9.72 -16.73
N VAL F 206 2.13 -8.68 -17.01
CA VAL F 206 1.09 -8.87 -18.02
C VAL F 206 1.67 -8.66 -19.41
N ARG F 207 2.83 -7.98 -19.44
CA ARG F 207 3.51 -7.73 -20.70
C ARG F 207 4.37 -8.94 -21.09
N LEU F 208 5.01 -9.58 -20.11
CA LEU F 208 5.74 -10.84 -20.35
C LEU F 208 4.82 -11.87 -20.94
N ARG F 209 3.69 -12.10 -20.27
CA ARG F 209 2.69 -13.03 -20.78
C ARG F 209 2.43 -12.76 -22.25
N GLU F 210 2.48 -11.49 -22.62
CA GLU F 210 2.24 -11.13 -24.01
C GLU F 210 3.43 -11.43 -24.93
N LEU F 211 4.63 -11.02 -24.51
CA LEU F 211 5.86 -11.40 -25.19
C LEU F 211 5.87 -12.90 -25.49
N TRP F 212 5.65 -13.70 -24.44
CA TRP F 212 5.76 -15.15 -24.52
C TRP F 212 4.68 -15.79 -25.37
N ARG F 213 3.45 -15.33 -25.25
CA ARG F 213 2.39 -15.91 -26.06
C ARG F 213 2.55 -15.53 -27.52
N ASP F 214 3.02 -14.32 -27.79
CA ASP F 214 3.30 -13.90 -29.16
C ASP F 214 4.41 -14.77 -29.74
N HIS F 215 5.54 -14.85 -29.01
CA HIS F 215 6.66 -15.68 -29.43
C HIS F 215 6.27 -17.13 -29.71
N TYR F 216 5.30 -17.68 -28.99
CA TYR F 216 4.88 -19.04 -29.29
C TYR F 216 4.17 -19.10 -30.64
N ALA F 217 3.30 -18.14 -30.93
CA ALA F 217 2.55 -18.20 -32.20
C ALA F 217 3.45 -18.00 -33.44
N ARG F 218 4.41 -17.07 -33.36
CA ARG F 218 5.41 -16.90 -34.40
C ARG F 218 6.04 -18.21 -34.77
N ASN F 219 6.56 -18.89 -33.73
CA ASN F 219 7.34 -20.09 -33.90
C ASN F 219 6.53 -21.35 -33.61
N ARG F 220 5.23 -21.29 -33.86
CA ARG F 220 4.33 -22.31 -33.33
C ARG F 220 4.68 -23.75 -33.64
N GLU F 221 4.91 -24.07 -34.91
CA GLU F 221 4.98 -25.48 -35.29
C GLU F 221 6.34 -26.07 -34.90
N ALA F 222 7.31 -25.22 -34.65
CA ALA F 222 8.57 -25.64 -34.01
C ALA F 222 8.33 -26.28 -32.64
N PHE F 223 7.38 -25.72 -31.88
CA PHE F 223 7.03 -26.22 -30.56
C PHE F 223 6.00 -27.34 -30.62
N THR F 224 4.99 -27.21 -31.48
CA THR F 224 4.04 -28.30 -31.60
C THR F 224 4.77 -29.55 -32.08
N GLU F 225 5.84 -29.40 -32.86
CA GLU F 225 6.50 -30.59 -33.41
C GLU F 225 7.58 -31.14 -32.48
N ARG F 226 8.31 -30.28 -31.78
CA ARG F 226 9.25 -30.81 -30.78
C ARG F 226 8.51 -31.43 -29.56
N LEU F 227 7.26 -31.04 -29.35
CA LEU F 227 6.49 -31.59 -28.23
C LEU F 227 6.00 -32.99 -28.57
N ILE F 228 5.40 -33.15 -29.75
CA ILE F 228 4.88 -34.44 -30.21
C ILE F 228 6.00 -35.49 -30.19
N ALA F 229 7.20 -35.03 -30.51
CA ALA F 229 8.42 -35.85 -30.49
C ALA F 229 8.88 -36.18 -29.07
N VAL F 230 9.01 -35.16 -28.23
CA VAL F 230 9.38 -35.37 -26.83
C VAL F 230 8.35 -36.28 -26.18
N ALA F 231 7.07 -36.08 -26.51
CA ALA F 231 5.97 -36.86 -25.95
C ALA F 231 6.17 -38.36 -26.11
N SER F 232 6.48 -38.81 -27.33
CA SER F 232 6.58 -40.24 -27.59
C SER F 232 7.86 -40.88 -27.04
N SER F 233 8.97 -40.14 -27.01
CA SER F 233 10.20 -40.63 -26.39
C SER F 233 10.08 -40.82 -24.87
N ALA F 234 8.96 -40.41 -24.29
CA ALA F 234 8.70 -40.69 -22.88
C ALA F 234 7.69 -41.83 -22.76
N GLU F 235 6.94 -42.03 -23.83
CA GLU F 235 5.70 -42.78 -23.81
C GLU F 235 5.79 -44.22 -24.37
N SER F 236 6.93 -44.60 -24.94
CA SER F 236 6.98 -45.75 -25.87
C SER F 236 7.33 -47.17 -25.33
N ALA F 237 8.30 -47.31 -24.43
CA ALA F 237 8.80 -48.63 -23.99
C ALA F 237 9.26 -49.48 -25.19
N ALA F 241 13.18 -45.27 -29.74
CA ALA F 241 13.92 -44.12 -29.21
C ALA F 241 14.20 -43.09 -30.31
N HIS F 242 13.55 -41.93 -30.22
CA HIS F 242 13.90 -40.80 -31.09
C HIS F 242 14.89 -39.87 -30.35
N LEU F 243 14.54 -39.49 -29.13
CA LEU F 243 15.32 -38.53 -28.35
C LEU F 243 16.03 -39.15 -27.15
N PRO F 244 17.37 -39.05 -27.11
CA PRO F 244 18.28 -39.60 -26.10
C PRO F 244 17.94 -39.22 -24.66
N HIS F 245 18.37 -38.03 -24.25
CA HIS F 245 18.23 -37.52 -22.88
C HIS F 245 16.82 -37.57 -22.26
N VAL F 246 15.81 -37.85 -23.07
CA VAL F 246 14.42 -37.83 -22.62
C VAL F 246 14.00 -39.15 -21.98
N ARG F 247 14.12 -40.27 -22.69
CA ARG F 247 13.70 -41.55 -22.10
C ARG F 247 14.59 -41.86 -20.91
N GLU F 248 15.83 -41.37 -20.95
CA GLU F 248 16.81 -41.62 -19.90
C GLU F 248 16.44 -40.90 -18.61
N TRP F 249 15.83 -39.73 -18.74
CA TRP F 249 15.41 -38.97 -17.60
C TRP F 249 14.07 -39.48 -17.06
N VAL F 250 13.12 -39.75 -17.95
CA VAL F 250 11.83 -40.30 -17.54
C VAL F 250 12.04 -41.55 -16.72
N ARG F 251 13.12 -42.25 -17.04
CA ARG F 251 13.43 -43.52 -16.43
C ARG F 251 13.89 -43.35 -14.99
N ARG F 252 14.96 -42.57 -14.80
CA ARG F 252 15.48 -42.33 -13.46
C ARG F 252 14.40 -41.87 -12.51
N LEU F 253 13.42 -41.16 -13.06
CA LEU F 253 12.50 -40.43 -12.21
C LEU F 253 11.31 -41.25 -11.74
N ARG F 254 11.10 -42.44 -12.31
CA ARG F 254 9.95 -43.23 -11.84
C ARG F 254 10.21 -44.31 -10.80
N PRO F 255 11.46 -44.71 -10.60
CA PRO F 255 11.69 -45.23 -9.26
C PRO F 255 11.26 -44.17 -8.23
N ILE F 256 11.98 -43.05 -8.25
CA ILE F 256 11.75 -41.94 -7.34
C ILE F 256 10.30 -41.45 -7.29
N ARG F 257 9.53 -41.61 -8.37
CA ARG F 257 8.10 -41.31 -8.25
C ARG F 257 7.43 -42.32 -7.37
N GLU F 258 7.75 -43.59 -7.61
CA GLU F 258 7.14 -44.67 -6.86
C GLU F 258 7.57 -44.59 -5.39
N ARG F 259 8.81 -44.17 -5.14
CA ARG F 259 9.28 -44.06 -3.78
C ARG F 259 8.49 -43.01 -3.03
N ALA F 260 8.15 -41.90 -3.69
CA ALA F 260 7.35 -40.82 -3.09
C ALA F 260 5.87 -41.18 -3.10
N ARG F 261 5.45 -41.86 -4.16
CA ARG F 261 4.17 -42.58 -4.21
C ARG F 261 3.85 -43.23 -2.89
N ALA F 262 4.77 -44.09 -2.43
CA ALA F 262 4.55 -44.92 -1.27
C ALA F 262 4.59 -44.12 0.01
N LEU F 263 5.65 -43.32 0.13
CA LEU F 263 5.97 -42.62 1.38
C LEU F 263 4.86 -41.62 1.75
N LEU F 264 4.05 -41.24 0.77
CA LEU F 264 2.99 -40.25 0.97
C LEU F 264 1.71 -40.84 1.55
N GLU F 265 1.29 -41.98 0.98
CA GLU F 265 0.13 -42.70 1.46
C GLU F 265 0.31 -43.14 2.92
N SER F 266 1.54 -43.47 3.27
CA SER F 266 1.85 -44.08 4.57
C SER F 266 2.52 -43.14 5.60
N GLY F 267 2.11 -41.87 5.63
CA GLY F 267 2.40 -41.01 6.76
C GLY F 267 3.73 -40.27 6.84
N GLU F 268 4.75 -40.79 6.16
CA GLU F 268 6.09 -40.22 6.23
C GLU F 268 6.28 -38.87 5.51
N LEU F 269 5.30 -38.48 4.70
CA LEU F 269 5.32 -37.18 4.00
C LEU F 269 3.94 -36.51 3.90
N THR F 270 3.94 -35.22 3.55
CA THR F 270 2.80 -34.54 2.94
C THR F 270 3.28 -33.56 1.87
N ARG F 306 -7.20 -40.87 -3.25
CA ARG F 306 -5.74 -40.87 -3.34
C ARG F 306 -5.22 -39.52 -3.80
N ASP F 307 -5.67 -38.45 -3.15
CA ASP F 307 -5.49 -37.13 -3.74
C ASP F 307 -4.10 -36.48 -3.45
N SER F 308 -3.17 -37.24 -2.85
CA SER F 308 -1.72 -36.92 -2.84
C SER F 308 -0.89 -38.19 -2.92
N PRO F 309 -1.54 -39.32 -3.10
CA PRO F 309 -0.76 -40.23 -3.94
C PRO F 309 -0.82 -39.79 -5.43
N ALA F 310 -1.96 -39.25 -5.87
CA ALA F 310 -2.11 -38.71 -7.23
C ALA F 310 -1.38 -37.38 -7.36
N PHE F 311 -2.09 -36.27 -7.08
CA PHE F 311 -1.37 -35.00 -7.05
C PHE F 311 -0.59 -34.97 -5.72
N GLY F 312 0.37 -35.89 -5.62
CA GLY F 312 1.26 -35.99 -4.47
C GLY F 312 2.68 -36.28 -4.92
N ALA F 313 2.79 -37.34 -5.68
CA ALA F 313 4.10 -37.69 -6.24
C ALA F 313 4.29 -36.94 -7.57
N TYR F 314 3.21 -36.27 -7.99
CA TYR F 314 3.11 -35.32 -9.10
C TYR F 314 4.20 -34.19 -9.07
N ARG F 315 4.21 -33.39 -8.01
CA ARG F 315 5.04 -32.19 -7.85
C ARG F 315 6.38 -32.63 -7.38
N LEU F 316 6.34 -33.67 -6.56
CA LEU F 316 7.55 -34.18 -5.95
C LEU F 316 8.59 -34.35 -7.04
N VAL F 317 8.11 -34.96 -8.13
CA VAL F 317 8.92 -35.25 -9.29
C VAL F 317 8.95 -34.04 -10.29
N ILE F 318 7.89 -33.24 -10.34
CA ILE F 318 7.90 -32.06 -11.20
C ILE F 318 8.92 -31.05 -10.64
N ASN F 319 8.96 -30.87 -9.31
CA ASN F 319 9.87 -29.91 -8.67
C ASN F 319 11.31 -30.38 -8.76
N CYS F 320 11.51 -31.69 -8.61
CA CYS F 320 12.83 -32.29 -8.81
C CYS F 320 13.37 -31.89 -10.17
N THR F 321 12.50 -31.97 -11.17
CA THR F 321 12.89 -31.56 -12.50
C THR F 321 13.37 -30.12 -12.44
N TYR F 322 12.50 -29.21 -11.98
CA TYR F 322 12.88 -27.79 -11.81
C TYR F 322 14.18 -27.64 -11.03
N LEU F 323 14.32 -28.41 -9.97
CA LEU F 323 15.55 -28.37 -9.18
C LEU F 323 16.73 -28.96 -9.95
N HIS F 324 16.47 -30.01 -10.73
CA HIS F 324 17.50 -30.55 -11.59
C HIS F 324 17.88 -29.41 -12.50
N LEU F 325 16.88 -28.85 -13.16
CA LEU F 325 17.06 -27.72 -14.07
C LEU F 325 17.99 -26.64 -13.48
N THR F 326 17.76 -26.25 -12.23
CA THR F 326 18.62 -25.27 -11.57
C THR F 326 20.05 -25.79 -11.50
N ARG F 327 20.20 -27.11 -11.44
CA ARG F 327 21.53 -27.68 -11.30
C ARG F 327 22.28 -27.63 -12.62
N LEU F 328 21.55 -27.87 -13.71
CA LEU F 328 22.10 -27.76 -15.06
C LEU F 328 22.56 -26.34 -15.28
N GLY F 329 21.74 -25.40 -14.83
CA GLY F 329 22.18 -24.02 -14.77
C GLY F 329 21.27 -23.02 -15.43
N LEU F 330 20.02 -23.38 -15.74
CA LEU F 330 19.15 -22.37 -16.33
C LEU F 330 18.47 -21.55 -15.24
N THR F 331 18.49 -20.23 -15.45
CA THR F 331 17.87 -19.30 -14.53
C THR F 331 16.40 -19.62 -14.29
N PRO F 332 15.89 -19.20 -13.13
CA PRO F 332 14.46 -19.41 -12.90
C PRO F 332 13.63 -18.78 -14.04
N HIS F 333 14.02 -17.60 -14.51
CA HIS F 333 13.32 -16.95 -15.64
C HIS F 333 13.15 -17.89 -16.86
N GLN F 334 14.25 -18.49 -17.33
CA GLN F 334 14.20 -19.44 -18.46
C GLN F 334 13.24 -20.61 -18.19
N ARG F 335 13.29 -21.13 -16.96
CA ARG F 335 12.41 -22.23 -16.56
C ARG F 335 10.96 -21.82 -16.72
N PHE F 336 10.64 -20.58 -16.36
CA PHE F 336 9.26 -20.12 -16.37
C PHE F 336 8.77 -19.90 -17.79
N LEU F 337 9.66 -19.42 -18.65
CA LEU F 337 9.39 -19.29 -20.09
C LEU F 337 9.10 -20.66 -20.74
N VAL F 338 10.06 -21.57 -20.58
CA VAL F 338 9.92 -22.97 -20.99
C VAL F 338 8.60 -23.59 -20.55
N CYS F 339 8.21 -23.37 -19.29
CA CYS F 339 6.94 -23.89 -18.79
C CYS F 339 5.75 -23.25 -19.49
N HIS F 340 5.85 -21.95 -19.74
CA HIS F 340 4.78 -21.23 -20.44
C HIS F 340 4.62 -21.77 -21.88
N LEU F 341 5.77 -21.92 -22.56
CA LEU F 341 5.81 -22.41 -23.95
C LEU F 341 5.28 -23.84 -24.06
N ALA F 342 5.72 -24.69 -23.13
CA ALA F 342 5.22 -26.06 -23.06
C ALA F 342 3.72 -26.02 -22.99
N ALA F 343 3.19 -25.25 -22.05
CA ALA F 343 1.76 -25.24 -21.80
C ALA F 343 1.00 -24.73 -23.01
N ASP F 344 1.63 -23.83 -23.75
CA ASP F 344 1.05 -23.30 -25.00
C ASP F 344 1.02 -24.39 -26.04
N ALA F 345 2.21 -24.95 -26.28
CA ALA F 345 2.36 -26.08 -27.20
C ALA F 345 1.44 -27.24 -26.84
N ALA F 346 1.36 -27.57 -25.56
CA ALA F 346 0.48 -28.64 -25.08
C ALA F 346 -0.96 -28.39 -25.50
N ALA F 347 -1.40 -27.15 -25.35
CA ALA F 347 -2.79 -26.82 -25.52
C ALA F 347 -3.23 -26.82 -26.99
N ASP F 348 -2.28 -26.92 -27.90
CA ASP F 348 -2.59 -27.00 -29.34
C ASP F 348 -2.70 -28.46 -29.82
N VAL F 349 -1.79 -29.31 -29.32
CA VAL F 349 -1.77 -30.70 -29.70
C VAL F 349 -2.87 -31.46 -28.97
N TYR F 350 -2.81 -31.41 -27.64
CA TYR F 350 -3.68 -32.21 -26.78
C TYR F 350 -4.94 -31.47 -26.36
N GLY F 351 -5.14 -30.27 -26.88
CA GLY F 351 -6.15 -29.36 -26.36
C GLY F 351 -7.43 -29.28 -27.16
N ILE F 352 -7.40 -29.72 -28.43
CA ILE F 352 -8.61 -29.78 -29.26
C ILE F 352 -9.40 -31.05 -28.89
N ALA F 353 -8.85 -31.81 -27.94
CA ALA F 353 -9.58 -32.87 -27.28
C ALA F 353 -10.49 -32.31 -26.18
N LEU G 3 -31.24 34.96 19.82
CA LEU G 3 -30.25 34.97 18.75
C LEU G 3 -28.89 35.30 19.37
N ASN G 4 -28.33 34.32 20.09
CA ASN G 4 -27.12 34.52 20.90
C ASN G 4 -26.16 33.31 20.96
N ASP G 5 -25.22 33.35 21.92
CA ASP G 5 -24.23 32.27 22.13
C ASP G 5 -24.86 30.85 22.21
N LEU G 6 -24.44 29.96 21.30
CA LEU G 6 -24.81 28.53 21.33
C LEU G 6 -24.14 27.81 22.50
N PRO G 7 -24.84 26.83 23.12
CA PRO G 7 -24.23 26.05 24.20
C PRO G 7 -23.10 25.25 23.62
N MET G 8 -22.04 24.90 24.37
CA MET G 8 -21.07 23.94 23.80
C MET G 8 -20.28 23.10 24.77
N ASP G 9 -20.81 22.95 25.98
CA ASP G 9 -20.36 21.94 26.92
C ASP G 9 -21.03 20.62 26.53
N VAL G 10 -20.27 19.69 25.99
CA VAL G 10 -20.83 18.40 25.57
C VAL G 10 -21.14 17.50 26.77
N PHE G 11 -20.41 17.71 27.87
CA PHE G 11 -20.68 17.06 29.15
C PHE G 11 -21.66 17.90 29.97
N GLU G 12 -22.75 18.30 29.31
CA GLU G 12 -23.80 19.10 29.95
C GLU G 12 -24.55 18.26 30.99
N LEU G 13 -24.75 16.97 30.68
CA LEU G 13 -25.35 16.02 31.61
C LEU G 13 -24.28 15.31 32.44
N ASN H 4 48.11 15.43 -2.96
CA ASN H 4 48.34 13.99 -2.98
C ASN H 4 47.04 13.19 -2.97
N ASP H 5 47.04 12.03 -3.63
CA ASP H 5 45.84 11.22 -3.77
C ASP H 5 45.36 10.64 -2.45
N LEU H 6 44.04 10.49 -2.33
CA LEU H 6 43.37 9.96 -1.14
C LEU H 6 43.31 8.44 -1.13
N PRO H 7 43.64 7.82 0.01
CA PRO H 7 43.54 6.36 0.14
C PRO H 7 42.09 5.87 0.06
N MET H 8 41.81 4.85 -0.74
CA MET H 8 40.44 4.36 -0.86
C MET H 8 40.36 2.88 -0.55
N ASP H 9 41.30 2.47 0.29
CA ASP H 9 41.48 1.10 0.71
C ASP H 9 40.94 0.99 2.12
N VAL H 10 39.75 0.41 2.24
CA VAL H 10 38.94 0.48 3.45
C VAL H 10 39.05 -0.82 4.28
N PHE H 11 39.74 -1.81 3.72
CA PHE H 11 40.25 -2.92 4.51
C PHE H 11 41.78 -2.79 4.60
N GLU H 12 42.22 -1.61 5.02
CA GLU H 12 43.62 -1.15 4.90
C GLU H 12 44.69 -2.14 5.37
N LEU I 3 -49.20 4.08 15.43
CA LEU I 3 -48.15 3.08 15.51
C LEU I 3 -48.09 2.25 14.21
N ASN I 4 -47.60 2.85 13.13
CA ASN I 4 -47.48 2.16 11.84
C ASN I 4 -46.11 1.53 11.58
N ASP I 5 -45.92 1.11 10.32
CA ASP I 5 -44.62 0.66 9.84
C ASP I 5 -43.80 1.89 9.46
N LEU I 6 -42.49 1.81 9.67
CA LEU I 6 -41.55 2.92 9.47
C LEU I 6 -41.23 3.24 8.01
N PRO I 7 -41.18 4.54 7.66
CA PRO I 7 -40.74 4.95 6.31
C PRO I 7 -39.26 4.63 6.14
N MET I 8 -38.84 4.16 4.96
CA MET I 8 -37.50 3.61 4.85
C MET I 8 -36.82 3.91 3.55
N ASP I 9 -37.50 4.72 2.75
CA ASP I 9 -36.98 5.16 1.48
C ASP I 9 -36.10 6.42 1.69
N VAL I 10 -34.83 6.21 2.05
CA VAL I 10 -33.94 7.35 2.30
C VAL I 10 -33.81 8.26 1.08
N PHE I 11 -34.29 7.80 -0.08
CA PHE I 11 -34.34 8.63 -1.28
C PHE I 11 -35.75 9.20 -1.55
N GLU I 12 -36.63 9.23 -0.56
CA GLU I 12 -37.96 9.81 -0.78
C GLU I 12 -37.97 11.31 -1.13
N LEU I 13 -36.87 12.03 -0.89
CA LEU I 13 -36.77 13.39 -1.42
C LEU I 13 -35.89 13.40 -2.67
N ASN J 4 33.12 16.14 32.76
CA ASN J 4 32.00 17.07 32.63
C ASN J 4 30.92 16.63 31.61
N ASP J 5 29.68 17.06 31.88
CA ASP J 5 28.53 16.77 31.01
C ASP J 5 28.88 17.07 29.54
N LEU J 6 28.41 16.20 28.64
CA LEU J 6 28.53 16.41 27.21
C LEU J 6 27.57 17.49 26.73
N PRO J 7 27.95 18.25 25.70
CA PRO J 7 26.95 19.14 25.09
C PRO J 7 26.00 18.34 24.21
N MET J 8 24.70 18.38 24.49
CA MET J 8 23.76 17.67 23.64
C MET J 8 22.84 18.63 22.88
N ASP J 9 23.28 19.88 22.68
CA ASP J 9 22.49 20.80 21.86
C ASP J 9 23.00 20.79 20.41
N VAL J 10 22.34 19.96 19.62
CA VAL J 10 22.63 19.74 18.22
C VAL J 10 22.65 21.04 17.40
N PHE J 11 21.90 22.04 17.86
CA PHE J 11 21.79 23.30 17.11
C PHE J 11 22.64 24.47 17.66
N GLU J 12 23.60 24.17 18.53
CA GLU J 12 24.44 25.18 19.17
C GLU J 12 25.14 26.05 18.16
N ASN K 4 -19.05 -17.50 -41.91
CA ASN K 4 -20.21 -17.30 -41.02
C ASN K 4 -19.91 -17.56 -39.53
N ASP K 5 -20.95 -17.43 -38.68
CA ASP K 5 -20.82 -17.22 -37.23
C ASP K 5 -19.76 -18.05 -36.54
N LEU K 6 -19.24 -17.50 -35.45
CA LEU K 6 -18.16 -18.15 -34.73
C LEU K 6 -18.71 -19.00 -33.58
N PRO K 7 -17.98 -20.08 -33.24
CA PRO K 7 -18.33 -20.96 -32.14
C PRO K 7 -18.07 -20.34 -30.76
N MET K 8 -19.09 -20.22 -29.92
CA MET K 8 -18.92 -19.49 -28.67
C MET K 8 -19.15 -20.34 -27.40
N ASP K 9 -19.03 -21.66 -27.53
CA ASP K 9 -19.15 -22.58 -26.40
C ASP K 9 -17.79 -22.84 -25.73
N VAL K 10 -17.70 -22.52 -24.45
CA VAL K 10 -16.43 -22.57 -23.72
C VAL K 10 -16.02 -23.95 -23.16
N PHE K 11 -16.83 -24.50 -22.24
CA PHE K 11 -16.45 -25.72 -21.51
C PHE K 11 -16.15 -26.89 -22.45
N LEU L 3 14.33 -32.96 -36.30
CA LEU L 3 14.20 -32.09 -35.12
C LEU L 3 15.45 -31.22 -34.90
N ASN L 4 15.24 -29.94 -34.61
CA ASN L 4 16.34 -29.03 -34.35
C ASN L 4 16.15 -28.32 -33.01
N ASP L 5 17.13 -27.52 -32.60
CA ASP L 5 17.03 -26.64 -31.42
C ASP L 5 15.74 -25.80 -31.46
N LEU L 6 15.42 -25.17 -30.34
CA LEU L 6 14.19 -24.40 -30.29
C LEU L 6 14.44 -22.91 -30.44
N PRO L 7 13.50 -22.21 -31.08
CA PRO L 7 13.56 -20.75 -31.10
C PRO L 7 13.24 -20.24 -29.70
N MET L 8 14.10 -19.40 -29.12
CA MET L 8 13.94 -19.01 -27.73
C MET L 8 14.29 -17.54 -27.49
N ASP L 9 14.19 -16.72 -28.53
CA ASP L 9 14.50 -15.30 -28.41
C ASP L 9 13.24 -14.47 -28.62
N VAL L 10 12.74 -13.88 -27.55
CA VAL L 10 11.42 -13.27 -27.60
C VAL L 10 11.51 -11.83 -28.11
N PHE L 11 12.73 -11.31 -28.22
CA PHE L 11 12.96 -10.03 -28.88
C PHE L 11 13.58 -10.22 -30.27
N GLU L 12 13.25 -11.35 -30.91
CA GLU L 12 13.81 -11.68 -32.21
C GLU L 12 13.33 -10.71 -33.30
N LEU L 13 12.22 -10.04 -33.05
CA LEU L 13 11.70 -9.04 -33.98
C LEU L 13 12.42 -7.69 -33.84
#